data_8DJQ
#
_entry.id   8DJQ
#
_cell.length_a   66.810
_cell.length_b   148.252
_cell.length_c   81.952
_cell.angle_alpha   90.000
_cell.angle_beta   92.183
_cell.angle_gamma   90.000
#
_symmetry.space_group_name_H-M   'P 1 21 1'
#
loop_
_entity.id
_entity.type
_entity.pdbx_description
1 polymer 'Beta sliding clamp'
2 polymer 'DNA polymerase III subunit alpha peptide'
3 non-polymer 'ACETYL GROUP'
4 non-polymer 'AMINO GROUP'
5 water water
#
loop_
_entity_poly.entity_id
_entity_poly.type
_entity_poly.pdbx_seq_one_letter_code
_entity_poly.pdbx_strand_id
1 'polypeptide(L)'
;MATTTVGLTDLKVRLVRDDFADAVAWVARSLPSRPTVPVLAGVLLTGSDDGLTISSFDYEVSAEVQIPAEIAAPGTVLVS
GRLLSEITRALPNKPVDLSVEGTRVSLTCGSARFSLPTMAVEDYPALPELPAETGSVPADLFAEAIGQVAVAAGRDDTLP
MLTGIRVEISGDRMVLAATDRFRLAVRELTWTTKTPDVEAAVLVPAKTLAEAAKTGLDGSEVQLALGAGPSVGQDGLLGI
RSEGKRSTTRLLDAEFPKFRQLLPTEHTAMATIGVGELTEAIKRVALVADRGAQVRMEFADDVLHLSAGADDVGRAEEDL
PVSFSGEPLTIAFNPGYLTDGLGALHSERVTFGFTTPSKPAVLRPATEADAALNGNGPFPAAETDYVYLLMPVRLPG
;
A,B,C,D
2 'polypeptide(L)' QFDLFG E,F,G,H
#
loop_
_chem_comp.id
_chem_comp.type
_chem_comp.name
_chem_comp.formula
ACE non-polymer 'ACETYL GROUP' 'C2 H4 O'
NH2 non-polymer 'AMINO GROUP' 'H2 N'
#
# COMPACT_ATOMS: atom_id res chain seq x y z
N THR A 5 -17.38 -3.31 -48.06
CA THR A 5 -17.96 -4.19 -47.05
C THR A 5 -16.89 -4.70 -46.09
N VAL A 6 -16.10 -5.67 -46.55
CA VAL A 6 -14.98 -6.20 -45.78
C VAL A 6 -13.79 -6.36 -46.71
N GLY A 7 -12.60 -6.46 -46.12
CA GLY A 7 -11.39 -6.55 -46.90
C GLY A 7 -11.35 -7.78 -47.79
N LEU A 8 -10.52 -7.70 -48.82
CA LEU A 8 -10.27 -8.83 -49.71
C LEU A 8 -9.24 -9.79 -49.15
N THR A 9 -8.80 -9.59 -47.91
CA THR A 9 -7.74 -10.40 -47.32
C THR A 9 -8.09 -10.73 -45.88
N ASP A 10 -7.58 -11.86 -45.41
CA ASP A 10 -7.75 -12.27 -44.02
C ASP A 10 -6.76 -11.53 -43.13
N LEU A 11 -7.18 -11.25 -41.91
CA LEU A 11 -6.34 -10.51 -40.98
C LEU A 11 -5.13 -11.34 -40.59
N LYS A 12 -3.95 -10.73 -40.71
CA LYS A 12 -2.69 -11.33 -40.26
C LYS A 12 -1.83 -10.21 -39.71
N VAL A 13 -1.51 -10.28 -38.41
CA VAL A 13 -0.91 -9.16 -37.71
C VAL A 13 -0.03 -9.68 -36.57
N ARG A 14 0.98 -8.88 -36.22
CA ARG A 14 1.80 -9.11 -35.03
C ARG A 14 1.62 -7.95 -34.09
N LEU A 15 1.39 -8.27 -32.80
CA LEU A 15 1.04 -7.27 -31.80
C LEU A 15 1.92 -7.44 -30.58
N VAL A 16 2.03 -6.35 -29.81
CA VAL A 16 2.74 -6.37 -28.54
C VAL A 16 1.85 -7.00 -27.49
N ARG A 17 2.41 -7.93 -26.71
CA ARG A 17 1.64 -8.67 -25.72
C ARG A 17 0.87 -7.72 -24.81
N ASP A 18 1.59 -6.82 -24.14
CA ASP A 18 0.95 -5.96 -23.15
C ASP A 18 -0.14 -5.10 -23.78
N ASP A 19 0.19 -4.37 -24.85
CA ASP A 19 -0.79 -3.51 -25.49
C ASP A 19 -2.04 -4.29 -25.88
N PHE A 20 -1.87 -5.50 -26.41
CA PHE A 20 -3.01 -6.29 -26.85
C PHE A 20 -3.82 -6.79 -25.66
N ALA A 21 -3.14 -7.33 -24.65
CA ALA A 21 -3.84 -7.86 -23.48
C ALA A 21 -4.62 -6.76 -22.77
N ASP A 22 -4.03 -5.57 -22.64
CA ASP A 22 -4.73 -4.47 -21.99
C ASP A 22 -5.92 -4.01 -22.83
N ALA A 23 -5.72 -3.87 -24.14
CA ALA A 23 -6.82 -3.47 -25.01
C ALA A 23 -8.00 -4.44 -24.88
N VAL A 24 -7.74 -5.74 -25.02
CA VAL A 24 -8.80 -6.72 -24.92
C VAL A 24 -9.40 -6.72 -23.51
N ALA A 25 -8.57 -6.46 -22.50
CA ALA A 25 -9.07 -6.40 -21.13
C ALA A 25 -10.13 -5.31 -20.99
N TRP A 26 -9.79 -4.08 -21.37
CA TRP A 26 -10.76 -3.00 -21.28
C TRP A 26 -11.99 -3.29 -22.14
N VAL A 27 -11.78 -3.75 -23.37
CA VAL A 27 -12.91 -4.02 -24.26
C VAL A 27 -13.81 -5.11 -23.68
N ALA A 28 -13.24 -6.00 -22.85
CA ALA A 28 -14.01 -7.11 -22.32
C ALA A 28 -14.93 -6.69 -21.18
N ARG A 29 -14.53 -5.70 -20.39
CA ARG A 29 -15.39 -5.23 -19.30
C ARG A 29 -16.78 -4.89 -19.79
N SER A 30 -16.88 -4.27 -20.96
CA SER A 30 -18.16 -3.83 -21.51
C SER A 30 -18.97 -4.95 -22.13
N LEU A 31 -18.43 -6.17 -22.18
CA LEU A 31 -19.17 -7.27 -22.80
C LEU A 31 -20.35 -7.68 -21.92
N PRO A 32 -21.44 -8.14 -22.53
CA PRO A 32 -22.59 -8.60 -21.74
C PRO A 32 -22.36 -9.99 -21.17
N SER A 33 -23.17 -10.31 -20.17
CA SER A 33 -23.09 -11.60 -19.46
C SER A 33 -24.08 -12.57 -20.09
N ARG A 34 -23.55 -13.54 -20.85
CA ARG A 34 -24.37 -14.56 -21.50
C ARG A 34 -25.55 -13.90 -22.20
N PRO A 35 -25.32 -13.27 -23.35
CA PRO A 35 -26.40 -12.52 -24.02
C PRO A 35 -27.33 -13.42 -24.80
N THR A 36 -28.57 -12.94 -24.96
CA THR A 36 -29.55 -13.67 -25.77
C THR A 36 -29.10 -13.75 -27.23
N VAL A 37 -28.34 -12.76 -27.70
CA VAL A 37 -27.80 -12.74 -29.05
C VAL A 37 -26.33 -13.15 -28.96
N PRO A 38 -25.95 -14.34 -29.41
CA PRO A 38 -24.56 -14.79 -29.17
C PRO A 38 -23.49 -13.88 -29.76
N VAL A 39 -23.72 -13.32 -30.94
CA VAL A 39 -22.67 -12.50 -31.56
C VAL A 39 -22.30 -11.33 -30.66
N LEU A 40 -23.25 -10.84 -29.86
CA LEU A 40 -22.96 -9.72 -28.97
C LEU A 40 -21.91 -10.06 -27.93
N ALA A 41 -21.66 -11.35 -27.70
CA ALA A 41 -20.61 -11.78 -26.78
C ALA A 41 -19.24 -11.79 -27.43
N GLY A 42 -19.13 -11.40 -28.70
CA GLY A 42 -17.88 -11.47 -29.44
C GLY A 42 -17.18 -10.13 -29.50
N VAL A 43 -15.86 -10.18 -29.35
CA VAL A 43 -14.99 -9.02 -29.58
C VAL A 43 -14.61 -8.99 -31.06
N LEU A 44 -14.66 -7.80 -31.64
CA LEU A 44 -14.34 -7.60 -33.04
C LEU A 44 -12.93 -7.03 -33.17
N LEU A 45 -12.13 -7.62 -34.06
CA LEU A 45 -10.77 -7.17 -34.33
C LEU A 45 -10.69 -6.72 -35.78
N THR A 46 -10.17 -5.51 -35.99
CA THR A 46 -10.07 -4.92 -37.32
C THR A 46 -8.67 -4.34 -37.50
N GLY A 47 -7.88 -4.95 -38.36
CA GLY A 47 -6.53 -4.49 -38.65
C GLY A 47 -6.48 -3.72 -39.96
N SER A 48 -5.74 -2.61 -39.95
CA SER A 48 -5.61 -1.79 -41.15
C SER A 48 -4.46 -0.81 -40.95
N ASP A 49 -3.83 -0.45 -42.07
CA ASP A 49 -2.72 0.50 -42.04
C ASP A 49 -1.61 -0.01 -41.12
N ASP A 50 -1.55 0.51 -39.91
CA ASP A 50 -0.61 0.04 -38.90
C ASP A 50 -1.26 0.06 -37.53
N GLY A 51 -2.50 -0.40 -37.45
CA GLY A 51 -3.23 -0.40 -36.20
C GLY A 51 -4.28 -1.48 -36.17
N LEU A 52 -4.56 -1.97 -34.96
CA LEU A 52 -5.62 -2.94 -34.72
C LEU A 52 -6.68 -2.29 -33.84
N THR A 53 -7.94 -2.53 -34.20
CA THR A 53 -9.08 -1.99 -33.49
C THR A 53 -9.84 -3.12 -32.80
N ILE A 54 -10.10 -2.95 -31.52
CA ILE A 54 -10.78 -3.96 -30.70
C ILE A 54 -12.08 -3.34 -30.21
N SER A 55 -13.21 -3.97 -30.57
CA SER A 55 -14.52 -3.40 -30.31
C SER A 55 -15.43 -4.41 -29.64
N SER A 56 -16.35 -3.89 -28.81
CA SER A 56 -17.44 -4.66 -28.24
C SER A 56 -18.69 -3.79 -28.26
N PHE A 57 -19.85 -4.43 -28.37
CA PHE A 57 -21.11 -3.70 -28.52
C PHE A 57 -22.30 -4.62 -28.31
N ASP A 58 -23.19 -4.26 -27.39
CA ASP A 58 -24.37 -5.06 -27.07
C ASP A 58 -25.64 -4.25 -27.18
N TYR A 59 -25.71 -3.38 -28.19
CA TYR A 59 -26.89 -2.59 -28.51
C TYR A 59 -27.18 -1.50 -27.48
N GLU A 60 -26.46 -1.51 -26.35
CA GLU A 60 -26.70 -0.52 -25.30
C GLU A 60 -25.39 0.14 -24.88
N VAL A 61 -24.36 -0.68 -24.66
CA VAL A 61 -23.03 -0.18 -24.35
C VAL A 61 -22.08 -0.67 -25.43
N SER A 62 -21.05 0.14 -25.71
CA SER A 62 -20.05 -0.25 -26.69
C SER A 62 -18.71 0.34 -26.29
N ALA A 63 -17.64 -0.42 -26.54
CA ALA A 63 -16.28 0.02 -26.29
C ALA A 63 -15.45 -0.23 -27.54
N GLU A 64 -14.39 0.55 -27.70
CA GLU A 64 -13.54 0.43 -28.88
C GLU A 64 -12.20 1.08 -28.59
N VAL A 65 -11.12 0.32 -28.77
CA VAL A 65 -9.76 0.79 -28.55
C VAL A 65 -8.94 0.51 -29.80
N GLN A 66 -7.91 1.33 -30.01
CA GLN A 66 -7.02 1.20 -31.16
C GLN A 66 -5.59 1.12 -30.64
N ILE A 67 -4.88 0.07 -31.04
CA ILE A 67 -3.51 -0.15 -30.59
C ILE A 67 -2.62 -0.26 -31.80
N PRO A 68 -1.32 0.00 -31.64
CA PRO A 68 -0.37 -0.24 -32.73
C PRO A 68 -0.44 -1.69 -33.19
N ALA A 69 0.05 -1.92 -34.40
CA ALA A 69 -0.01 -3.25 -34.99
C ALA A 69 0.88 -3.36 -36.22
N GLU A 70 1.66 -4.44 -36.30
CA GLU A 70 2.42 -4.75 -37.50
C GLU A 70 1.48 -5.54 -38.42
N ILE A 71 0.90 -4.84 -39.39
CA ILE A 71 -0.15 -5.40 -40.24
C ILE A 71 0.50 -6.09 -41.42
N ALA A 72 0.44 -7.43 -41.44
CA ALA A 72 0.87 -8.20 -42.60
C ALA A 72 -0.24 -8.37 -43.62
N ALA A 73 -1.50 -8.29 -43.19
CA ALA A 73 -2.65 -8.39 -44.08
C ALA A 73 -3.88 -7.85 -43.36
N PRO A 74 -4.49 -6.78 -43.86
CA PRO A 74 -5.67 -6.21 -43.17
C PRO A 74 -6.85 -7.18 -43.21
N GLY A 75 -7.82 -6.90 -42.37
CA GLY A 75 -9.00 -7.73 -42.29
C GLY A 75 -9.75 -7.49 -41.01
N THR A 76 -10.81 -8.28 -40.84
CA THR A 76 -11.68 -8.15 -39.68
C THR A 76 -12.19 -9.53 -39.28
N VAL A 77 -12.15 -9.83 -37.98
CA VAL A 77 -12.60 -11.11 -37.46
C VAL A 77 -13.35 -10.88 -36.15
N LEU A 78 -14.31 -11.76 -35.87
CA LEU A 78 -15.11 -11.71 -34.64
C LEU A 78 -14.87 -13.00 -33.87
N VAL A 79 -14.34 -12.88 -32.66
CA VAL A 79 -14.06 -14.03 -31.81
C VAL A 79 -14.71 -13.81 -30.45
N SER A 80 -14.80 -14.88 -29.68
CA SER A 80 -15.40 -14.80 -28.35
C SER A 80 -14.55 -13.91 -27.45
N GLY A 81 -15.19 -12.89 -26.87
CA GLY A 81 -14.44 -11.93 -26.08
C GLY A 81 -13.98 -12.47 -24.75
N ARG A 82 -14.82 -13.28 -24.10
CA ARG A 82 -14.43 -13.84 -22.81
C ARG A 82 -13.25 -14.78 -22.96
N LEU A 83 -13.33 -15.74 -23.88
CA LEU A 83 -12.22 -16.64 -24.12
C LEU A 83 -10.98 -15.87 -24.59
N LEU A 84 -11.16 -14.94 -25.53
CA LEU A 84 -10.02 -14.14 -25.99
C LEU A 84 -9.38 -13.39 -24.83
N SER A 85 -10.19 -12.81 -23.95
CA SER A 85 -9.65 -12.05 -22.83
C SER A 85 -8.86 -12.95 -21.90
N GLU A 86 -9.40 -14.12 -21.57
CA GLU A 86 -8.67 -15.06 -20.72
C GLU A 86 -7.36 -15.47 -21.36
N ILE A 87 -7.36 -15.73 -22.67
CA ILE A 87 -6.14 -16.16 -23.36
C ILE A 87 -5.10 -15.04 -23.32
N THR A 88 -5.45 -13.87 -23.85
CA THR A 88 -4.51 -12.75 -23.86
C THR A 88 -4.02 -12.41 -22.47
N ARG A 89 -4.83 -12.72 -21.45
CA ARG A 89 -4.47 -12.38 -20.07
CA ARG A 89 -4.47 -12.38 -20.07
C ARG A 89 -3.38 -13.30 -19.53
N ALA A 90 -3.16 -14.46 -20.14
CA ALA A 90 -2.20 -15.44 -19.62
C ALA A 90 -1.08 -15.74 -20.61
N LEU A 91 -0.88 -14.91 -21.62
CA LEU A 91 0.17 -15.17 -22.59
C LEU A 91 1.54 -14.86 -21.97
N PRO A 92 2.60 -15.52 -22.46
CA PRO A 92 3.95 -15.14 -22.04
C PRO A 92 4.38 -13.84 -22.70
N ASN A 93 5.38 -13.20 -22.09
CA ASN A 93 5.86 -11.89 -22.56
C ASN A 93 6.66 -12.08 -23.84
N LYS A 94 5.93 -12.23 -24.95
CA LYS A 94 6.53 -12.40 -26.26
C LYS A 94 5.55 -11.87 -27.29
N PRO A 95 6.02 -11.63 -28.53
CA PRO A 95 5.11 -11.09 -29.56
C PRO A 95 3.93 -12.00 -29.81
N VAL A 96 2.78 -11.38 -30.08
CA VAL A 96 1.53 -12.11 -30.32
C VAL A 96 1.26 -12.10 -31.81
N ASP A 97 1.31 -13.28 -32.43
CA ASP A 97 1.05 -13.44 -33.85
C ASP A 97 -0.39 -13.91 -34.02
N LEU A 98 -1.23 -13.04 -34.59
CA LEU A 98 -2.65 -13.32 -34.78
C LEU A 98 -2.93 -13.46 -36.27
N SER A 99 -3.53 -14.59 -36.66
CA SER A 99 -3.77 -14.88 -38.06
C SER A 99 -5.11 -15.58 -38.22
N VAL A 100 -5.89 -15.16 -39.21
CA VAL A 100 -7.19 -15.76 -39.50
C VAL A 100 -6.95 -16.85 -40.55
N GLU A 101 -7.10 -18.10 -40.13
CA GLU A 101 -6.84 -19.27 -40.98
C GLU A 101 -8.14 -19.82 -41.56
N GLY A 102 -9.01 -18.94 -42.06
CA GLY A 102 -10.27 -19.37 -42.63
C GLY A 102 -11.42 -19.24 -41.66
N THR A 103 -11.88 -20.37 -41.12
CA THR A 103 -12.96 -20.37 -40.14
C THR A 103 -12.45 -20.34 -38.71
N ARG A 104 -11.14 -20.39 -38.50
CA ARG A 104 -10.55 -20.35 -37.17
C ARG A 104 -9.49 -19.27 -37.11
N VAL A 105 -9.18 -18.83 -35.90
CA VAL A 105 -8.17 -17.81 -35.64
C VAL A 105 -7.03 -18.46 -34.88
N SER A 106 -5.81 -18.30 -35.40
CA SER A 106 -4.60 -18.80 -34.76
C SER A 106 -3.97 -17.66 -33.96
N LEU A 107 -3.91 -17.83 -32.65
CA LEU A 107 -3.24 -16.89 -31.75
C LEU A 107 -1.97 -17.57 -31.26
N THR A 108 -0.83 -17.18 -31.80
CA THR A 108 0.45 -17.85 -31.56
C THR A 108 1.38 -16.87 -30.85
N CYS A 109 1.68 -17.15 -29.59
CA CYS A 109 2.56 -16.30 -28.79
C CYS A 109 3.60 -17.19 -28.12
N GLY A 110 4.87 -16.89 -28.38
CA GLY A 110 5.93 -17.73 -27.84
C GLY A 110 5.76 -19.16 -28.29
N SER A 111 5.82 -20.08 -27.32
CA SER A 111 5.59 -21.49 -27.60
C SER A 111 4.13 -21.88 -27.53
N ALA A 112 3.26 -20.99 -27.04
CA ALA A 112 1.84 -21.28 -26.92
C ALA A 112 1.12 -20.96 -28.22
N ARG A 113 0.17 -21.82 -28.58
CA ARG A 113 -0.60 -21.66 -29.80
C ARG A 113 -2.06 -21.96 -29.49
N PHE A 114 -2.95 -21.10 -29.99
CA PHE A 114 -4.38 -21.25 -29.81
C PHE A 114 -5.08 -21.24 -31.16
N SER A 115 -6.22 -21.91 -31.23
CA SER A 115 -7.04 -21.96 -32.44
C SER A 115 -8.50 -21.84 -32.01
N LEU A 116 -9.10 -20.68 -32.26
CA LEU A 116 -10.46 -20.41 -31.85
C LEU A 116 -11.41 -20.37 -33.04
N PRO A 117 -12.69 -20.69 -32.84
CA PRO A 117 -13.65 -20.59 -33.95
C PRO A 117 -14.08 -19.15 -34.19
N THR A 118 -14.22 -18.80 -35.46
CA THR A 118 -14.65 -17.46 -35.84
C THR A 118 -16.17 -17.38 -35.82
N MET A 119 -16.70 -16.35 -35.17
CA MET A 119 -18.13 -16.09 -35.19
C MET A 119 -18.49 -15.30 -36.44
N ALA A 120 -19.78 -15.31 -36.77
CA ALA A 120 -20.28 -14.67 -37.99
C ALA A 120 -20.19 -13.16 -37.83
N VAL A 121 -19.20 -12.55 -38.48
CA VAL A 121 -19.06 -11.09 -38.43
C VAL A 121 -20.12 -10.41 -39.26
N GLU A 122 -20.72 -11.12 -40.22
CA GLU A 122 -21.76 -10.51 -41.04
C GLU A 122 -23.03 -10.21 -40.25
N ASP A 123 -23.26 -10.91 -39.13
CA ASP A 123 -24.42 -10.69 -38.29
C ASP A 123 -24.11 -9.82 -37.07
N TYR A 124 -22.98 -9.11 -37.09
CA TYR A 124 -22.54 -8.32 -35.95
C TYR A 124 -22.96 -6.86 -36.13
N PRO A 125 -23.60 -6.24 -35.14
CA PRO A 125 -24.07 -4.87 -35.33
C PRO A 125 -22.93 -3.88 -35.45
N ALA A 126 -23.17 -2.81 -36.21
CA ALA A 126 -22.18 -1.77 -36.42
C ALA A 126 -22.11 -0.85 -35.21
N LEU A 127 -20.91 -0.41 -34.87
CA LEU A 127 -20.73 0.46 -33.72
C LEU A 127 -21.48 1.77 -33.94
N PRO A 128 -22.20 2.28 -32.93
CA PRO A 128 -22.85 3.57 -33.09
C PRO A 128 -21.85 4.68 -33.36
N GLU A 129 -22.26 5.64 -34.17
CA GLU A 129 -21.39 6.76 -34.52
CA GLU A 129 -21.39 6.76 -34.52
C GLU A 129 -21.46 7.83 -33.44
N LEU A 130 -20.33 8.15 -32.84
CA LEU A 130 -20.30 9.19 -31.81
C LEU A 130 -20.64 10.53 -32.44
N PRO A 131 -21.55 11.32 -31.84
CA PRO A 131 -21.85 12.64 -32.41
C PRO A 131 -20.68 13.60 -32.22
N ALA A 132 -20.87 14.85 -32.64
CA ALA A 132 -19.81 15.84 -32.48
C ALA A 132 -19.48 16.03 -31.01
N GLU A 133 -18.20 16.23 -30.72
CA GLU A 133 -17.79 16.48 -29.34
C GLU A 133 -18.47 17.71 -28.79
N THR A 134 -19.04 17.58 -27.60
CA THR A 134 -19.69 18.71 -26.94
C THR A 134 -18.74 19.47 -26.03
N GLY A 135 -17.74 18.80 -25.47
CA GLY A 135 -16.79 19.48 -24.60
C GLY A 135 -15.78 18.49 -24.05
N SER A 136 -14.81 19.04 -23.32
CA SER A 136 -13.72 18.28 -22.74
C SER A 136 -13.61 18.61 -21.25
N VAL A 137 -13.14 17.62 -20.50
CA VAL A 137 -13.01 17.75 -19.04
C VAL A 137 -11.90 16.83 -18.56
N PRO A 138 -11.14 17.20 -17.53
CA PRO A 138 -10.09 16.29 -17.04
C PRO A 138 -10.67 14.97 -16.56
N ALA A 139 -9.97 13.88 -16.89
CA ALA A 139 -10.45 12.55 -16.52
C ALA A 139 -10.48 12.36 -15.01
N ASP A 140 -9.50 12.92 -14.31
CA ASP A 140 -9.45 12.77 -12.85
C ASP A 140 -10.68 13.40 -12.21
N LEU A 141 -10.90 14.69 -12.46
CA LEU A 141 -12.08 15.36 -11.92
C LEU A 141 -13.36 14.66 -12.36
N PHE A 142 -13.44 14.28 -13.63
CA PHE A 142 -14.64 13.62 -14.14
C PHE A 142 -14.92 12.34 -13.36
N ALA A 143 -13.91 11.47 -13.25
CA ALA A 143 -14.10 10.22 -12.52
C ALA A 143 -14.46 10.46 -11.07
N GLU A 144 -13.78 11.41 -10.42
CA GLU A 144 -14.10 11.72 -9.03
C GLU A 144 -15.55 12.17 -8.90
N ALA A 145 -15.96 13.13 -9.72
CA ALA A 145 -17.33 13.64 -9.64
C ALA A 145 -18.34 12.51 -9.83
N ILE A 146 -18.15 11.69 -10.88
CA ILE A 146 -19.06 10.58 -11.12
C ILE A 146 -19.08 9.66 -9.90
N GLY A 147 -17.94 9.50 -9.24
CA GLY A 147 -17.91 8.66 -8.05
C GLY A 147 -18.66 9.29 -6.88
N GLN A 148 -18.52 10.60 -6.70
CA GLN A 148 -19.19 11.27 -5.59
C GLN A 148 -20.70 11.19 -5.75
N VAL A 149 -21.20 11.25 -6.98
CA VAL A 149 -22.64 11.23 -7.21
C VAL A 149 -23.19 9.81 -7.27
N ALA A 150 -22.45 8.89 -7.90
CA ALA A 150 -22.93 7.52 -8.05
C ALA A 150 -23.35 6.91 -6.72
N VAL A 151 -22.70 7.32 -5.62
CA VAL A 151 -22.99 6.74 -4.32
C VAL A 151 -24.46 6.90 -3.93
N ALA A 152 -25.17 7.83 -4.55
CA ALA A 152 -26.59 8.03 -4.25
C ALA A 152 -27.51 7.37 -5.26
N ALA A 153 -27.00 6.95 -6.41
CA ALA A 153 -27.84 6.34 -7.43
C ALA A 153 -28.46 5.05 -6.90
N GLY A 154 -29.73 4.84 -7.24
CA GLY A 154 -30.40 3.61 -6.83
C GLY A 154 -29.79 2.39 -7.50
N ARG A 155 -29.77 1.29 -6.76
CA ARG A 155 -29.21 0.02 -7.25
C ARG A 155 -30.29 -0.96 -7.69
N ASP A 156 -31.56 -0.69 -7.39
CA ASP A 156 -32.64 -1.62 -7.71
C ASP A 156 -32.97 -1.49 -9.20
N ASP A 157 -32.63 -2.52 -9.97
CA ASP A 157 -32.92 -2.50 -11.40
C ASP A 157 -34.41 -2.36 -11.68
N THR A 158 -35.25 -2.84 -10.76
CA THR A 158 -36.70 -2.72 -10.92
C THR A 158 -37.16 -1.26 -10.88
N LEU A 159 -36.32 -0.34 -10.44
CA LEU A 159 -36.66 1.08 -10.38
C LEU A 159 -35.81 1.84 -11.38
N PRO A 160 -36.19 1.90 -12.65
CA PRO A 160 -35.32 2.54 -13.65
C PRO A 160 -35.10 4.02 -13.39
N MET A 161 -36.10 4.73 -12.88
CA MET A 161 -36.01 6.17 -12.70
C MET A 161 -34.95 6.57 -11.67
N LEU A 162 -34.39 5.61 -10.92
CA LEU A 162 -33.41 5.90 -9.90
C LEU A 162 -32.02 5.37 -10.22
N THR A 163 -31.89 4.48 -11.22
CA THR A 163 -30.64 3.81 -11.50
C THR A 163 -29.68 4.66 -12.35
N GLY A 164 -30.03 5.92 -12.61
CA GLY A 164 -29.25 6.75 -13.50
C GLY A 164 -28.55 7.90 -12.81
N ILE A 165 -27.71 8.57 -13.59
CA ILE A 165 -27.03 9.80 -13.19
C ILE A 165 -27.39 10.86 -14.21
N ARG A 166 -28.01 11.94 -13.74
CA ARG A 166 -28.35 13.06 -14.61
C ARG A 166 -27.11 13.92 -14.84
N VAL A 167 -26.84 14.24 -16.10
CA VAL A 167 -25.72 15.10 -16.48
C VAL A 167 -26.32 16.31 -17.19
N GLU A 168 -26.26 17.47 -16.54
CA GLU A 168 -26.69 18.72 -17.14
C GLU A 168 -25.47 19.53 -17.54
N ILE A 169 -25.54 20.18 -18.69
CA ILE A 169 -24.50 21.09 -19.15
C ILE A 169 -25.16 22.38 -19.61
N SER A 170 -24.65 23.51 -19.10
CA SER A 170 -25.12 24.85 -19.48
C SER A 170 -23.88 25.71 -19.63
N GLY A 171 -23.29 25.69 -20.82
CA GLY A 171 -22.05 26.45 -21.03
C GLY A 171 -20.85 25.68 -20.52
N ASP A 172 -19.98 26.37 -19.79
CA ASP A 172 -18.75 25.79 -19.29
C ASP A 172 -18.92 25.11 -17.93
N ARG A 173 -20.14 24.93 -17.46
CA ARG A 173 -20.41 24.27 -16.20
CA ARG A 173 -20.41 24.27 -16.20
C ARG A 173 -21.35 23.09 -16.43
N MET A 174 -21.12 22.01 -15.69
CA MET A 174 -21.99 20.85 -15.74
C MET A 174 -22.22 20.36 -14.32
N VAL A 175 -23.40 19.79 -14.09
CA VAL A 175 -23.77 19.25 -12.79
C VAL A 175 -24.21 17.80 -12.96
N LEU A 176 -23.76 16.95 -12.06
CA LEU A 176 -24.11 15.54 -12.02
C LEU A 176 -24.97 15.29 -10.80
N ALA A 177 -26.08 14.58 -10.99
CA ALA A 177 -27.04 14.36 -9.93
C ALA A 177 -27.48 12.90 -9.91
N ALA A 178 -27.73 12.39 -8.71
CA ALA A 178 -28.25 11.03 -8.56
C ALA A 178 -28.96 10.92 -7.22
N THR A 179 -30.03 10.13 -7.21
CA THR A 179 -30.81 9.93 -6.00
C THR A 179 -31.36 8.51 -5.95
N ASP A 180 -31.68 8.06 -4.74
CA ASP A 180 -32.38 6.81 -4.52
C ASP A 180 -33.66 7.01 -3.71
N ARG A 181 -34.19 8.23 -3.71
CA ARG A 181 -35.42 8.58 -3.00
C ARG A 181 -35.15 8.90 -1.53
N PHE A 182 -34.00 8.48 -1.01
CA PHE A 182 -33.61 8.76 0.37
C PHE A 182 -32.38 9.65 0.49
N ARG A 183 -31.61 9.82 -0.59
CA ARG A 183 -30.41 10.63 -0.57
C ARG A 183 -30.23 11.20 -1.97
N LEU A 184 -29.70 12.42 -2.03
CA LEU A 184 -29.54 13.13 -3.30
C LEU A 184 -28.14 13.71 -3.35
N ALA A 185 -27.32 13.20 -4.25
CA ALA A 185 -25.95 13.67 -4.44
C ALA A 185 -25.92 14.58 -5.67
N VAL A 186 -25.33 15.75 -5.53
CA VAL A 186 -25.20 16.71 -6.62
C VAL A 186 -23.78 17.27 -6.59
N ARG A 187 -23.11 17.22 -7.74
CA ARG A 187 -21.76 17.74 -7.89
C ARG A 187 -21.71 18.66 -9.11
N GLU A 188 -21.16 19.86 -8.91
CA GLU A 188 -20.97 20.82 -9.99
C GLU A 188 -19.48 20.89 -10.32
N LEU A 189 -19.18 21.12 -11.59
CA LEU A 189 -17.79 21.23 -12.00
C LEU A 189 -17.71 21.95 -13.34
N THR A 190 -16.56 22.58 -13.59
CA THR A 190 -16.33 23.34 -14.80
C THR A 190 -15.63 22.46 -15.83
N TRP A 191 -16.12 22.50 -17.06
CA TRP A 191 -15.51 21.80 -18.19
C TRP A 191 -15.32 22.78 -19.35
N THR A 192 -14.33 22.50 -20.18
CA THR A 192 -14.02 23.34 -21.32
C THR A 192 -14.91 22.92 -22.49
N THR A 193 -15.89 23.75 -22.81
CA THR A 193 -16.80 23.50 -23.92
C THR A 193 -16.38 24.31 -25.14
N LYS A 194 -16.97 23.98 -26.28
CA LYS A 194 -16.75 24.70 -27.53
C LYS A 194 -17.88 25.67 -27.86
N THR A 195 -19.13 25.22 -27.68
CA THR A 195 -20.28 26.09 -27.86
C THR A 195 -20.61 26.73 -26.51
N PRO A 196 -20.31 28.03 -26.32
CA PRO A 196 -20.48 28.60 -24.96
C PRO A 196 -21.93 28.59 -24.48
N ASP A 197 -22.90 28.61 -25.38
CA ASP A 197 -24.31 28.67 -25.02
C ASP A 197 -24.99 27.31 -25.07
N VAL A 198 -24.23 26.23 -24.91
CA VAL A 198 -24.81 24.90 -25.00
C VAL A 198 -25.74 24.65 -23.82
N GLU A 199 -26.81 23.91 -24.09
CA GLU A 199 -27.84 23.60 -23.09
C GLU A 199 -28.29 22.17 -23.32
N ALA A 200 -28.07 21.31 -22.33
CA ALA A 200 -28.47 19.91 -22.47
C ALA A 200 -28.54 19.26 -21.09
N ALA A 201 -29.24 18.12 -21.03
CA ALA A 201 -29.38 17.36 -19.80
C ALA A 201 -29.84 15.96 -20.16
N VAL A 202 -29.03 14.96 -19.84
CA VAL A 202 -29.34 13.57 -20.16
C VAL A 202 -29.29 12.74 -18.87
N LEU A 203 -29.79 11.51 -18.98
CA LEU A 203 -29.76 10.53 -17.90
C LEU A 203 -28.98 9.32 -18.37
N VAL A 204 -27.92 8.97 -17.65
CA VAL A 204 -27.00 7.91 -18.04
C VAL A 204 -27.02 6.85 -16.94
N PRO A 205 -27.13 5.57 -17.28
CA PRO A 205 -27.05 4.54 -16.24
C PRO A 205 -25.80 4.72 -15.38
N ALA A 206 -26.02 4.79 -14.06
CA ALA A 206 -24.94 5.14 -13.14
C ALA A 206 -23.76 4.17 -13.29
N LYS A 207 -24.05 2.86 -13.32
CA LYS A 207 -22.98 1.88 -13.41
C LYS A 207 -22.15 2.09 -14.68
N THR A 208 -22.81 2.26 -15.82
CA THR A 208 -22.08 2.42 -17.07
C THR A 208 -21.23 3.69 -17.06
N LEU A 209 -21.78 4.79 -16.54
CA LEU A 209 -21.03 6.03 -16.52
C LEU A 209 -19.84 5.95 -15.56
N ALA A 210 -20.05 5.33 -14.39
CA ALA A 210 -19.00 5.28 -13.38
C ALA A 210 -17.86 4.35 -13.80
N GLU A 211 -18.14 3.31 -14.59
CA GLU A 211 -17.07 2.46 -15.09
C GLU A 211 -16.46 3.00 -16.37
N ALA A 212 -17.22 3.74 -17.19
CA ALA A 212 -16.65 4.43 -18.33
C ALA A 212 -15.70 5.54 -17.91
N ALA A 213 -15.84 6.07 -16.70
CA ALA A 213 -14.93 7.08 -16.18
C ALA A 213 -13.83 6.50 -15.30
N LYS A 214 -14.13 5.50 -14.48
CA LYS A 214 -13.11 4.96 -13.58
C LYS A 214 -12.08 4.13 -14.36
N THR A 215 -12.54 3.36 -15.36
CA THR A 215 -11.59 2.66 -16.23
C THR A 215 -11.07 3.54 -17.35
N GLY A 216 -11.64 4.73 -17.55
CA GLY A 216 -11.02 5.72 -18.41
C GLY A 216 -9.63 6.09 -17.94
N LEU A 217 -8.84 6.64 -18.86
CA LEU A 217 -7.43 6.85 -18.58
C LEU A 217 -7.23 7.91 -17.50
N ASP A 218 -6.00 7.99 -17.00
CA ASP A 218 -5.65 8.80 -15.86
C ASP A 218 -4.73 9.95 -16.28
N GLY A 219 -4.80 11.04 -15.52
CA GLY A 219 -3.98 12.21 -15.78
C GLY A 219 -4.08 12.68 -17.21
N SER A 220 -5.25 12.51 -17.81
CA SER A 220 -5.45 12.82 -19.22
C SER A 220 -6.62 13.80 -19.35
N GLU A 221 -7.27 13.79 -20.52
CA GLU A 221 -8.46 14.57 -20.76
C GLU A 221 -9.52 13.67 -21.39
N VAL A 222 -10.78 13.90 -21.05
CA VAL A 222 -11.90 13.10 -21.52
C VAL A 222 -12.85 14.01 -22.28
N GLN A 223 -13.25 13.57 -23.46
CA GLN A 223 -14.16 14.32 -24.32
C GLN A 223 -15.54 13.66 -24.29
N LEU A 224 -16.58 14.47 -24.09
CA LEU A 224 -17.95 14.02 -24.10
C LEU A 224 -18.61 14.35 -25.44
N ALA A 225 -19.62 13.56 -25.80
CA ALA A 225 -20.30 13.74 -27.09
C ALA A 225 -21.74 13.24 -26.92
N LEU A 226 -22.65 14.17 -26.65
CA LEU A 226 -24.05 13.84 -26.44
C LEU A 226 -24.83 14.03 -27.73
N GLY A 227 -25.60 13.01 -28.11
CA GLY A 227 -26.40 13.08 -29.32
C GLY A 227 -27.82 13.56 -29.06
N ALA A 228 -28.79 12.67 -29.20
CA ALA A 228 -30.18 12.99 -28.93
C ALA A 228 -30.64 14.22 -29.71
N GLY A 236 -31.46 9.18 -27.61
CA GLY A 236 -30.10 9.41 -28.06
C GLY A 236 -29.08 8.55 -27.33
N LEU A 237 -27.82 8.98 -27.36
CA LEU A 237 -26.75 8.24 -26.73
C LEU A 237 -25.64 9.20 -26.32
N LEU A 238 -24.83 8.73 -25.37
CA LEU A 238 -23.68 9.46 -24.87
C LEU A 238 -22.40 8.81 -25.38
N GLY A 239 -21.38 9.64 -25.62
CA GLY A 239 -20.09 9.15 -26.07
C GLY A 239 -18.97 9.70 -25.24
N ILE A 240 -18.04 8.83 -24.83
CA ILE A 240 -16.86 9.23 -24.08
C ILE A 240 -15.64 8.82 -24.89
N ARG A 241 -14.64 9.71 -24.94
CA ARG A 241 -13.45 9.48 -25.75
C ARG A 241 -12.23 10.00 -25.02
N SER A 242 -11.22 9.13 -24.88
CA SER A 242 -9.98 9.51 -24.21
C SER A 242 -8.83 8.70 -24.80
N GLU A 243 -7.79 9.40 -25.26
CA GLU A 243 -6.64 8.76 -25.92
C GLU A 243 -7.19 7.93 -27.07
N GLY A 244 -6.89 6.65 -27.17
CA GLY A 244 -7.40 5.79 -28.21
C GLY A 244 -8.65 5.02 -27.83
N LYS A 245 -9.30 5.38 -26.73
CA LYS A 245 -10.48 4.67 -26.24
C LYS A 245 -11.74 5.47 -26.55
N ARG A 246 -12.77 4.76 -27.01
CA ARG A 246 -14.06 5.36 -27.33
C ARG A 246 -15.16 4.44 -26.83
N SER A 247 -16.17 5.01 -26.18
CA SER A 247 -17.28 4.23 -25.65
C SER A 247 -18.59 4.97 -25.86
N THR A 248 -19.67 4.20 -26.04
CA THR A 248 -21.00 4.75 -26.18
C THR A 248 -21.94 4.11 -25.17
N THR A 249 -22.87 4.91 -24.65
CA THR A 249 -23.86 4.45 -23.70
C THR A 249 -25.23 4.97 -24.12
N ARG A 250 -26.16 4.07 -24.39
CA ARG A 250 -27.54 4.47 -24.65
C ARG A 250 -28.13 5.10 -23.38
N LEU A 251 -28.83 6.21 -23.56
CA LEU A 251 -29.34 6.96 -22.42
C LEU A 251 -30.50 6.24 -21.76
N LEU A 252 -30.67 6.48 -20.46
CA LEU A 252 -31.78 5.93 -19.71
C LEU A 252 -33.04 6.75 -19.97
N ASP A 253 -34.11 6.07 -20.39
CA ASP A 253 -35.30 6.77 -20.87
C ASP A 253 -36.02 7.52 -19.76
N ALA A 254 -35.94 7.02 -18.52
CA ALA A 254 -36.69 7.63 -17.43
C ALA A 254 -36.35 9.10 -17.29
N GLU A 255 -37.23 9.82 -16.60
CA GLU A 255 -37.06 11.24 -16.33
CA GLU A 255 -37.06 11.24 -16.33
C GLU A 255 -36.56 11.43 -14.91
N PHE A 256 -35.51 12.24 -14.75
CA PHE A 256 -34.94 12.47 -13.43
C PHE A 256 -35.84 13.40 -12.63
N PRO A 257 -36.04 13.14 -11.34
CA PRO A 257 -36.95 13.97 -10.54
C PRO A 257 -36.47 15.42 -10.48
N LYS A 258 -37.39 16.30 -10.11
CA LYS A 258 -37.08 17.72 -9.90
C LYS A 258 -36.43 17.85 -8.54
N PHE A 259 -35.11 18.00 -8.51
CA PHE A 259 -34.35 17.97 -7.26
C PHE A 259 -33.88 19.34 -6.79
N ARG A 260 -33.80 20.33 -7.68
CA ARG A 260 -33.33 21.64 -7.27
C ARG A 260 -34.24 22.29 -6.25
N GLN A 261 -35.49 21.83 -6.13
CA GLN A 261 -36.38 22.36 -5.11
C GLN A 261 -36.11 21.74 -3.74
N LEU A 262 -35.56 20.52 -3.71
CA LEU A 262 -35.36 19.81 -2.45
C LEU A 262 -34.22 20.38 -1.65
N LEU A 263 -33.27 21.06 -2.28
CA LEU A 263 -32.12 21.59 -1.56
C LEU A 263 -32.54 22.73 -0.64
N PRO A 264 -32.37 22.60 0.67
CA PRO A 264 -32.78 23.69 1.57
C PRO A 264 -32.05 24.98 1.25
N THR A 265 -32.75 26.10 1.45
CA THR A 265 -32.17 27.42 1.22
C THR A 265 -31.59 28.03 2.48
N GLU A 266 -31.99 27.57 3.66
CA GLU A 266 -31.48 28.08 4.92
C GLU A 266 -31.58 26.99 5.97
N HIS A 267 -30.63 26.99 6.91
CA HIS A 267 -30.53 25.95 7.93
C HIS A 267 -30.73 26.57 9.31
N THR A 268 -31.63 25.97 10.10
CA THR A 268 -31.76 26.38 11.48
C THR A 268 -30.51 26.05 12.29
N ALA A 269 -29.84 24.95 11.95
CA ALA A 269 -28.63 24.53 12.66
C ALA A 269 -27.50 24.27 11.67
N MET A 270 -26.27 24.36 12.18
CA MET A 270 -25.07 24.14 11.39
C MET A 270 -24.04 23.46 12.27
N ALA A 271 -23.44 22.38 11.76
CA ALA A 271 -22.41 21.65 12.50
C ALA A 271 -21.23 21.39 11.59
N THR A 272 -20.02 21.59 12.12
CA THR A 272 -18.79 21.33 11.37
C THR A 272 -17.91 20.41 12.20
N ILE A 273 -17.47 19.30 11.59
CA ILE A 273 -16.73 18.26 12.30
C ILE A 273 -15.80 17.56 11.32
N GLY A 274 -14.81 16.87 11.88
CA GLY A 274 -13.84 16.19 11.04
C GLY A 274 -14.43 14.95 10.40
N VAL A 275 -14.22 14.81 9.09
CA VAL A 275 -14.78 13.67 8.35
C VAL A 275 -14.30 12.37 8.97
N GLY A 276 -12.99 12.21 9.11
CA GLY A 276 -12.42 10.98 9.62
C GLY A 276 -12.94 10.60 10.99
N GLU A 277 -12.79 11.50 11.95
CA GLU A 277 -13.27 11.25 13.30
C GLU A 277 -14.73 10.82 13.28
N LEU A 278 -15.60 11.61 12.66
CA LEU A 278 -17.02 11.29 12.63
C LEU A 278 -17.27 9.93 11.98
N THR A 279 -16.61 9.68 10.84
CA THR A 279 -16.78 8.41 10.16
C THR A 279 -16.48 7.23 11.07
N GLU A 280 -15.30 7.25 11.70
CA GLU A 280 -14.93 6.16 12.61
C GLU A 280 -15.94 6.03 13.74
N ALA A 281 -16.35 7.17 14.32
CA ALA A 281 -17.32 7.13 15.42
C ALA A 281 -18.60 6.45 14.99
N ILE A 282 -19.14 6.85 13.83
CA ILE A 282 -20.38 6.23 13.35
C ILE A 282 -20.17 4.74 13.14
N LYS A 283 -19.06 4.37 12.50
CA LYS A 283 -18.78 2.95 12.28
C LYS A 283 -18.80 2.17 13.59
N ARG A 284 -18.27 2.78 14.66
CA ARG A 284 -18.27 2.09 15.95
C ARG A 284 -19.67 1.99 16.52
N VAL A 285 -20.38 3.11 16.63
CA VAL A 285 -21.67 3.11 17.30
C VAL A 285 -22.68 2.24 16.54
N ALA A 286 -22.59 2.25 15.21
CA ALA A 286 -23.57 1.53 14.41
C ALA A 286 -23.52 0.02 14.62
N LEU A 287 -22.43 -0.49 15.21
CA LEU A 287 -22.29 -1.93 15.38
C LEU A 287 -23.44 -2.53 16.18
N VAL A 288 -23.99 -1.78 17.13
CA VAL A 288 -25.04 -2.29 18.00
C VAL A 288 -26.41 -1.91 17.45
N ALA A 289 -26.45 -1.47 16.20
CA ALA A 289 -27.71 -1.09 15.56
C ALA A 289 -28.26 -2.27 14.75
N ASP A 290 -29.58 -2.38 14.73
CA ASP A 290 -30.25 -3.50 14.07
C ASP A 290 -30.16 -3.32 12.56
N ARG A 291 -29.20 -4.01 11.94
CA ARG A 291 -29.04 -4.00 10.49
C ARG A 291 -28.94 -2.57 9.96
N GLY A 292 -28.17 -1.74 10.63
CA GLY A 292 -28.05 -0.35 10.25
C GLY A 292 -29.35 0.41 10.38
N ALA A 293 -30.10 0.16 11.44
CA ALA A 293 -31.40 0.81 11.61
C ALA A 293 -31.24 2.31 11.82
N GLN A 294 -30.46 2.71 12.83
CA GLN A 294 -30.38 4.10 13.21
C GLN A 294 -29.04 4.40 13.87
N VAL A 295 -28.58 5.63 13.66
CA VAL A 295 -27.55 6.25 14.50
C VAL A 295 -28.12 7.60 14.95
N ARG A 296 -28.22 7.78 16.25
CA ARG A 296 -28.86 8.97 16.83
C ARG A 296 -27.79 10.00 17.15
N MET A 297 -27.92 11.18 16.53
CA MET A 297 -26.98 12.28 16.71
C MET A 297 -27.65 13.36 17.55
N GLU A 298 -26.97 13.80 18.60
CA GLU A 298 -27.49 14.82 19.50
C GLU A 298 -26.48 15.96 19.56
N PHE A 299 -26.83 17.11 18.98
CA PHE A 299 -25.96 18.27 18.92
C PHE A 299 -26.41 19.30 19.94
N ALA A 300 -25.46 19.77 20.76
CA ALA A 300 -25.73 20.81 21.75
C ALA A 300 -24.43 21.21 22.45
N ASP A 301 -24.20 22.50 22.61
CA ASP A 301 -23.06 23.01 23.36
C ASP A 301 -21.74 22.51 22.76
N ASP A 302 -21.66 22.49 21.43
CA ASP A 302 -20.45 22.12 20.72
C ASP A 302 -19.98 20.71 21.12
N VAL A 303 -20.92 19.78 21.14
CA VAL A 303 -20.63 18.38 21.39
C VAL A 303 -21.64 17.53 20.62
N LEU A 304 -21.12 16.58 19.85
CA LEU A 304 -21.95 15.63 19.12
C LEU A 304 -21.99 14.32 19.92
N HIS A 305 -23.20 13.91 20.30
CA HIS A 305 -23.40 12.68 21.06
C HIS A 305 -24.04 11.65 20.15
N LEU A 306 -23.26 10.66 19.75
CA LEU A 306 -23.75 9.53 18.95
C LEU A 306 -24.20 8.42 19.87
N SER A 307 -25.33 7.80 19.53
CA SER A 307 -25.85 6.69 20.30
C SER A 307 -26.60 5.75 19.37
N ALA A 308 -26.65 4.47 19.76
CA ALA A 308 -27.38 3.47 18.99
C ALA A 308 -27.57 2.23 19.84
N GLY A 309 -28.64 1.50 19.55
CA GLY A 309 -28.93 0.25 20.22
C GLY A 309 -29.88 0.41 21.39
N ALA A 310 -29.94 -0.63 22.20
CA ALA A 310 -30.80 -0.65 23.38
C ALA A 310 -30.23 -1.66 24.37
N ASP A 311 -30.83 -1.67 25.56
CA ASP A 311 -30.46 -2.61 26.61
C ASP A 311 -30.99 -4.02 26.36
N ASP A 312 -31.33 -4.34 25.11
CA ASP A 312 -31.79 -5.66 24.72
C ASP A 312 -30.80 -6.40 23.82
N VAL A 313 -30.23 -5.70 22.85
CA VAL A 313 -29.24 -6.29 21.97
C VAL A 313 -27.84 -5.73 22.21
N GLY A 314 -27.72 -4.58 22.88
CA GLY A 314 -26.43 -3.93 23.08
C GLY A 314 -26.58 -2.46 22.76
N ARG A 315 -25.83 -1.63 23.48
CA ARG A 315 -25.91 -0.19 23.36
C ARG A 315 -24.51 0.38 23.18
N ALA A 316 -24.42 1.50 22.46
CA ALA A 316 -23.14 2.14 22.21
C ALA A 316 -23.35 3.64 22.11
N GLU A 317 -22.42 4.40 22.69
CA GLU A 317 -22.46 5.85 22.63
C GLU A 317 -21.05 6.39 22.56
N GLU A 318 -20.91 7.57 21.96
CA GLU A 318 -19.61 8.23 21.86
C GLU A 318 -19.83 9.73 21.69
N ASP A 319 -19.04 10.52 22.41
CA ASP A 319 -19.13 11.97 22.38
C ASP A 319 -17.93 12.53 21.62
N LEU A 320 -18.20 13.47 20.72
CA LEU A 320 -17.18 14.10 19.89
C LEU A 320 -17.27 15.61 20.02
N PRO A 321 -16.13 16.32 19.92
CA PRO A 321 -16.19 17.78 19.81
C PRO A 321 -16.61 18.20 18.42
N VAL A 322 -17.39 19.28 18.34
CA VAL A 322 -17.94 19.73 17.08
C VAL A 322 -18.18 21.24 17.16
N SER A 323 -18.12 21.89 16.01
CA SER A 323 -18.45 23.32 15.90
C SER A 323 -19.93 23.41 15.55
N PHE A 324 -20.76 23.54 16.59
CA PHE A 324 -22.20 23.55 16.43
C PHE A 324 -22.74 24.97 16.65
N SER A 325 -23.71 25.35 15.82
CA SER A 325 -24.36 26.66 15.91
C SER A 325 -25.83 26.48 15.57
N GLY A 326 -26.69 27.11 16.37
CA GLY A 326 -28.12 27.04 16.17
C GLY A 326 -28.80 26.34 17.34
N GLU A 327 -30.08 26.05 17.14
CA GLU A 327 -30.86 25.39 18.18
C GLU A 327 -30.35 23.97 18.40
N PRO A 328 -30.22 23.52 19.65
CA PRO A 328 -29.88 22.12 19.89
C PRO A 328 -30.81 21.19 19.09
N LEU A 329 -30.24 20.10 18.58
CA LEU A 329 -30.98 19.24 17.66
C LEU A 329 -30.71 17.79 17.97
N THR A 330 -31.74 16.96 17.79
CA THR A 330 -31.66 15.52 17.99
C THR A 330 -32.21 14.86 16.75
N ILE A 331 -31.32 14.28 15.94
CA ILE A 331 -31.69 13.73 14.63
C ILE A 331 -30.99 12.40 14.44
N ALA A 332 -31.68 11.46 13.79
CA ALA A 332 -31.16 10.12 13.54
C ALA A 332 -31.05 9.88 12.05
N PHE A 333 -30.02 9.11 11.67
CA PHE A 333 -29.77 8.82 10.26
C PHE A 333 -29.46 7.34 10.08
N ASN A 334 -29.38 6.93 8.81
CA ASN A 334 -28.92 5.60 8.47
C ASN A 334 -27.40 5.56 8.52
N PRO A 335 -26.79 4.66 9.29
CA PRO A 335 -25.32 4.65 9.35
C PRO A 335 -24.67 4.51 7.99
N GLY A 336 -25.22 3.64 7.14
CA GLY A 336 -24.65 3.44 5.83
C GLY A 336 -24.76 4.67 4.94
N TYR A 337 -25.96 5.25 4.85
CA TYR A 337 -26.12 6.45 4.04
C TYR A 337 -25.22 7.56 4.53
N LEU A 338 -25.04 7.67 5.85
CA LEU A 338 -24.22 8.75 6.41
C LEU A 338 -22.75 8.55 6.05
N THR A 339 -22.22 7.34 6.27
CA THR A 339 -20.84 7.07 5.91
C THR A 339 -20.64 7.08 4.40
N ASP A 340 -21.71 6.78 3.64
CA ASP A 340 -21.63 6.91 2.19
C ASP A 340 -21.41 8.35 1.77
N GLY A 341 -22.24 9.26 2.29
CA GLY A 341 -22.03 10.67 2.00
C GLY A 341 -20.69 11.17 2.45
N LEU A 342 -20.31 10.84 3.70
CA LEU A 342 -19.03 11.30 4.21
C LEU A 342 -17.88 10.76 3.39
N GLY A 343 -18.04 9.58 2.79
CA GLY A 343 -17.00 9.03 1.94
C GLY A 343 -16.81 9.79 0.64
N ALA A 344 -17.80 10.55 0.21
CA ALA A 344 -17.73 11.25 -1.06
C ALA A 344 -17.31 12.71 -0.94
N LEU A 345 -17.36 13.28 0.26
CA LEU A 345 -17.00 14.70 0.42
C LEU A 345 -15.57 14.95 -0.04
N HIS A 346 -14.66 14.03 0.27
CA HIS A 346 -13.25 14.15 -0.09
C HIS A 346 -12.59 15.39 0.52
N SER A 347 -13.21 15.95 1.55
CA SER A 347 -12.65 17.08 2.28
C SER A 347 -12.30 16.64 3.70
N GLU A 348 -11.44 17.43 4.35
CA GLU A 348 -10.98 17.09 5.69
C GLU A 348 -12.11 17.25 6.71
N ARG A 349 -12.88 18.33 6.60
CA ARG A 349 -13.96 18.62 7.52
C ARG A 349 -15.27 18.69 6.76
N VAL A 350 -16.33 18.18 7.39
CA VAL A 350 -17.68 18.21 6.82
C VAL A 350 -18.50 19.25 7.56
N THR A 351 -19.47 19.82 6.86
CA THR A 351 -20.43 20.73 7.45
C THR A 351 -21.84 20.19 7.19
N PHE A 352 -22.57 19.93 8.26
CA PHE A 352 -23.97 19.58 8.22
C PHE A 352 -24.82 20.85 8.19
N GLY A 353 -26.03 20.71 7.65
CA GLY A 353 -26.99 21.79 7.61
C GLY A 353 -28.38 21.27 7.91
N PHE A 354 -28.77 21.31 9.19
CA PHE A 354 -30.03 20.74 9.61
C PHE A 354 -31.12 21.81 9.65
N THR A 355 -32.37 21.36 9.48
CA THR A 355 -33.53 22.13 9.87
C THR A 355 -34.19 21.37 11.01
N THR A 356 -35.17 20.52 10.74
CA THR A 356 -35.86 19.73 11.74
C THR A 356 -35.44 18.27 11.67
N PRO A 357 -35.76 17.49 12.71
CA PRO A 357 -35.39 16.05 12.67
C PRO A 357 -36.05 15.29 11.54
N SER A 358 -37.08 15.84 10.90
CA SER A 358 -37.82 15.15 9.86
C SER A 358 -37.49 15.62 8.45
N LYS A 359 -36.68 16.68 8.31
CA LYS A 359 -36.31 17.20 7.00
C LYS A 359 -34.86 16.86 6.70
N PRO A 360 -34.48 16.77 5.42
CA PRO A 360 -33.15 16.26 5.08
C PRO A 360 -32.04 17.18 5.51
N ALA A 361 -30.93 16.59 5.95
CA ALA A 361 -29.72 17.31 6.29
C ALA A 361 -28.81 17.41 5.07
N VAL A 362 -27.93 18.41 5.09
CA VAL A 362 -27.09 18.75 3.95
C VAL A 362 -25.64 18.52 4.37
N LEU A 363 -25.06 17.42 3.91
CA LEU A 363 -23.63 17.17 4.10
C LEU A 363 -22.87 17.82 2.93
N ARG A 364 -22.01 18.77 3.23
CA ARG A 364 -21.19 19.41 2.22
C ARG A 364 -19.82 19.71 2.78
N PRO A 365 -18.80 19.85 1.93
CA PRO A 365 -17.46 20.12 2.43
C PRO A 365 -17.42 21.37 3.31
N ALA A 366 -16.43 21.43 4.18
CA ALA A 366 -16.28 22.56 5.09
C ALA A 366 -15.47 23.67 4.44
N THR A 367 -15.74 24.91 4.86
CA THR A 367 -15.06 26.09 4.35
C THR A 367 -14.61 26.93 5.54
N GLU A 368 -13.86 28.00 5.25
CA GLU A 368 -13.47 28.92 6.31
C GLU A 368 -14.64 29.76 6.79
N ALA A 369 -15.60 30.05 5.91
CA ALA A 369 -16.78 30.79 6.34
C ALA A 369 -17.49 30.09 7.48
N ASP A 370 -17.40 28.76 7.55
CA ASP A 370 -18.02 28.03 8.64
C ASP A 370 -17.25 28.19 9.94
N ALA A 371 -15.91 28.10 9.87
CA ALA A 371 -15.09 28.24 11.07
C ALA A 371 -15.33 29.57 11.79
N ALA A 372 -15.87 30.56 11.08
CA ALA A 372 -16.22 31.85 11.68
C ALA A 372 -17.72 32.01 11.86
N LEU A 373 -18.47 30.92 11.83
CA LEU A 373 -19.92 30.96 11.95
C LEU A 373 -20.31 30.74 13.40
N ASN A 374 -20.94 31.75 14.01
CA ASN A 374 -21.26 31.71 15.44
C ASN A 374 -22.48 32.61 15.67
N GLY A 375 -23.65 32.01 15.68
CA GLY A 375 -24.89 32.73 15.89
C GLY A 375 -26.01 31.78 16.24
N ASN A 376 -27.24 32.19 15.90
CA ASN A 376 -28.42 31.37 16.11
C ASN A 376 -29.14 31.00 14.82
N GLY A 377 -29.07 31.83 13.79
CA GLY A 377 -29.68 31.51 12.52
C GLY A 377 -30.97 32.27 12.29
N PRO A 378 -31.67 31.96 11.18
CA PRO A 378 -31.29 30.95 10.18
C PRO A 378 -30.01 31.29 9.43
N PHE A 379 -29.26 30.26 9.05
CA PHE A 379 -28.03 30.45 8.30
C PHE A 379 -28.30 30.21 6.82
N PRO A 380 -28.05 31.18 5.93
CA PRO A 380 -28.30 30.94 4.51
C PRO A 380 -27.43 29.81 3.97
N ALA A 381 -28.01 29.00 3.09
CA ALA A 381 -27.27 27.92 2.47
C ALA A 381 -26.11 28.47 1.64
N ALA A 382 -24.96 27.82 1.74
CA ALA A 382 -23.75 28.26 1.04
C ALA A 382 -23.62 27.50 -0.27
N GLU A 383 -23.31 28.23 -1.34
CA GLU A 383 -23.02 27.58 -2.62
C GLU A 383 -21.78 26.71 -2.49
N THR A 384 -21.84 25.51 -3.06
CA THR A 384 -20.77 24.54 -2.88
C THR A 384 -20.61 23.72 -4.15
N ASP A 385 -19.43 23.11 -4.30
CA ASP A 385 -19.18 22.23 -5.43
C ASP A 385 -19.90 20.91 -5.29
N TYR A 386 -20.05 20.41 -4.06
CA TYR A 386 -20.67 19.11 -3.83
C TYR A 386 -21.64 19.19 -2.65
N VAL A 387 -22.72 18.43 -2.76
CA VAL A 387 -23.72 18.36 -1.69
C VAL A 387 -24.31 16.96 -1.66
N TYR A 388 -24.47 16.42 -0.46
CA TYR A 388 -25.06 15.12 -0.22
C TYR A 388 -26.27 15.33 0.68
N LEU A 389 -27.45 15.44 0.07
CA LEU A 389 -28.68 15.67 0.81
C LEU A 389 -29.19 14.34 1.33
N LEU A 390 -29.07 14.13 2.65
CA LEU A 390 -29.45 12.86 3.27
C LEU A 390 -30.77 13.04 4.01
N MET A 391 -31.70 12.12 3.74
CA MET A 391 -32.99 12.15 4.43
C MET A 391 -32.89 11.42 5.76
N PRO A 392 -33.51 11.92 6.84
CA PRO A 392 -33.30 11.31 8.15
C PRO A 392 -34.24 10.17 8.46
N VAL A 393 -34.14 9.64 9.68
CA VAL A 393 -35.01 8.57 10.15
C VAL A 393 -35.81 9.10 11.34
N ARG A 394 -37.04 8.61 11.48
CA ARG A 394 -37.89 9.03 12.58
C ARG A 394 -37.38 8.43 13.88
N LEU A 395 -37.11 9.29 14.86
CA LEU A 395 -36.65 8.83 16.16
C LEU A 395 -37.78 8.08 16.88
N PRO A 396 -37.44 7.13 17.76
CA PRO A 396 -38.49 6.31 18.40
C PRO A 396 -39.63 7.13 18.98
N GLY A 397 -39.32 8.18 19.75
CA GLY A 397 -40.33 9.00 20.38
C GLY A 397 -41.33 9.59 19.40
N ALA B 2 -18.20 -29.98 34.04
CA ALA B 2 -18.84 -29.73 32.75
C ALA B 2 -19.60 -28.42 32.76
N THR B 3 -19.22 -27.52 33.68
CA THR B 3 -19.87 -26.23 33.80
C THR B 3 -18.88 -25.23 34.40
N THR B 4 -18.88 -24.02 33.86
CA THR B 4 -17.98 -22.99 34.36
C THR B 4 -18.42 -22.52 35.74
N THR B 5 -17.48 -22.44 36.67
CA THR B 5 -17.76 -21.97 38.02
C THR B 5 -17.78 -20.45 38.04
N VAL B 6 -18.88 -19.88 38.55
CA VAL B 6 -19.04 -18.43 38.57
C VAL B 6 -18.18 -17.84 39.67
N GLY B 7 -17.58 -16.69 39.40
CA GLY B 7 -16.75 -16.04 40.39
C GLY B 7 -17.56 -15.43 41.52
N LEU B 8 -16.86 -15.11 42.60
CA LEU B 8 -17.50 -14.48 43.75
C LEU B 8 -17.67 -12.97 43.58
N THR B 9 -17.04 -12.38 42.57
CA THR B 9 -17.14 -10.94 42.32
C THR B 9 -17.28 -10.71 40.83
N ASP B 10 -17.51 -9.45 40.47
CA ASP B 10 -17.67 -9.06 39.08
C ASP B 10 -16.33 -8.59 38.50
N LEU B 11 -16.06 -9.03 37.27
CA LEU B 11 -14.79 -8.72 36.63
C LEU B 11 -14.69 -7.24 36.30
N LYS B 12 -13.58 -6.62 36.69
CA LYS B 12 -13.27 -5.25 36.31
C LYS B 12 -11.79 -5.21 35.96
N VAL B 13 -11.48 -5.04 34.67
CA VAL B 13 -10.13 -5.21 34.16
C VAL B 13 -9.85 -4.15 33.10
N ARG B 14 -8.57 -3.76 33.00
CA ARG B 14 -8.07 -2.88 31.96
C ARG B 14 -7.05 -3.64 31.13
N LEU B 15 -7.17 -3.53 29.81
CA LEU B 15 -6.37 -4.32 28.88
C LEU B 15 -5.76 -3.43 27.81
N VAL B 16 -4.73 -3.97 27.16
CA VAL B 16 -4.14 -3.32 26.00
C VAL B 16 -5.00 -3.60 24.78
N ARG B 17 -5.25 -2.58 23.98
CA ARG B 17 -6.15 -2.71 22.84
C ARG B 17 -5.72 -3.85 21.93
N ASP B 18 -4.47 -3.82 21.46
CA ASP B 18 -4.01 -4.82 20.51
C ASP B 18 -4.08 -6.23 21.10
N ASP B 19 -3.66 -6.38 22.36
CA ASP B 19 -3.75 -7.68 23.01
C ASP B 19 -5.18 -8.21 23.00
N PHE B 20 -6.12 -7.40 23.49
CA PHE B 20 -7.51 -7.86 23.59
C PHE B 20 -8.12 -8.08 22.21
N ALA B 21 -7.84 -7.18 21.26
CA ALA B 21 -8.42 -7.31 19.92
C ALA B 21 -7.89 -8.53 19.21
N ASP B 22 -6.58 -8.75 19.25
CA ASP B 22 -6.01 -9.95 18.62
C ASP B 22 -6.58 -11.21 19.26
N ALA B 23 -6.59 -11.26 20.60
CA ALA B 23 -7.15 -12.42 21.29
C ALA B 23 -8.58 -12.68 20.87
N VAL B 24 -9.43 -11.65 20.95
CA VAL B 24 -10.84 -11.84 20.60
C VAL B 24 -10.98 -12.25 19.15
N ALA B 25 -10.16 -11.68 18.28
CA ALA B 25 -10.21 -12.05 16.86
C ALA B 25 -9.96 -13.54 16.69
N TRP B 26 -8.79 -14.02 17.15
CA TRP B 26 -8.46 -15.43 16.98
C TRP B 26 -9.53 -16.32 17.60
N VAL B 27 -9.94 -16.01 18.84
CA VAL B 27 -10.95 -16.83 19.50
C VAL B 27 -12.24 -16.83 18.70
N ALA B 28 -12.54 -15.73 18.00
CA ALA B 28 -13.82 -15.62 17.31
C ALA B 28 -13.89 -16.50 16.07
N ARG B 29 -12.74 -16.80 15.47
CA ARG B 29 -12.74 -17.65 14.27
C ARG B 29 -13.33 -19.03 14.57
N SER B 30 -13.21 -19.50 15.81
CA SER B 30 -13.76 -20.79 16.19
C SER B 30 -15.21 -20.70 16.65
N LEU B 31 -15.77 -19.51 16.77
CA LEU B 31 -17.16 -19.38 17.19
C LEU B 31 -18.07 -20.12 16.21
N PRO B 32 -19.04 -20.89 16.71
CA PRO B 32 -19.90 -21.65 15.80
C PRO B 32 -20.81 -20.73 15.01
N SER B 33 -20.99 -21.08 13.73
CA SER B 33 -21.95 -20.35 12.89
C SER B 33 -23.38 -20.77 13.23
N ARG B 34 -23.61 -22.07 13.44
CA ARG B 34 -24.89 -22.61 13.85
C ARG B 34 -24.70 -23.23 15.22
N PRO B 35 -24.85 -22.45 16.30
CA PRO B 35 -24.53 -22.98 17.63
C PRO B 35 -25.52 -24.03 18.08
N THR B 36 -24.98 -25.12 18.66
CA THR B 36 -25.84 -26.15 19.24
C THR B 36 -26.71 -25.56 20.36
N VAL B 37 -26.07 -25.07 21.41
CA VAL B 37 -26.73 -24.32 22.47
C VAL B 37 -26.44 -22.85 22.22
N PRO B 38 -27.39 -21.93 22.50
CA PRO B 38 -27.10 -20.51 22.25
C PRO B 38 -25.87 -20.00 22.98
N VAL B 39 -25.63 -20.46 24.22
CA VAL B 39 -24.48 -19.99 24.97
C VAL B 39 -23.18 -20.25 24.22
N LEU B 40 -23.14 -21.31 23.42
CA LEU B 40 -21.92 -21.64 22.69
C LEU B 40 -21.50 -20.50 21.77
N ALA B 41 -22.45 -19.68 21.32
CA ALA B 41 -22.15 -18.55 20.45
C ALA B 41 -21.53 -17.38 21.20
N GLY B 42 -21.25 -17.54 22.50
CA GLY B 42 -20.67 -16.47 23.29
C GLY B 42 -19.20 -16.68 23.58
N VAL B 43 -18.52 -15.57 23.87
CA VAL B 43 -17.12 -15.58 24.24
C VAL B 43 -17.01 -15.54 25.75
N LEU B 44 -16.18 -16.41 26.31
CA LEU B 44 -15.96 -16.47 27.76
C LEU B 44 -14.72 -15.66 28.11
N LEU B 45 -14.84 -14.82 29.12
CA LEU B 45 -13.74 -13.99 29.61
C LEU B 45 -13.59 -14.21 31.10
N THR B 46 -12.39 -14.58 31.53
CA THR B 46 -12.10 -14.83 32.94
C THR B 46 -10.81 -14.12 33.32
N GLY B 47 -10.86 -13.26 34.32
CA GLY B 47 -9.71 -12.48 34.76
C GLY B 47 -9.27 -12.89 36.15
N SER B 48 -7.96 -13.05 36.32
CA SER B 48 -7.40 -13.39 37.62
C SER B 48 -5.95 -12.94 37.68
N ASP B 49 -5.54 -12.41 38.85
CA ASP B 49 -4.18 -11.97 39.07
C ASP B 49 -3.78 -10.93 38.03
N ASP B 50 -2.92 -11.31 37.08
CA ASP B 50 -2.41 -10.41 36.06
C ASP B 50 -2.64 -11.00 34.67
N GLY B 51 -3.86 -11.46 34.43
CA GLY B 51 -4.17 -12.09 33.16
C GLY B 51 -5.65 -12.27 32.90
N LEU B 52 -6.05 -12.08 31.64
CA LEU B 52 -7.41 -12.34 31.19
C LEU B 52 -7.38 -13.47 30.18
N THR B 53 -8.26 -14.45 30.36
CA THR B 53 -8.38 -15.60 29.47
C THR B 53 -9.66 -15.46 28.66
N ILE B 54 -9.52 -15.41 27.35
CA ILE B 54 -10.64 -15.41 26.41
C ILE B 54 -10.72 -16.79 25.77
N SER B 55 -11.92 -17.33 25.65
CA SER B 55 -12.07 -18.66 25.10
C SER B 55 -13.43 -18.83 24.43
N SER B 56 -13.49 -19.82 23.54
CA SER B 56 -14.71 -20.23 22.87
C SER B 56 -14.69 -21.75 22.73
N PHE B 57 -15.87 -22.33 22.50
CA PHE B 57 -16.01 -23.79 22.49
C PHE B 57 -17.40 -24.18 22.01
N ASP B 58 -17.49 -25.11 21.07
CA ASP B 58 -18.78 -25.50 20.50
C ASP B 58 -18.96 -27.01 20.52
N TYR B 59 -18.45 -27.67 21.56
CA TYR B 59 -18.56 -29.11 21.75
C TYR B 59 -17.66 -29.91 20.81
N GLU B 60 -17.02 -29.22 19.85
CA GLU B 60 -16.15 -29.91 18.89
C GLU B 60 -14.80 -29.22 18.80
N VAL B 61 -14.83 -27.90 18.60
CA VAL B 61 -13.63 -27.08 18.53
C VAL B 61 -13.58 -26.18 19.74
N SER B 62 -12.36 -25.92 20.21
CA SER B 62 -12.12 -25.11 21.39
C SER B 62 -10.92 -24.19 21.15
N ALA B 63 -11.05 -22.94 21.59
CA ALA B 63 -9.98 -21.96 21.50
C ALA B 63 -9.85 -21.25 22.84
N GLU B 64 -8.60 -21.09 23.30
CA GLU B 64 -8.34 -20.40 24.56
C GLU B 64 -7.03 -19.65 24.46
N VAL B 65 -7.04 -18.40 24.93
CA VAL B 65 -5.85 -17.56 24.94
C VAL B 65 -5.86 -16.73 26.21
N GLN B 66 -4.67 -16.39 26.69
CA GLN B 66 -4.51 -15.56 27.88
C GLN B 66 -3.60 -14.39 27.56
N ILE B 67 -4.00 -13.20 28.00
CA ILE B 67 -3.24 -11.98 27.72
C ILE B 67 -3.00 -11.26 29.04
N PRO B 68 -1.98 -10.40 29.09
CA PRO B 68 -1.78 -9.59 30.31
C PRO B 68 -2.99 -8.72 30.58
N ALA B 69 -3.17 -8.38 31.86
CA ALA B 69 -4.37 -7.65 32.26
C ALA B 69 -4.11 -6.95 33.58
N GLU B 70 -4.57 -5.69 33.66
CA GLU B 70 -4.63 -4.97 34.93
C GLU B 70 -5.97 -5.32 35.57
N ILE B 71 -5.92 -6.21 36.57
CA ILE B 71 -7.14 -6.72 37.20
C ILE B 71 -7.45 -5.85 38.40
N ALA B 72 -8.49 -5.02 38.27
CA ALA B 72 -9.02 -4.31 39.43
C ALA B 72 -9.92 -5.19 40.27
N ALA B 73 -10.59 -6.15 39.64
CA ALA B 73 -11.41 -7.14 40.35
C ALA B 73 -11.52 -8.40 39.49
N PRO B 74 -11.19 -9.57 40.02
CA PRO B 74 -11.34 -10.81 39.23
C PRO B 74 -12.81 -11.13 38.99
N GLY B 75 -13.03 -12.03 38.05
CA GLY B 75 -14.38 -12.45 37.73
C GLY B 75 -14.44 -13.13 36.38
N THR B 76 -15.65 -13.57 36.04
CA THR B 76 -15.94 -14.27 34.81
C THR B 76 -17.20 -13.69 34.18
N VAL B 77 -17.21 -13.61 32.84
CA VAL B 77 -18.37 -13.09 32.12
C VAL B 77 -18.43 -13.75 30.76
N LEU B 78 -19.66 -13.92 30.27
CA LEU B 78 -19.93 -14.50 28.96
C LEU B 78 -20.71 -13.48 28.14
N VAL B 79 -20.20 -13.15 26.95
CA VAL B 79 -20.80 -12.13 26.11
C VAL B 79 -21.05 -12.71 24.72
N SER B 80 -21.76 -11.94 23.90
CA SER B 80 -22.00 -12.34 22.52
C SER B 80 -20.69 -12.26 21.74
N GLY B 81 -20.25 -13.41 21.21
CA GLY B 81 -18.93 -13.47 20.60
C GLY B 81 -18.83 -12.63 19.35
N ARG B 82 -19.81 -12.75 18.46
CA ARG B 82 -19.77 -11.99 17.20
C ARG B 82 -19.75 -10.49 17.47
N LEU B 83 -20.66 -10.03 18.34
CA LEU B 83 -20.73 -8.60 18.64
C LEU B 83 -19.45 -8.12 19.31
N LEU B 84 -18.93 -8.87 20.28
CA LEU B 84 -17.69 -8.47 20.93
C LEU B 84 -16.55 -8.39 19.94
N SER B 85 -16.52 -9.31 18.97
CA SER B 85 -15.48 -9.27 17.94
C SER B 85 -15.60 -8.02 17.08
N GLU B 86 -16.80 -7.78 16.54
CA GLU B 86 -17.01 -6.59 15.73
C GLU B 86 -16.65 -5.33 16.49
N ILE B 87 -16.94 -5.29 17.79
CA ILE B 87 -16.63 -4.11 18.60
C ILE B 87 -15.13 -3.96 18.77
N THR B 88 -14.47 -5.00 19.30
CA THR B 88 -13.03 -4.92 19.55
C THR B 88 -12.27 -4.62 18.26
N ARG B 89 -12.83 -4.98 17.10
CA ARG B 89 -12.18 -4.66 15.84
C ARG B 89 -12.16 -3.16 15.57
N ALA B 90 -13.24 -2.46 15.94
CA ALA B 90 -13.41 -1.06 15.61
C ALA B 90 -12.90 -0.10 16.68
N LEU B 91 -12.49 -0.61 17.84
CA LEU B 91 -12.11 0.25 18.93
C LEU B 91 -10.94 1.16 18.53
N PRO B 92 -10.88 2.37 19.10
CA PRO B 92 -9.69 3.21 18.88
C PRO B 92 -8.49 2.61 19.59
N ASN B 93 -7.30 2.92 19.05
CA ASN B 93 -6.07 2.36 19.60
C ASN B 93 -5.75 3.05 20.93
N LYS B 94 -6.58 2.80 21.93
CA LYS B 94 -6.48 3.38 23.25
C LYS B 94 -6.73 2.28 24.28
N PRO B 95 -6.30 2.47 25.51
CA PRO B 95 -6.51 1.44 26.54
C PRO B 95 -7.99 1.06 26.65
N VAL B 96 -8.23 -0.23 26.91
CA VAL B 96 -9.58 -0.76 27.02
C VAL B 96 -9.90 -1.00 28.49
N ASP B 97 -11.11 -0.62 28.89
CA ASP B 97 -11.59 -0.81 30.26
C ASP B 97 -12.87 -1.63 30.20
N LEU B 98 -12.75 -2.92 30.50
CA LEU B 98 -13.88 -3.83 30.54
C LEU B 98 -14.34 -3.98 31.99
N SER B 99 -15.65 -3.88 32.21
CA SER B 99 -16.19 -3.89 33.57
C SER B 99 -17.58 -4.51 33.57
N VAL B 100 -17.77 -5.53 34.38
CA VAL B 100 -19.07 -6.15 34.56
C VAL B 100 -19.81 -5.42 35.67
N GLU B 101 -21.09 -5.10 35.43
CA GLU B 101 -21.91 -4.35 36.38
C GLU B 101 -23.32 -4.92 36.35
N GLY B 102 -23.48 -6.11 36.90
CA GLY B 102 -24.78 -6.76 36.98
C GLY B 102 -25.02 -7.65 35.76
N THR B 103 -26.08 -7.34 35.00
CA THR B 103 -26.44 -8.09 33.81
C THR B 103 -25.88 -7.47 32.54
N ARG B 104 -25.01 -6.47 32.65
CA ARG B 104 -24.44 -5.81 31.49
C ARG B 104 -22.93 -5.63 31.70
N VAL B 105 -22.19 -5.76 30.60
CA VAL B 105 -20.75 -5.55 30.59
C VAL B 105 -20.48 -4.25 29.85
N SER B 106 -19.63 -3.40 30.43
CA SER B 106 -19.32 -2.09 29.89
C SER B 106 -17.89 -2.10 29.36
N LEU B 107 -17.75 -1.85 28.06
CA LEU B 107 -16.46 -1.82 27.38
C LEU B 107 -16.18 -0.37 26.98
N THR B 108 -15.23 0.25 27.68
CA THR B 108 -14.89 1.65 27.47
C THR B 108 -13.53 1.76 26.82
N CYS B 109 -13.46 2.49 25.72
CA CYS B 109 -12.20 2.68 24.99
C CYS B 109 -12.15 4.12 24.49
N GLY B 110 -11.24 4.91 25.04
CA GLY B 110 -11.15 6.31 24.70
C GLY B 110 -12.45 7.04 24.97
N SER B 111 -13.11 7.47 23.91
CA SER B 111 -14.40 8.15 24.01
C SER B 111 -15.58 7.23 23.71
N ALA B 112 -15.33 6.03 23.19
CA ALA B 112 -16.40 5.09 22.90
C ALA B 112 -16.78 4.31 24.15
N ARG B 113 -18.08 4.13 24.36
CA ARG B 113 -18.61 3.41 25.50
CA ARG B 113 -18.61 3.41 25.50
C ARG B 113 -19.64 2.41 25.00
N PHE B 114 -19.38 1.12 25.25
CA PHE B 114 -20.29 0.05 24.87
C PHE B 114 -20.87 -0.59 26.12
N SER B 115 -22.12 -1.04 26.00
CA SER B 115 -22.82 -1.72 27.08
C SER B 115 -23.54 -2.92 26.48
N LEU B 116 -23.03 -4.12 26.73
CA LEU B 116 -23.59 -5.33 26.14
C LEU B 116 -24.34 -6.16 27.18
N PRO B 117 -25.39 -6.88 26.79
CA PRO B 117 -26.08 -7.75 27.74
C PRO B 117 -25.30 -9.05 27.95
N THR B 118 -25.11 -9.42 29.22
CA THR B 118 -24.36 -10.62 29.53
C THR B 118 -25.21 -11.87 29.34
N MET B 119 -24.54 -12.99 29.11
CA MET B 119 -25.16 -14.28 28.90
C MET B 119 -24.93 -15.16 30.13
N ALA B 120 -25.68 -16.26 30.17
CA ALA B 120 -25.67 -17.17 31.32
C ALA B 120 -24.34 -17.91 31.36
N VAL B 121 -23.39 -17.40 32.14
CA VAL B 121 -22.09 -18.04 32.25
C VAL B 121 -22.17 -19.34 33.05
N GLU B 122 -23.26 -19.53 33.79
CA GLU B 122 -23.42 -20.75 34.59
C GLU B 122 -23.91 -21.93 33.77
N ASP B 123 -24.44 -21.67 32.56
CA ASP B 123 -24.86 -22.73 31.65
C ASP B 123 -23.87 -22.91 30.50
N TYR B 124 -22.64 -22.42 30.65
CA TYR B 124 -21.60 -22.50 29.62
C TYR B 124 -20.69 -23.68 29.91
N PRO B 125 -20.45 -24.56 28.94
CA PRO B 125 -19.64 -25.76 29.21
C PRO B 125 -18.17 -25.42 29.43
N ALA B 126 -17.52 -26.24 30.24
CA ALA B 126 -16.10 -26.06 30.51
C ALA B 126 -15.28 -26.63 29.36
N LEU B 127 -14.22 -25.92 28.99
CA LEU B 127 -13.40 -26.35 27.87
C LEU B 127 -12.70 -27.66 28.20
N PRO B 128 -12.51 -28.53 27.21
CA PRO B 128 -11.80 -29.79 27.46
C PRO B 128 -10.36 -29.56 27.88
N GLU B 129 -9.79 -30.55 28.56
CA GLU B 129 -8.43 -30.49 29.04
CA GLU B 129 -8.43 -30.49 29.04
C GLU B 129 -7.51 -31.15 28.01
N LEU B 130 -6.52 -30.40 27.54
CA LEU B 130 -5.56 -30.96 26.61
C LEU B 130 -4.77 -32.07 27.29
N PRO B 131 -4.68 -33.27 26.71
CA PRO B 131 -3.88 -34.33 27.35
C PRO B 131 -2.40 -33.95 27.42
N ALA B 132 -1.56 -34.86 27.91
CA ALA B 132 -0.15 -34.58 28.01
C ALA B 132 0.46 -34.32 26.64
N GLU B 133 1.48 -33.46 26.61
CA GLU B 133 2.17 -33.15 25.36
C GLU B 133 2.75 -34.43 24.75
N THR B 134 2.24 -34.82 23.59
CA THR B 134 2.82 -35.95 22.88
C THR B 134 4.15 -35.56 22.22
N GLY B 135 4.27 -34.33 21.76
CA GLY B 135 5.50 -33.88 21.15
C GLY B 135 5.38 -32.45 20.65
N SER B 136 6.49 -31.94 20.14
CA SER B 136 6.60 -30.57 19.67
C SER B 136 7.01 -30.55 18.20
N VAL B 137 6.50 -29.56 17.47
CA VAL B 137 6.78 -29.41 16.06
C VAL B 137 7.03 -27.93 15.76
N PRO B 138 7.98 -27.58 14.88
CA PRO B 138 8.08 -26.18 14.45
C PRO B 138 6.81 -25.71 13.78
N ALA B 139 6.44 -24.45 14.06
CA ALA B 139 5.16 -23.94 13.59
C ALA B 139 5.13 -23.81 12.07
N ASP B 140 6.16 -23.21 11.49
CA ASP B 140 6.18 -23.04 10.04
C ASP B 140 6.15 -24.38 9.32
N LEU B 141 6.92 -25.36 9.82
CA LEU B 141 6.93 -26.69 9.21
C LEU B 141 5.56 -27.34 9.34
N PHE B 142 4.96 -27.28 10.53
CA PHE B 142 3.65 -27.87 10.75
C PHE B 142 2.61 -27.25 9.83
N ALA B 143 2.60 -25.92 9.74
CA ALA B 143 1.66 -25.24 8.85
C ALA B 143 1.92 -25.61 7.39
N GLU B 144 3.19 -25.65 6.99
CA GLU B 144 3.51 -26.01 5.61
C GLU B 144 3.01 -27.40 5.28
N ALA B 145 3.42 -28.39 6.06
CA ALA B 145 3.03 -29.77 5.82
C ALA B 145 1.51 -29.89 5.74
N ILE B 146 0.80 -29.31 6.70
CA ILE B 146 -0.66 -29.37 6.70
C ILE B 146 -1.21 -28.76 5.42
N GLY B 147 -0.64 -27.63 5.01
CA GLY B 147 -1.08 -27.01 3.77
C GLY B 147 -0.82 -27.86 2.55
N GLN B 148 0.29 -28.61 2.56
CA GLN B 148 0.63 -29.45 1.42
C GLN B 148 -0.32 -30.64 1.31
N VAL B 149 -0.80 -31.14 2.44
CA VAL B 149 -1.68 -32.31 2.42
C VAL B 149 -3.14 -31.91 2.23
N ALA B 150 -3.55 -30.77 2.79
CA ALA B 150 -4.96 -30.41 2.77
C ALA B 150 -5.50 -30.29 1.35
N VAL B 151 -4.65 -29.90 0.38
CA VAL B 151 -5.11 -29.74 -0.99
C VAL B 151 -5.78 -30.99 -1.51
N ALA B 152 -5.44 -32.15 -0.94
CA ALA B 152 -5.99 -33.42 -1.41
C ALA B 152 -7.26 -33.83 -0.68
N ALA B 153 -7.55 -33.21 0.47
CA ALA B 153 -8.70 -33.62 1.26
C ALA B 153 -10.00 -33.28 0.54
N GLY B 154 -10.92 -34.24 0.48
CA GLY B 154 -12.23 -33.97 -0.08
C GLY B 154 -12.95 -32.91 0.73
N ARG B 155 -13.71 -32.07 0.03
CA ARG B 155 -14.42 -30.94 0.64
C ARG B 155 -15.94 -31.17 0.63
N ASP B 156 -16.36 -32.43 0.70
CA ASP B 156 -17.77 -32.80 0.67
C ASP B 156 -18.13 -33.38 2.03
N ASP B 157 -18.91 -32.62 2.81
CA ASP B 157 -19.30 -33.07 4.15
C ASP B 157 -20.08 -34.37 4.10
N THR B 158 -20.61 -34.76 2.94
CA THR B 158 -21.33 -36.02 2.81
C THR B 158 -20.41 -37.23 2.80
N LEU B 159 -19.09 -37.01 2.76
CA LEU B 159 -18.10 -38.10 2.67
C LEU B 159 -17.15 -37.99 3.86
N PRO B 160 -17.61 -38.38 5.06
CA PRO B 160 -16.76 -38.18 6.25
C PRO B 160 -15.33 -38.64 6.10
N MET B 161 -15.10 -39.87 5.62
CA MET B 161 -13.75 -40.42 5.59
C MET B 161 -12.82 -39.54 4.76
N LEU B 162 -13.33 -38.95 3.68
CA LEU B 162 -12.49 -38.16 2.78
C LEU B 162 -12.29 -36.73 3.24
N THR B 163 -12.97 -36.30 4.30
CA THR B 163 -12.87 -34.92 4.76
C THR B 163 -11.73 -34.69 5.73
N GLY B 164 -11.10 -35.75 6.24
CA GLY B 164 -10.11 -35.63 7.28
C GLY B 164 -8.68 -35.81 6.78
N ILE B 165 -7.74 -35.35 7.60
CA ILE B 165 -6.32 -35.54 7.39
C ILE B 165 -5.83 -36.57 8.40
N ARG B 166 -5.17 -37.62 7.90
CA ARG B 166 -4.63 -38.65 8.77
C ARG B 166 -3.28 -38.20 9.32
N VAL B 167 -3.10 -38.35 10.62
CA VAL B 167 -1.86 -37.98 11.31
C VAL B 167 -1.28 -39.25 11.91
N GLU B 168 -0.13 -39.68 11.41
CA GLU B 168 0.57 -40.85 11.92
C GLU B 168 1.82 -40.40 12.68
N ILE B 169 2.11 -41.11 13.77
CA ILE B 169 3.23 -40.80 14.65
C ILE B 169 3.96 -42.10 14.96
N SER B 170 5.27 -42.11 14.72
CA SER B 170 6.13 -43.27 15.02
C SER B 170 7.46 -42.70 15.52
N GLY B 171 7.54 -42.43 16.82
CA GLY B 171 8.75 -41.86 17.37
C GLY B 171 8.90 -40.41 16.96
N ASP B 172 10.07 -40.07 16.45
CA ASP B 172 10.40 -38.71 16.04
C ASP B 172 9.92 -38.38 14.63
N ARG B 173 9.10 -39.23 14.03
CA ARG B 173 8.63 -39.04 12.66
C ARG B 173 7.11 -38.88 12.65
N MET B 174 6.63 -38.01 11.78
CA MET B 174 5.20 -37.77 11.61
C MET B 174 4.85 -37.82 10.13
N VAL B 175 3.68 -38.36 9.83
CA VAL B 175 3.21 -38.48 8.45
C VAL B 175 1.78 -37.96 8.37
N LEU B 176 1.56 -36.96 7.53
CA LEU B 176 0.25 -36.40 7.28
C LEU B 176 -0.22 -36.83 5.90
N ALA B 177 -1.48 -37.26 5.80
CA ALA B 177 -2.02 -37.75 4.54
C ALA B 177 -3.45 -37.28 4.35
N ALA B 178 -3.86 -37.17 3.09
CA ALA B 178 -5.23 -36.81 2.76
C ALA B 178 -5.52 -37.21 1.32
N THR B 179 -6.78 -37.54 1.07
CA THR B 179 -7.21 -37.94 -0.26
C THR B 179 -8.68 -37.58 -0.44
N ASP B 180 -9.06 -37.33 -1.70
CA ASP B 180 -10.46 -37.14 -2.07
C ASP B 180 -10.94 -38.23 -3.03
N ARG B 181 -10.29 -39.40 -3.00
CA ARG B 181 -10.60 -40.57 -3.83
C ARG B 181 -9.94 -40.49 -5.19
N PHE B 182 -9.47 -39.31 -5.60
CA PHE B 182 -8.78 -39.15 -6.89
C PHE B 182 -7.34 -38.68 -6.77
N ARG B 183 -6.93 -38.18 -5.61
CA ARG B 183 -5.57 -37.70 -5.40
C ARG B 183 -5.18 -38.00 -3.97
N LEU B 184 -3.91 -38.33 -3.76
CA LEU B 184 -3.39 -38.71 -2.45
C LEU B 184 -2.17 -37.87 -2.16
N ALA B 185 -2.25 -37.03 -1.12
CA ALA B 185 -1.13 -36.21 -0.68
C ALA B 185 -0.58 -36.81 0.61
N VAL B 186 0.74 -36.96 0.67
CA VAL B 186 1.41 -37.51 1.84
C VAL B 186 2.67 -36.70 2.10
N ARG B 187 2.82 -36.22 3.34
CA ARG B 187 3.99 -35.47 3.76
C ARG B 187 4.56 -36.12 5.00
N GLU B 188 5.88 -36.32 5.03
CA GLU B 188 6.59 -36.86 6.17
C GLU B 188 7.53 -35.78 6.70
N LEU B 189 7.60 -35.67 8.02
CA LEU B 189 8.45 -34.66 8.65
C LEU B 189 8.95 -35.20 9.98
N THR B 190 9.96 -34.51 10.52
CA THR B 190 10.56 -34.86 11.80
C THR B 190 10.04 -33.92 12.87
N TRP B 191 9.74 -34.48 14.05
CA TRP B 191 9.30 -33.70 15.19
C TRP B 191 9.94 -34.25 16.45
N THR B 192 9.89 -33.46 17.52
CA THR B 192 10.51 -33.82 18.79
C THR B 192 9.46 -34.47 19.69
N THR B 193 9.59 -35.77 19.91
CA THR B 193 8.64 -36.51 20.74
C THR B 193 9.13 -36.57 22.17
N LYS B 194 8.18 -36.51 23.11
CA LYS B 194 8.52 -36.67 24.52
C LYS B 194 8.72 -38.16 24.87
N THR B 195 7.94 -39.04 24.25
CA THR B 195 8.12 -40.47 24.44
C THR B 195 8.81 -41.03 23.21
N PRO B 196 10.03 -41.57 23.32
CA PRO B 196 10.77 -41.97 22.11
C PRO B 196 10.15 -43.15 21.38
N ASP B 197 9.36 -43.98 22.04
CA ASP B 197 8.72 -45.13 21.42
C ASP B 197 7.21 -44.98 21.55
N VAL B 198 6.65 -44.02 20.81
CA VAL B 198 5.22 -43.78 20.77
C VAL B 198 4.73 -44.02 19.35
N GLU B 199 3.60 -44.71 19.23
CA GLU B 199 3.01 -45.07 17.96
C GLU B 199 1.51 -44.77 18.01
N ALA B 200 1.02 -43.97 17.07
CA ALA B 200 -0.38 -43.61 17.08
C ALA B 200 -0.79 -43.08 15.71
N ALA B 201 -2.10 -43.12 15.46
CA ALA B 201 -2.66 -42.64 14.21
C ALA B 201 -4.06 -42.11 14.47
N VAL B 202 -4.36 -40.92 13.96
CA VAL B 202 -5.65 -40.27 14.19
C VAL B 202 -6.11 -39.62 12.89
N LEU B 203 -7.36 -39.17 12.89
CA LEU B 203 -7.98 -38.52 11.75
C LEU B 203 -8.59 -37.20 12.21
N VAL B 204 -7.99 -36.10 11.80
CA VAL B 204 -8.45 -34.77 12.22
C VAL B 204 -9.17 -34.10 11.05
N PRO B 205 -10.30 -33.43 11.28
CA PRO B 205 -10.96 -32.72 10.19
C PRO B 205 -10.00 -31.76 9.50
N ALA B 206 -9.98 -31.81 8.16
CA ALA B 206 -9.00 -31.05 7.40
C ALA B 206 -9.13 -29.56 7.67
N LYS B 207 -10.35 -29.03 7.56
CA LYS B 207 -10.58 -27.60 7.80
C LYS B 207 -10.04 -27.20 9.17
N THR B 208 -10.42 -27.95 10.22
CA THR B 208 -9.98 -27.62 11.57
C THR B 208 -8.46 -27.62 11.66
N LEU B 209 -7.81 -28.66 11.13
CA LEU B 209 -6.35 -28.73 11.19
C LEU B 209 -5.72 -27.56 10.43
N ALA B 210 -6.25 -27.25 9.26
CA ALA B 210 -5.74 -26.11 8.50
C ALA B 210 -5.85 -24.83 9.31
N GLU B 211 -6.96 -24.63 10.02
CA GLU B 211 -7.09 -23.47 10.88
C GLU B 211 -6.07 -23.52 12.01
N ALA B 212 -5.79 -24.73 12.53
CA ALA B 212 -4.76 -24.87 13.55
C ALA B 212 -3.36 -24.58 13.01
N ALA B 213 -3.19 -24.58 11.69
CA ALA B 213 -1.94 -24.09 11.11
C ALA B 213 -1.78 -22.59 11.30
N LYS B 214 -2.80 -21.90 11.82
CA LYS B 214 -2.73 -20.47 12.09
C LYS B 214 -2.77 -20.16 13.59
N THR B 215 -3.14 -21.14 14.43
CA THR B 215 -2.94 -20.99 15.86
C THR B 215 -1.49 -20.69 16.19
N GLY B 216 -0.56 -21.25 15.40
CA GLY B 216 0.84 -20.86 15.50
C GLY B 216 1.07 -19.60 14.67
N LEU B 217 1.63 -18.58 15.32
CA LEU B 217 1.81 -17.28 14.68
C LEU B 217 3.07 -17.26 13.83
N ASP B 218 3.27 -18.30 13.01
CA ASP B 218 4.52 -18.47 12.27
C ASP B 218 5.71 -18.23 13.19
N GLY B 219 5.56 -18.66 14.45
CA GLY B 219 6.56 -18.43 15.46
C GLY B 219 7.54 -19.57 15.57
N SER B 220 7.78 -20.04 16.79
CA SER B 220 8.79 -21.09 17.03
C SER B 220 8.16 -22.47 16.95
N GLU B 221 7.41 -22.87 17.98
CA GLU B 221 7.00 -24.25 18.15
C GLU B 221 5.50 -24.36 18.37
N VAL B 222 4.91 -25.42 17.81
CA VAL B 222 3.60 -25.90 18.20
C VAL B 222 3.82 -27.13 19.08
N GLN B 223 2.86 -27.40 19.96
CA GLN B 223 2.96 -28.54 20.88
C GLN B 223 1.67 -29.33 20.79
N LEU B 224 1.76 -30.55 20.26
CA LEU B 224 0.59 -31.38 20.01
C LEU B 224 0.33 -32.30 21.20
N ALA B 225 -0.95 -32.62 21.40
CA ALA B 225 -1.40 -33.50 22.47
C ALA B 225 -2.56 -34.32 21.95
N LEU B 226 -2.54 -35.63 22.23
CA LEU B 226 -3.53 -36.53 21.66
C LEU B 226 -4.11 -37.44 22.73
N GLY B 227 -5.38 -37.80 22.53
CA GLY B 227 -6.07 -38.68 23.45
C GLY B 227 -6.13 -40.13 22.99
N ALA B 228 -6.93 -40.40 21.96
CA ALA B 228 -7.16 -41.75 21.48
C ALA B 228 -6.84 -41.83 19.99
N GLY B 229 -6.42 -43.01 19.56
CA GLY B 229 -6.07 -43.24 18.17
C GLY B 229 -5.62 -44.66 17.90
N ASP B 235 -13.17 -41.71 22.68
CA ASP B 235 -13.45 -40.51 21.90
C ASP B 235 -12.39 -39.46 22.16
N GLY B 236 -11.35 -39.45 21.32
CA GLY B 236 -10.17 -38.64 21.58
C GLY B 236 -10.26 -37.23 21.04
N LEU B 237 -9.24 -36.45 21.37
CA LEU B 237 -9.13 -35.07 20.91
C LEU B 237 -7.66 -34.77 20.62
N LEU B 238 -7.45 -33.80 19.74
CA LEU B 238 -6.11 -33.28 19.43
C LEU B 238 -6.01 -31.87 20.02
N GLY B 239 -5.11 -31.70 20.97
CA GLY B 239 -4.79 -30.39 21.50
C GLY B 239 -3.59 -29.81 20.78
N ILE B 240 -3.64 -28.51 20.53
CA ILE B 240 -2.61 -27.80 19.78
C ILE B 240 -2.29 -26.55 20.58
N ARG B 241 -1.16 -26.57 21.29
CA ARG B 241 -0.72 -25.48 22.14
CA ARG B 241 -0.72 -25.48 22.14
C ARG B 241 0.44 -24.76 21.46
N SER B 242 0.29 -23.45 21.26
CA SER B 242 1.32 -22.63 20.63
C SER B 242 1.37 -21.29 21.35
N GLU B 243 2.54 -20.98 21.93
CA GLU B 243 2.74 -19.74 22.68
C GLU B 243 1.72 -19.75 23.82
N GLY B 244 0.81 -18.78 23.89
CA GLY B 244 -0.24 -18.76 24.88
C GLY B 244 -1.58 -19.24 24.38
N LYS B 245 -1.71 -19.56 23.10
CA LYS B 245 -2.95 -20.06 22.54
C LYS B 245 -3.01 -21.58 22.68
N ARG B 246 -4.19 -22.07 23.05
CA ARG B 246 -4.42 -23.50 23.22
C ARG B 246 -5.74 -23.85 22.56
N SER B 247 -5.69 -24.70 21.53
CA SER B 247 -6.87 -25.13 20.82
C SER B 247 -7.06 -26.64 20.99
N THR B 248 -8.30 -27.09 20.82
CA THR B 248 -8.61 -28.51 20.85
C THR B 248 -9.62 -28.81 19.75
N THR B 249 -9.55 -30.01 19.21
CA THR B 249 -10.50 -30.45 18.19
C THR B 249 -10.82 -31.92 18.41
N ARG B 250 -12.10 -32.25 18.27
CA ARG B 250 -12.51 -33.65 18.28
C ARG B 250 -11.99 -34.35 17.03
N LEU B 251 -11.80 -35.66 17.14
CA LEU B 251 -11.31 -36.48 16.04
C LEU B 251 -12.48 -37.12 15.31
N LEU B 252 -12.21 -37.58 14.09
CA LEU B 252 -13.20 -38.28 13.29
C LEU B 252 -13.20 -39.76 13.61
N ASP B 253 -14.41 -40.34 13.69
CA ASP B 253 -14.53 -41.78 13.88
C ASP B 253 -14.28 -42.55 12.60
N ALA B 254 -14.44 -41.91 11.43
CA ALA B 254 -14.21 -42.58 10.16
C ALA B 254 -12.78 -43.11 10.09
N GLU B 255 -12.59 -44.15 9.29
CA GLU B 255 -11.29 -44.76 9.11
C GLU B 255 -10.66 -44.26 7.81
N PHE B 256 -9.35 -44.06 7.84
CA PHE B 256 -8.65 -43.57 6.66
C PHE B 256 -8.25 -44.73 5.76
N PRO B 257 -8.27 -44.56 4.43
CA PRO B 257 -7.89 -45.66 3.54
C PRO B 257 -6.46 -46.11 3.78
N LYS B 258 -6.15 -47.30 3.28
CA LYS B 258 -4.82 -47.88 3.36
C LYS B 258 -4.04 -47.36 2.16
N PHE B 259 -3.42 -46.20 2.32
CA PHE B 259 -2.88 -45.46 1.19
C PHE B 259 -1.50 -45.92 0.74
N ARG B 260 -0.76 -46.62 1.60
CA ARG B 260 0.62 -46.95 1.28
C ARG B 260 0.73 -48.03 0.22
N GLN B 261 -0.29 -48.86 0.03
CA GLN B 261 -0.27 -49.83 -1.05
C GLN B 261 -0.64 -49.22 -2.40
N LEU B 262 -1.04 -47.95 -2.43
CA LEU B 262 -1.31 -47.26 -3.67
C LEU B 262 -0.08 -46.62 -4.27
N LEU B 263 0.92 -46.30 -3.46
CA LEU B 263 2.13 -45.66 -3.96
C LEU B 263 2.90 -46.63 -4.83
N PRO B 264 3.18 -46.30 -6.10
CA PRO B 264 3.93 -47.23 -6.95
C PRO B 264 5.29 -47.56 -6.36
N THR B 265 5.77 -48.77 -6.66
CA THR B 265 7.11 -49.17 -6.29
C THR B 265 8.11 -48.94 -7.41
N GLU B 266 7.65 -48.67 -8.63
CA GLU B 266 8.52 -48.39 -9.75
C GLU B 266 7.77 -47.54 -10.75
N HIS B 267 8.52 -46.90 -11.65
CA HIS B 267 7.96 -46.08 -12.72
C HIS B 267 8.56 -46.52 -14.04
N THR B 268 7.70 -46.80 -15.02
CA THR B 268 8.18 -47.07 -16.37
C THR B 268 8.68 -45.81 -17.06
N ALA B 269 8.25 -44.62 -16.60
CA ALA B 269 8.67 -43.37 -17.20
C ALA B 269 8.92 -42.34 -16.11
N MET B 270 9.71 -41.32 -16.45
CA MET B 270 10.07 -40.25 -15.54
C MET B 270 10.11 -38.94 -16.32
N ALA B 271 9.81 -37.84 -15.63
CA ALA B 271 9.83 -36.52 -16.26
C ALA B 271 10.11 -35.47 -15.21
N THR B 272 11.13 -34.65 -15.43
CA THR B 272 11.49 -33.58 -14.51
C THR B 272 11.40 -32.25 -15.25
N ILE B 273 10.75 -31.26 -14.63
CA ILE B 273 10.52 -29.97 -15.26
C ILE B 273 10.36 -28.91 -14.18
N GLY B 274 10.54 -27.65 -14.58
CA GLY B 274 10.38 -26.54 -13.65
C GLY B 274 8.91 -26.36 -13.28
N VAL B 275 8.64 -26.25 -11.98
CA VAL B 275 7.26 -26.15 -11.50
C VAL B 275 6.57 -24.92 -12.09
N GLY B 276 7.19 -23.76 -11.91
CA GLY B 276 6.56 -22.53 -12.39
C GLY B 276 6.27 -22.56 -13.87
N GLU B 277 7.29 -22.84 -14.68
CA GLU B 277 7.10 -22.92 -16.12
C GLU B 277 5.95 -23.85 -16.47
N LEU B 278 6.01 -25.09 -15.97
CA LEU B 278 4.94 -26.05 -16.27
C LEU B 278 3.58 -25.50 -15.88
N THR B 279 3.47 -24.95 -14.67
CA THR B 279 2.18 -24.46 -14.18
C THR B 279 1.61 -23.40 -15.11
N GLU B 280 2.43 -22.41 -15.48
CA GLU B 280 1.96 -21.38 -16.40
C GLU B 280 1.45 -22.00 -17.69
N ALA B 281 2.21 -22.94 -18.26
CA ALA B 281 1.76 -23.58 -19.49
C ALA B 281 0.42 -24.27 -19.31
N ILE B 282 0.25 -24.99 -18.19
CA ILE B 282 -1.00 -25.70 -17.95
C ILE B 282 -2.16 -24.71 -17.86
N LYS B 283 -1.96 -23.62 -17.11
CA LYS B 283 -3.03 -22.65 -16.95
C LYS B 283 -3.42 -22.03 -18.29
N ARG B 284 -2.45 -21.81 -19.17
CA ARG B 284 -2.78 -21.36 -20.52
C ARG B 284 -3.61 -22.39 -21.27
N VAL B 285 -3.11 -23.62 -21.34
CA VAL B 285 -3.77 -24.64 -22.15
C VAL B 285 -5.17 -24.91 -21.62
N ALA B 286 -5.34 -24.91 -20.30
CA ALA B 286 -6.62 -25.29 -19.69
C ALA B 286 -7.72 -24.28 -19.96
N LEU B 287 -7.40 -23.09 -20.47
CA LEU B 287 -8.43 -22.09 -20.71
C LEU B 287 -9.48 -22.58 -21.69
N VAL B 288 -9.07 -23.36 -22.69
CA VAL B 288 -10.01 -23.88 -23.68
C VAL B 288 -10.66 -25.19 -23.25
N ALA B 289 -10.39 -25.66 -22.05
CA ALA B 289 -10.97 -26.91 -21.57
C ALA B 289 -12.35 -26.64 -21.00
N ASP B 290 -13.36 -27.35 -21.51
CA ASP B 290 -14.74 -27.14 -21.07
C ASP B 290 -14.89 -27.60 -19.62
N ARG B 291 -15.24 -26.65 -18.75
CA ARG B 291 -15.40 -26.93 -17.31
C ARG B 291 -14.07 -27.47 -16.80
N GLY B 292 -14.05 -28.59 -16.08
CA GLY B 292 -12.80 -29.18 -15.66
C GLY B 292 -12.14 -29.97 -16.78
N ALA B 293 -12.90 -30.89 -17.38
CA ALA B 293 -12.42 -31.67 -18.52
C ALA B 293 -11.04 -32.27 -18.24
N GLN B 294 -10.05 -31.93 -19.05
CA GLN B 294 -8.75 -32.58 -18.96
C GLN B 294 -7.74 -31.80 -19.78
N VAL B 295 -6.47 -31.96 -19.41
CA VAL B 295 -5.34 -31.49 -20.19
C VAL B 295 -4.51 -32.71 -20.59
N ARG B 296 -4.10 -32.75 -21.85
CA ARG B 296 -3.32 -33.85 -22.39
C ARG B 296 -1.84 -33.49 -22.32
N MET B 297 -1.03 -34.41 -21.78
CA MET B 297 0.41 -34.29 -21.74
C MET B 297 1.00 -35.40 -22.60
N GLU B 298 1.84 -35.01 -23.57
CA GLU B 298 2.54 -35.96 -24.43
C GLU B 298 4.02 -35.85 -24.16
N PHE B 299 4.58 -36.88 -23.54
CA PHE B 299 6.00 -36.95 -23.23
C PHE B 299 6.71 -37.81 -24.28
N ALA B 300 7.79 -37.28 -24.86
CA ALA B 300 8.57 -38.01 -25.83
C ALA B 300 9.79 -37.21 -26.27
N ASP B 301 10.98 -37.81 -26.15
CA ASP B 301 12.21 -37.23 -26.68
C ASP B 301 12.48 -35.84 -26.10
N ASP B 302 12.34 -35.73 -24.77
CA ASP B 302 12.72 -34.52 -24.05
C ASP B 302 11.89 -33.31 -24.48
N VAL B 303 10.62 -33.53 -24.80
CA VAL B 303 9.71 -32.44 -25.14
C VAL B 303 8.34 -32.77 -24.59
N LEU B 304 7.78 -31.87 -23.79
CA LEU B 304 6.43 -32.01 -23.26
C LEU B 304 5.48 -31.23 -24.15
N HIS B 305 4.50 -31.92 -24.73
CA HIS B 305 3.50 -31.29 -25.58
C HIS B 305 2.16 -31.32 -24.85
N LEU B 306 1.76 -30.16 -24.34
CA LEU B 306 0.46 -29.98 -23.71
C LEU B 306 -0.57 -29.61 -24.76
N SER B 307 -1.80 -30.11 -24.58
CA SER B 307 -2.89 -29.79 -25.49
C SER B 307 -4.21 -29.90 -24.76
N ALA B 308 -5.21 -29.16 -25.23
CA ALA B 308 -6.54 -29.21 -24.63
C ALA B 308 -7.53 -28.57 -25.58
N GLY B 309 -8.80 -28.88 -25.36
CA GLY B 309 -9.89 -28.31 -26.14
C GLY B 309 -10.16 -29.10 -27.41
N ALA B 310 -11.20 -28.65 -28.11
CA ALA B 310 -11.60 -29.23 -29.38
C ALA B 310 -12.07 -28.12 -30.30
N ASP B 311 -12.34 -28.47 -31.56
CA ASP B 311 -12.82 -27.50 -32.53
C ASP B 311 -14.16 -26.89 -32.14
N ASP B 312 -14.86 -27.45 -31.15
CA ASP B 312 -16.19 -26.97 -30.82
C ASP B 312 -16.15 -25.64 -30.08
N VAL B 313 -15.09 -25.39 -29.31
CA VAL B 313 -15.00 -24.17 -28.51
C VAL B 313 -13.64 -23.50 -28.73
N GLY B 314 -12.63 -24.29 -28.99
CA GLY B 314 -11.28 -23.80 -29.17
C GLY B 314 -10.29 -24.84 -28.69
N ARG B 315 -9.12 -24.84 -29.32
CA ARG B 315 -8.05 -25.79 -28.98
C ARG B 315 -6.76 -25.04 -28.72
N ALA B 316 -6.05 -25.43 -27.67
CA ALA B 316 -4.79 -24.82 -27.29
C ALA B 316 -3.72 -25.88 -27.17
N GLU B 317 -2.47 -25.46 -27.36
CA GLU B 317 -1.34 -26.37 -27.30
C GLU B 317 -0.09 -25.58 -26.95
N GLU B 318 0.83 -26.25 -26.25
CA GLU B 318 2.10 -25.64 -25.87
C GLU B 318 3.16 -26.71 -25.79
N ASP B 319 4.42 -26.30 -26.02
CA ASP B 319 5.56 -27.20 -25.99
C ASP B 319 6.59 -26.66 -25.02
N LEU B 320 7.15 -27.53 -24.18
CA LEU B 320 8.14 -27.14 -23.21
C LEU B 320 9.28 -28.15 -23.20
N PRO B 321 10.50 -27.70 -22.88
CA PRO B 321 11.59 -28.66 -22.66
C PRO B 321 11.39 -29.40 -21.35
N VAL B 322 11.68 -30.71 -21.36
CA VAL B 322 11.49 -31.55 -20.19
C VAL B 322 12.60 -32.59 -20.16
N SER B 323 13.01 -32.97 -18.95
CA SER B 323 13.99 -34.04 -18.74
C SER B 323 13.20 -35.34 -18.59
N PHE B 324 12.94 -35.99 -19.72
CA PHE B 324 12.11 -37.19 -19.75
C PHE B 324 12.96 -38.43 -19.93
N SER B 325 12.58 -39.51 -19.26
CA SER B 325 13.26 -40.79 -19.34
C SER B 325 12.23 -41.91 -19.36
N GLY B 326 12.61 -43.03 -19.96
CA GLY B 326 11.74 -44.18 -20.04
C GLY B 326 10.94 -44.23 -21.33
N GLU B 327 9.86 -44.99 -21.29
CA GLU B 327 9.03 -45.20 -22.48
C GLU B 327 8.17 -43.97 -22.74
N PRO B 328 8.14 -43.46 -23.97
CA PRO B 328 7.27 -42.32 -24.27
C PRO B 328 5.84 -42.58 -23.82
N LEU B 329 5.12 -41.50 -23.50
CA LEU B 329 3.83 -41.63 -22.84
C LEU B 329 2.91 -40.48 -23.26
N THR B 330 1.61 -40.74 -23.19
CA THR B 330 0.59 -39.73 -23.40
C THR B 330 -0.48 -39.93 -22.33
N ILE B 331 -0.54 -39.02 -21.37
CA ILE B 331 -1.44 -39.14 -20.22
C ILE B 331 -2.22 -37.85 -20.07
N ALA B 332 -3.43 -37.96 -19.51
CA ALA B 332 -4.33 -36.84 -19.33
C ALA B 332 -4.66 -36.66 -17.86
N PHE B 333 -4.65 -35.41 -17.41
CA PHE B 333 -4.96 -35.08 -16.02
C PHE B 333 -5.97 -33.94 -15.97
N ASN B 334 -6.63 -33.83 -14.82
CA ASN B 334 -7.46 -32.66 -14.55
C ASN B 334 -6.55 -31.47 -14.27
N PRO B 335 -6.62 -30.39 -15.05
CA PRO B 335 -5.68 -29.27 -14.81
C PRO B 335 -5.76 -28.73 -13.40
N GLY B 336 -6.95 -28.71 -12.81
CA GLY B 336 -7.09 -28.29 -11.43
C GLY B 336 -6.24 -29.13 -10.49
N TYR B 337 -6.50 -30.44 -10.46
CA TYR B 337 -5.71 -31.32 -9.60
C TYR B 337 -4.22 -31.20 -9.92
N LEU B 338 -3.88 -31.07 -11.20
CA LEU B 338 -2.49 -31.00 -11.61
C LEU B 338 -1.79 -29.81 -10.98
N THR B 339 -2.37 -28.61 -11.15
CA THR B 339 -1.75 -27.42 -10.57
C THR B 339 -1.86 -27.41 -9.05
N ASP B 340 -2.93 -28.01 -8.50
CA ASP B 340 -3.00 -28.17 -7.05
C ASP B 340 -1.78 -28.92 -6.54
N GLY B 341 -1.49 -30.08 -7.12
CA GLY B 341 -0.30 -30.81 -6.71
C GLY B 341 0.97 -30.00 -6.92
N LEU B 342 1.14 -29.43 -8.11
CA LEU B 342 2.35 -28.67 -8.41
C LEU B 342 2.59 -27.58 -7.37
N GLY B 343 1.53 -26.86 -6.99
CA GLY B 343 1.68 -25.78 -6.04
C GLY B 343 2.05 -26.22 -4.64
N ALA B 344 1.88 -27.50 -4.33
CA ALA B 344 2.17 -28.00 -2.99
C ALA B 344 3.61 -28.47 -2.83
N LEU B 345 4.30 -28.75 -3.94
CA LEU B 345 5.65 -29.32 -3.84
C LEU B 345 6.60 -28.38 -3.12
N HIS B 346 6.55 -27.09 -3.44
CA HIS B 346 7.43 -26.07 -2.84
C HIS B 346 8.88 -26.33 -3.24
N SER B 347 9.07 -26.79 -4.46
CA SER B 347 10.37 -27.10 -5.02
C SER B 347 10.43 -26.39 -6.36
N GLU B 348 11.65 -26.21 -6.84
CA GLU B 348 11.85 -25.51 -8.12
C GLU B 348 11.50 -26.43 -9.27
N ARG B 349 11.86 -27.70 -9.14
CA ARG B 349 11.61 -28.69 -10.17
C ARG B 349 10.71 -29.78 -9.62
N VAL B 350 9.70 -30.14 -10.39
CA VAL B 350 8.85 -31.28 -10.09
C VAL B 350 9.35 -32.49 -10.85
N THR B 351 9.13 -33.67 -10.28
CA THR B 351 9.44 -34.93 -10.92
C THR B 351 8.18 -35.78 -10.95
N PHE B 352 7.81 -36.23 -12.15
CA PHE B 352 6.71 -37.14 -12.37
C PHE B 352 7.22 -38.58 -12.44
N GLY B 353 6.38 -39.50 -11.98
CA GLY B 353 6.65 -40.91 -12.11
C GLY B 353 5.45 -41.60 -12.72
N PHE B 354 5.49 -41.84 -14.03
CA PHE B 354 4.40 -42.46 -14.74
C PHE B 354 4.64 -43.95 -14.91
N THR B 355 3.55 -44.70 -15.01
CA THR B 355 3.59 -46.09 -15.46
C THR B 355 2.71 -46.29 -16.69
N THR B 356 1.41 -46.08 -16.56
CA THR B 356 0.47 -46.19 -17.67
C THR B 356 -0.45 -44.98 -17.69
N PRO B 357 -0.99 -44.62 -18.86
CA PRO B 357 -1.92 -43.49 -18.91
C PRO B 357 -3.19 -43.71 -18.10
N SER B 358 -3.43 -44.92 -17.58
CA SER B 358 -4.59 -45.20 -16.76
C SER B 358 -4.26 -45.34 -15.28
N LYS B 359 -2.98 -45.39 -14.91
CA LYS B 359 -2.56 -45.61 -13.54
C LYS B 359 -2.03 -44.32 -12.92
N PRO B 360 -2.04 -44.23 -11.59
CA PRO B 360 -1.67 -42.97 -10.95
C PRO B 360 -0.26 -42.52 -11.32
N ALA B 361 -0.03 -41.22 -11.16
CA ALA B 361 1.26 -40.60 -11.42
C ALA B 361 1.75 -39.92 -10.15
N VAL B 362 3.01 -40.14 -9.81
CA VAL B 362 3.61 -39.51 -8.64
C VAL B 362 4.09 -38.12 -9.02
N LEU B 363 3.88 -37.16 -8.12
CA LEU B 363 4.45 -35.82 -8.25
C LEU B 363 5.24 -35.55 -6.98
N ARG B 364 6.52 -35.21 -7.13
CA ARG B 364 7.37 -34.97 -5.97
C ARG B 364 8.45 -33.98 -6.34
N PRO B 365 9.11 -33.37 -5.36
CA PRO B 365 10.26 -32.51 -5.67
C PRO B 365 11.34 -33.30 -6.41
N ALA B 366 12.14 -32.56 -7.17
CA ALA B 366 13.24 -33.18 -7.90
C ALA B 366 14.42 -33.43 -6.98
N THR B 367 15.23 -34.43 -7.33
CA THR B 367 16.42 -34.79 -6.59
C THR B 367 17.58 -35.00 -7.55
N GLU B 368 18.80 -34.87 -7.04
CA GLU B 368 19.97 -35.14 -7.86
C GLU B 368 19.97 -36.55 -8.39
N ALA B 369 19.33 -37.48 -7.67
CA ALA B 369 19.20 -38.85 -8.17
C ALA B 369 18.54 -38.88 -9.54
N ASP B 370 17.59 -37.96 -9.79
CA ASP B 370 16.93 -37.91 -11.09
C ASP B 370 17.87 -37.37 -12.16
N ALA B 371 18.72 -36.42 -11.80
CA ALA B 371 19.74 -35.96 -12.73
C ALA B 371 20.71 -37.09 -13.06
N ALA B 372 20.95 -38.00 -12.11
CA ALA B 372 21.81 -39.15 -12.31
C ALA B 372 21.06 -40.37 -12.83
N LEU B 373 19.98 -40.15 -13.59
CA LEU B 373 19.15 -41.25 -14.08
C LEU B 373 19.61 -41.65 -15.47
N ASN B 374 19.75 -42.96 -15.70
CA ASN B 374 20.14 -43.48 -17.00
C ASN B 374 19.55 -44.88 -17.17
N GLY B 375 19.23 -45.22 -18.40
CA GLY B 375 18.61 -46.48 -18.73
C GLY B 375 17.14 -46.32 -19.09
N ASN B 376 16.62 -47.32 -19.78
CA ASN B 376 15.23 -47.32 -20.21
C ASN B 376 14.25 -47.67 -19.09
N GLY B 377 14.75 -47.92 -17.88
CA GLY B 377 13.89 -48.32 -16.79
C GLY B 377 13.42 -49.76 -16.94
N PRO B 378 12.42 -50.17 -16.14
CA PRO B 378 11.74 -49.38 -15.11
C PRO B 378 12.68 -48.81 -14.04
N PHE B 379 12.24 -47.74 -13.38
CA PHE B 379 13.04 -47.05 -12.38
C PHE B 379 12.45 -47.27 -11.00
N PRO B 380 13.24 -47.71 -10.02
CA PRO B 380 12.67 -47.96 -8.69
C PRO B 380 12.19 -46.67 -8.04
N ALA B 381 11.03 -46.75 -7.38
CA ALA B 381 10.51 -45.61 -6.66
C ALA B 381 11.53 -45.12 -5.64
N ALA B 382 11.62 -43.79 -5.50
CA ALA B 382 12.57 -43.17 -4.61
C ALA B 382 11.84 -42.60 -3.40
N GLU B 383 12.49 -42.66 -2.24
CA GLU B 383 11.90 -42.10 -1.03
C GLU B 383 11.89 -40.58 -1.10
N THR B 384 10.81 -39.98 -0.59
CA THR B 384 10.65 -38.54 -0.64
C THR B 384 9.85 -38.09 0.57
N ASP B 385 10.02 -36.81 0.92
CA ASP B 385 9.30 -36.26 2.06
C ASP B 385 7.85 -35.90 1.69
N TYR B 386 7.58 -35.57 0.44
CA TYR B 386 6.23 -35.24 -0.01
C TYR B 386 5.95 -35.95 -1.31
N VAL B 387 4.72 -36.46 -1.44
CA VAL B 387 4.27 -37.11 -2.66
C VAL B 387 2.82 -36.70 -2.92
N TYR B 388 2.53 -36.36 -4.17
CA TYR B 388 1.19 -36.00 -4.63
C TYR B 388 0.82 -36.99 -5.73
N LEU B 389 0.00 -37.98 -5.38
CA LEU B 389 -0.37 -39.07 -6.29
C LEU B 389 -1.70 -38.71 -6.94
N LEU B 390 -1.63 -38.16 -8.15
CA LEU B 390 -2.83 -37.74 -8.87
C LEU B 390 -3.29 -38.85 -9.81
N MET B 391 -4.57 -39.19 -9.73
CA MET B 391 -5.11 -40.22 -10.60
C MET B 391 -5.43 -39.62 -11.97
N PRO B 392 -5.17 -40.35 -13.06
CA PRO B 392 -5.33 -39.73 -14.39
C PRO B 392 -6.78 -39.63 -14.85
N VAL B 393 -6.96 -39.31 -16.13
CA VAL B 393 -8.26 -39.20 -16.76
C VAL B 393 -8.23 -40.01 -18.05
N ARG B 394 -9.31 -40.73 -18.32
CA ARG B 394 -9.35 -41.61 -19.47
C ARG B 394 -9.33 -40.80 -20.76
N LEU B 395 -8.54 -41.26 -21.73
CA LEU B 395 -8.45 -40.65 -23.05
C LEU B 395 -9.40 -41.34 -24.03
N PRO B 396 -9.76 -40.66 -25.12
CA PRO B 396 -10.66 -41.24 -26.14
C PRO B 396 -10.21 -42.62 -26.61
N GLN C 1 -37.60 5.64 7.95
CA GLN C 1 -36.80 6.37 6.95
C GLN C 1 -37.70 7.26 6.10
N PHE C 2 -37.53 8.58 6.24
CA PHE C 2 -38.29 9.51 5.43
C PHE C 2 -37.77 9.50 3.99
N ASP C 3 -38.56 10.10 3.09
CA ASP C 3 -38.26 10.13 1.66
C ASP C 3 -38.11 11.58 1.21
N LEU C 4 -37.04 11.84 0.46
CA LEU C 4 -36.88 13.15 -0.17
C LEU C 4 -38.10 13.49 -1.02
N PHE C 5 -38.55 12.53 -1.81
CA PHE C 5 -39.68 12.72 -2.71
C PHE C 5 -40.43 11.40 -2.84
N GLY C 6 -41.33 11.32 -3.81
CA GLY C 6 -42.11 10.12 -4.03
C GLY C 6 -43.35 10.09 -3.15
N GLN D 1 -12.37 -39.57 -15.30
CA GLN D 1 -11.51 -39.47 -14.13
C GLN D 1 -11.39 -40.84 -13.45
N PHE D 2 -10.17 -41.36 -13.37
CA PHE D 2 -9.92 -42.61 -12.70
C PHE D 2 -9.88 -42.41 -11.19
N ASP D 3 -10.03 -43.52 -10.46
CA ASP D 3 -10.17 -43.51 -9.01
C ASP D 3 -8.99 -44.24 -8.39
N LEU D 4 -8.36 -43.61 -7.39
CA LEU D 4 -7.27 -44.27 -6.67
C LEU D 4 -7.74 -45.55 -6.01
N PHE D 5 -8.85 -45.47 -5.27
CA PHE D 5 -9.40 -46.63 -4.57
C PHE D 5 -10.92 -46.57 -4.71
N GLY D 6 -11.49 -47.58 -5.38
CA GLY D 6 -12.92 -47.64 -5.57
C GLY D 6 -13.66 -47.53 -4.25
N LEU E 8 27.92 -18.32 33.53
CA LEU E 8 27.84 -19.76 33.78
C LEU E 8 28.19 -20.54 32.52
N THR E 9 27.24 -20.61 31.59
CA THR E 9 27.40 -21.35 30.34
C THR E 9 27.11 -20.42 29.16
N ASP E 10 27.25 -20.96 27.96
CA ASP E 10 26.96 -20.20 26.75
C ASP E 10 25.46 -20.24 26.46
N LEU E 11 24.93 -19.10 26.02
CA LEU E 11 23.51 -19.01 25.73
C LEU E 11 23.14 -19.89 24.54
N LYS E 12 21.98 -20.53 24.64
CA LYS E 12 21.39 -21.25 23.50
C LYS E 12 19.88 -21.13 23.63
N VAL E 13 19.25 -20.49 22.66
CA VAL E 13 17.85 -20.09 22.79
C VAL E 13 17.19 -20.14 21.41
N ARG E 14 15.87 -20.36 21.42
CA ARG E 14 15.04 -20.29 20.23
C ARG E 14 13.93 -19.27 20.47
N LEU E 15 13.73 -18.36 19.53
CA LEU E 15 12.81 -17.25 19.70
C LEU E 15 11.95 -17.07 18.46
N VAL E 16 10.85 -16.34 18.64
CA VAL E 16 9.97 -15.99 17.52
C VAL E 16 10.57 -14.81 16.77
N ARG E 17 10.45 -14.85 15.44
CA ARG E 17 11.07 -13.83 14.62
C ARG E 17 10.55 -12.44 14.98
N ASP E 18 9.23 -12.27 15.00
CA ASP E 18 8.66 -10.95 15.21
C ASP E 18 8.94 -10.45 16.63
N ASP E 19 8.93 -11.35 17.62
CA ASP E 19 9.28 -10.96 18.98
C ASP E 19 10.71 -10.46 19.05
N PHE E 20 11.64 -11.22 18.46
CA PHE E 20 13.05 -10.85 18.54
C PHE E 20 13.34 -9.61 17.70
N ALA E 21 12.74 -9.51 16.51
CA ALA E 21 12.96 -8.34 15.66
C ALA E 21 12.36 -7.09 16.27
N ASP E 22 11.18 -7.20 16.89
CA ASP E 22 10.59 -6.05 17.56
C ASP E 22 11.47 -5.61 18.72
N ALA E 23 11.81 -6.53 19.62
CA ALA E 23 12.64 -6.19 20.77
C ALA E 23 13.95 -5.54 20.33
N VAL E 24 14.68 -6.21 19.43
CA VAL E 24 15.96 -5.69 18.99
C VAL E 24 15.78 -4.35 18.31
N ALA E 25 14.73 -4.21 17.49
CA ALA E 25 14.50 -2.95 16.80
C ALA E 25 14.34 -1.80 17.78
N TRP E 26 13.43 -1.94 18.73
CA TRP E 26 13.20 -0.85 19.68
C TRP E 26 14.43 -0.59 20.53
N VAL E 27 15.11 -1.65 20.97
CA VAL E 27 16.29 -1.47 21.81
C VAL E 27 17.39 -0.75 21.06
N ALA E 28 17.58 -1.10 19.78
CA ALA E 28 18.63 -0.46 18.99
C ALA E 28 18.34 1.01 18.72
N ARG E 29 17.07 1.41 18.75
CA ARG E 29 16.72 2.80 18.52
C ARG E 29 17.45 3.73 19.47
N SER E 30 17.85 3.22 20.64
CA SER E 30 18.53 4.02 21.66
C SER E 30 20.04 3.94 21.57
N LEU E 31 20.58 3.11 20.68
CA LEU E 31 22.02 2.89 20.65
C LEU E 31 22.75 4.20 20.34
N PRO E 32 23.97 4.37 20.85
CA PRO E 32 24.74 5.58 20.55
C PRO E 32 25.18 5.61 19.09
N SER E 33 25.15 6.81 18.50
CA SER E 33 25.56 6.96 17.11
C SER E 33 27.02 6.53 16.92
N ARG E 34 27.93 7.14 17.68
CA ARG E 34 29.34 6.77 17.65
C ARG E 34 29.89 6.91 19.07
N PRO E 35 29.78 5.87 19.88
CA PRO E 35 30.25 5.96 21.27
C PRO E 35 31.77 5.99 21.34
N THR E 36 32.28 6.70 22.35
CA THR E 36 33.71 6.72 22.59
C THR E 36 34.19 5.44 23.26
N VAL E 37 33.32 4.78 24.03
CA VAL E 37 33.60 3.46 24.59
C VAL E 37 32.92 2.43 23.69
N PRO E 38 33.65 1.74 22.81
CA PRO E 38 32.99 0.88 21.82
C PRO E 38 32.05 -0.16 22.43
N VAL E 39 32.25 -0.53 23.69
CA VAL E 39 31.37 -1.52 24.31
C VAL E 39 29.93 -1.04 24.29
N LEU E 40 29.72 0.27 24.49
CA LEU E 40 28.37 0.82 24.48
C LEU E 40 27.67 0.61 23.14
N ALA E 41 28.44 0.40 22.07
CA ALA E 41 27.84 0.14 20.76
C ALA E 41 27.19 -1.23 20.67
N GLY E 42 27.26 -2.03 21.73
CA GLY E 42 26.72 -3.37 21.72
C GLY E 42 25.32 -3.45 22.33
N VAL E 43 24.68 -4.59 22.07
CA VAL E 43 23.40 -4.95 22.66
C VAL E 43 23.61 -6.20 23.51
N LEU E 44 23.07 -6.19 24.71
CA LEU E 44 23.25 -7.28 25.66
C LEU E 44 22.05 -8.23 25.56
N LEU E 45 22.33 -9.50 25.30
CA LEU E 45 21.33 -10.55 25.26
C LEU E 45 21.57 -11.48 26.44
N THR E 46 20.57 -11.58 27.33
CA THR E 46 20.69 -12.37 28.56
C THR E 46 19.54 -13.37 28.60
N GLY E 47 19.87 -14.65 28.51
CA GLY E 47 18.87 -15.71 28.57
C GLY E 47 18.81 -16.31 29.96
N SER E 48 17.60 -16.34 30.53
CA SER E 48 17.41 -16.85 31.88
C SER E 48 16.03 -17.47 32.00
N ASP E 49 15.98 -18.65 32.63
CA ASP E 49 14.72 -19.35 32.87
C ASP E 49 13.93 -19.48 31.58
N ASP E 50 12.91 -18.64 31.41
CA ASP E 50 12.03 -18.69 30.24
C ASP E 50 11.88 -17.31 29.62
N GLY E 51 12.98 -16.59 29.48
CA GLY E 51 12.92 -15.24 28.93
C GLY E 51 14.27 -14.79 28.40
N LEU E 52 14.22 -13.99 27.34
CA LEU E 52 15.41 -13.36 26.77
C LEU E 52 15.33 -11.87 27.03
N THR E 53 16.36 -11.34 27.72
CA THR E 53 16.42 -9.93 28.08
C THR E 53 17.37 -9.22 27.12
N ILE E 54 16.82 -8.43 26.21
CA ILE E 54 17.61 -7.59 25.31
C ILE E 54 17.72 -6.21 25.93
N SER E 55 18.91 -5.61 25.83
CA SER E 55 19.13 -4.32 26.47
C SER E 55 20.23 -3.55 25.75
N SER E 56 20.16 -2.23 25.88
CA SER E 56 21.17 -1.30 25.38
C SER E 56 21.28 -0.15 26.36
N PHE E 57 22.46 0.46 26.42
CA PHE E 57 22.74 1.47 27.44
C PHE E 57 23.99 2.24 27.05
N ASP E 58 23.92 3.57 27.16
CA ASP E 58 25.04 4.43 26.76
C ASP E 58 25.35 5.47 27.82
N TYR E 59 25.15 5.14 29.09
CA TYR E 59 25.44 6.01 30.23
C TYR E 59 24.48 7.21 30.32
N GLU E 60 23.61 7.38 29.32
CA GLU E 60 22.69 8.51 29.33
C GLU E 60 21.28 8.05 29.02
N VAL E 61 21.15 7.02 28.17
CA VAL E 61 19.86 6.45 27.81
C VAL E 61 19.96 4.94 27.94
N SER E 62 18.87 4.32 28.40
CA SER E 62 18.81 2.88 28.62
C SER E 62 17.52 2.33 28.07
N ALA E 63 17.62 1.18 27.39
CA ALA E 63 16.46 0.47 26.85
C ALA E 63 16.59 -1.01 27.19
N GLU E 64 15.51 -1.60 27.69
CA GLU E 64 15.52 -3.00 28.09
C GLU E 64 14.14 -3.60 27.83
N VAL E 65 14.13 -4.90 27.54
CA VAL E 65 12.89 -5.61 27.28
C VAL E 65 13.15 -7.11 27.36
N GLN E 66 12.22 -7.83 27.98
CA GLN E 66 12.27 -9.28 28.05
C GLN E 66 11.17 -9.85 27.19
N ILE E 67 11.53 -10.80 26.33
CA ILE E 67 10.56 -11.44 25.44
C ILE E 67 10.52 -12.93 25.78
N PRO E 68 9.42 -13.61 25.44
CA PRO E 68 9.37 -15.06 25.67
C PRO E 68 10.37 -15.79 24.80
N ALA E 69 10.95 -16.85 25.35
CA ALA E 69 12.01 -17.57 24.66
C ALA E 69 12.02 -19.03 25.11
N GLU E 70 12.66 -19.86 24.30
CA GLU E 70 12.87 -21.28 24.60
C GLU E 70 14.36 -21.43 24.91
N ILE E 71 14.68 -21.36 26.20
CA ILE E 71 16.06 -21.29 26.67
C ILE E 71 16.59 -22.71 26.80
N ALA E 72 17.28 -23.18 25.75
CA ALA E 72 17.95 -24.48 25.85
C ALA E 72 19.13 -24.42 26.82
N ALA E 73 19.77 -23.25 26.95
CA ALA E 73 20.88 -23.07 27.87
C ALA E 73 20.99 -21.59 28.22
N PRO E 74 21.19 -21.24 29.48
CA PRO E 74 21.25 -19.82 29.84
C PRO E 74 22.63 -19.23 29.60
N GLY E 75 22.66 -17.90 29.49
CA GLY E 75 23.90 -17.19 29.31
C GLY E 75 23.74 -15.75 28.86
N THR E 76 24.81 -14.97 29.02
CA THR E 76 24.86 -13.59 28.57
C THR E 76 25.83 -13.46 27.39
N VAL E 77 25.51 -12.53 26.49
CA VAL E 77 26.37 -12.28 25.33
C VAL E 77 26.13 -10.86 24.86
N LEU E 78 27.20 -10.23 24.38
CA LEU E 78 27.19 -8.85 23.89
C LEU E 78 27.57 -8.86 22.43
N VAL E 79 26.66 -8.35 21.57
CA VAL E 79 26.87 -8.37 20.14
C VAL E 79 26.68 -6.95 19.59
N SER E 80 27.14 -6.75 18.35
CA SER E 80 27.05 -5.45 17.71
C SER E 80 25.59 -5.10 17.45
N GLY E 81 25.14 -4.00 18.05
CA GLY E 81 23.73 -3.62 17.93
C GLY E 81 23.35 -3.26 16.50
N ARG E 82 24.18 -2.47 15.83
CA ARG E 82 23.93 -2.14 14.43
C ARG E 82 23.72 -3.40 13.60
N LEU E 83 24.72 -4.28 13.57
CA LEU E 83 24.66 -5.46 12.72
C LEU E 83 23.51 -6.36 13.13
N LEU E 84 23.31 -6.56 14.43
CA LEU E 84 22.20 -7.40 14.88
C LEU E 84 20.87 -6.84 14.40
N SER E 85 20.68 -5.52 14.51
CA SER E 85 19.44 -4.90 14.07
C SER E 85 19.25 -5.10 12.57
N GLU E 86 20.30 -4.82 11.78
CA GLU E 86 20.20 -5.00 10.35
C GLU E 86 19.92 -6.44 9.97
N ILE E 87 20.43 -7.39 10.76
CA ILE E 87 20.18 -8.81 10.47
C ILE E 87 18.73 -9.16 10.77
N THR E 88 18.29 -8.91 12.01
CA THR E 88 16.90 -9.21 12.36
C THR E 88 15.93 -8.54 11.41
N ARG E 89 16.27 -7.34 10.94
CA ARG E 89 15.38 -6.63 10.02
C ARG E 89 15.16 -7.39 8.72
N ALA E 90 16.15 -8.18 8.29
CA ALA E 90 16.07 -8.92 7.03
C ALA E 90 15.89 -10.41 7.22
N LEU E 91 15.79 -10.88 8.46
CA LEU E 91 15.60 -12.30 8.70
C LEU E 91 14.27 -12.76 8.13
N PRO E 92 14.20 -13.94 7.52
CA PRO E 92 12.91 -14.44 7.04
C PRO E 92 11.97 -14.75 8.19
N ASN E 93 10.67 -14.63 7.94
CA ASN E 93 9.65 -14.89 8.95
C ASN E 93 9.70 -16.38 9.31
N LYS E 94 10.70 -16.72 10.11
CA LYS E 94 10.98 -18.10 10.47
C LYS E 94 11.49 -18.13 11.90
N PRO E 95 11.44 -19.28 12.58
CA PRO E 95 12.01 -19.38 13.92
C PRO E 95 13.46 -18.91 13.92
N VAL E 96 13.87 -18.29 15.02
CA VAL E 96 15.21 -17.70 15.15
C VAL E 96 15.95 -18.45 16.23
N ASP E 97 16.98 -19.20 15.84
CA ASP E 97 17.85 -19.91 16.76
C ASP E 97 19.10 -19.08 17.02
N LEU E 98 19.47 -18.95 18.29
CA LEU E 98 20.67 -18.23 18.71
C LEU E 98 21.51 -19.15 19.57
N SER E 99 22.79 -19.25 19.25
CA SER E 99 23.68 -20.21 19.91
C SER E 99 25.06 -19.60 20.04
N VAL E 100 25.49 -19.34 21.27
CA VAL E 100 26.82 -18.81 21.52
C VAL E 100 27.81 -19.96 21.61
N GLU E 101 28.98 -19.77 21.01
CA GLU E 101 30.02 -20.79 21.00
C GLU E 101 31.38 -20.11 20.93
N GLY E 102 32.16 -20.26 21.99
CA GLY E 102 33.46 -19.62 22.03
C GLY E 102 33.32 -18.11 21.96
N THR E 103 33.94 -17.50 20.95
CA THR E 103 33.92 -16.06 20.77
C THR E 103 33.00 -15.62 19.63
N ARG E 104 32.11 -16.52 19.18
CA ARG E 104 31.21 -16.23 18.08
C ARG E 104 29.79 -16.61 18.45
N VAL E 105 28.84 -15.85 17.90
CA VAL E 105 27.41 -16.09 18.10
C VAL E 105 26.82 -16.57 16.78
N SER E 106 26.06 -17.65 16.83
CA SER E 106 25.40 -18.23 15.67
C SER E 106 23.93 -17.82 15.69
N LEU E 107 23.51 -17.11 14.64
CA LEU E 107 22.12 -16.68 14.49
C LEU E 107 21.57 -17.38 13.25
N THR E 108 20.83 -18.47 13.46
CA THR E 108 20.25 -19.24 12.37
C THR E 108 18.77 -18.90 12.25
N CYS E 109 18.31 -18.69 11.02
CA CYS E 109 16.89 -18.46 10.75
C CYS E 109 16.57 -19.20 9.46
N GLY E 110 15.98 -20.39 9.61
CA GLY E 110 15.68 -21.23 8.46
C GLY E 110 16.93 -21.57 7.66
N SER E 111 17.03 -21.02 6.45
CA SER E 111 18.20 -21.25 5.60
C SER E 111 19.30 -20.23 5.83
N ALA E 112 18.97 -19.07 6.41
CA ALA E 112 19.99 -18.06 6.71
C ALA E 112 20.79 -18.47 7.93
N ARG E 113 22.11 -18.30 7.85
CA ARG E 113 23.01 -18.66 8.94
CA ARG E 113 23.01 -18.65 8.94
C ARG E 113 24.04 -17.55 9.08
N PHE E 114 23.95 -16.80 10.18
CA PHE E 114 24.86 -15.69 10.46
C PHE E 114 25.80 -16.06 11.61
N SER E 115 27.01 -15.53 11.57
CA SER E 115 28.01 -15.76 12.60
C SER E 115 28.68 -14.43 12.92
N LEU E 116 28.51 -13.96 14.16
CA LEU E 116 29.00 -12.66 14.58
C LEU E 116 30.06 -12.80 15.67
N PRO E 117 30.96 -11.83 15.79
CA PRO E 117 31.93 -11.87 16.89
C PRO E 117 31.35 -11.32 18.19
N THR E 118 31.77 -11.91 19.30
CA THR E 118 31.30 -11.49 20.61
C THR E 118 32.14 -10.32 21.13
N MET E 119 31.51 -9.51 21.97
CA MET E 119 32.15 -8.36 22.58
C MET E 119 32.37 -8.59 24.07
N ALA E 120 33.23 -7.76 24.65
CA ALA E 120 33.63 -7.92 26.05
C ALA E 120 32.44 -7.69 26.96
N VAL E 121 31.79 -8.78 27.38
CA VAL E 121 30.64 -8.66 28.27
C VAL E 121 31.05 -8.09 29.62
N GLU E 122 32.26 -8.40 30.09
CA GLU E 122 32.69 -7.95 31.41
C GLU E 122 32.80 -6.44 31.46
N ASP E 123 33.27 -5.82 30.38
CA ASP E 123 33.39 -4.36 30.34
C ASP E 123 32.06 -3.64 30.21
N TYR E 124 30.96 -4.37 30.00
CA TYR E 124 29.67 -3.73 29.83
C TYR E 124 29.12 -3.30 31.19
N PRO E 125 28.68 -2.06 31.33
CA PRO E 125 28.15 -1.60 32.62
C PRO E 125 26.72 -2.07 32.83
N ALA E 126 26.35 -2.17 34.11
CA ALA E 126 24.99 -2.53 34.46
C ALA E 126 24.02 -1.39 34.13
N LEU E 127 22.80 -1.77 33.78
CA LEU E 127 21.79 -0.77 33.48
C LEU E 127 21.34 -0.04 34.75
N PRO E 128 20.85 1.19 34.63
CA PRO E 128 20.41 1.91 35.82
C PRO E 128 19.11 1.34 36.37
N GLU E 129 19.04 1.20 37.70
CA GLU E 129 17.84 0.69 38.33
C GLU E 129 16.75 1.76 38.29
N LEU E 130 15.60 1.41 37.73
CA LEU E 130 14.50 2.36 37.66
C LEU E 130 13.97 2.65 39.06
N PRO E 131 13.57 3.90 39.35
CA PRO E 131 12.99 4.19 40.68
C PRO E 131 11.66 3.47 40.87
N ALA E 132 10.95 3.81 41.94
CA ALA E 132 9.61 3.29 42.16
C ALA E 132 8.59 4.05 41.32
N GLU E 133 7.51 3.38 40.97
CA GLU E 133 6.48 3.99 40.15
C GLU E 133 5.96 5.27 40.81
N THR E 134 6.09 6.38 40.10
CA THR E 134 5.60 7.66 40.59
C THR E 134 4.21 8.02 40.06
N GLY E 135 3.78 7.39 38.97
CA GLY E 135 2.48 7.68 38.40
C GLY E 135 2.30 7.06 37.03
N SER E 136 1.06 6.99 36.56
CA SER E 136 0.72 6.33 35.31
C SER E 136 0.01 7.31 34.37
N VAL E 137 0.29 7.19 33.08
CA VAL E 137 -0.33 8.02 32.05
C VAL E 137 -0.68 7.16 30.86
N PRO E 138 -1.73 7.53 30.12
CA PRO E 138 -2.00 6.86 28.84
C PRO E 138 -0.89 7.15 27.84
N ALA E 139 -0.41 6.10 27.18
CA ALA E 139 0.75 6.23 26.30
C ALA E 139 0.50 7.24 25.19
N ASP E 140 -0.64 7.11 24.50
CA ASP E 140 -0.92 8.00 23.37
C ASP E 140 -1.02 9.45 23.84
N LEU E 141 -1.77 9.71 24.91
CA LEU E 141 -1.91 11.07 25.40
C LEU E 141 -0.57 11.63 25.85
N PHE E 142 0.22 10.84 26.58
CA PHE E 142 1.53 11.29 27.02
C PHE E 142 2.39 11.68 25.82
N ALA E 143 2.46 10.80 24.81
CA ALA E 143 3.24 11.12 23.62
C ALA E 143 2.71 12.36 22.93
N GLU E 144 1.39 12.53 22.89
CA GLU E 144 0.82 13.71 22.25
C GLU E 144 1.26 14.97 22.96
N ALA E 145 1.12 15.01 24.30
CA ALA E 145 1.52 16.18 25.05
C ALA E 145 2.99 16.51 24.81
N ILE E 146 3.86 15.51 24.92
CA ILE E 146 5.27 15.72 24.65
C ILE E 146 5.47 16.34 23.27
N GLY E 147 4.74 15.83 22.28
CA GLY E 147 4.85 16.38 20.94
C GLY E 147 4.39 17.82 20.86
N GLN E 148 3.25 18.13 21.50
CA GLN E 148 2.70 19.47 21.43
C GLN E 148 3.65 20.50 22.02
N VAL E 149 4.45 20.12 23.01
CA VAL E 149 5.36 21.06 23.63
C VAL E 149 6.74 21.06 22.98
N ALA E 150 7.15 19.93 22.40
CA ALA E 150 8.50 19.83 21.83
C ALA E 150 8.73 20.90 20.77
N VAL E 151 7.69 21.27 20.01
CA VAL E 151 7.87 22.24 18.94
C VAL E 151 8.44 23.56 19.44
N ALA E 152 8.31 23.84 20.74
CA ALA E 152 8.79 25.09 21.30
C ALA E 152 10.20 25.00 21.87
N ALA E 153 10.78 23.80 21.91
CA ALA E 153 12.09 23.63 22.53
C ALA E 153 13.20 24.02 21.56
N GLY E 154 14.29 24.54 22.12
CA GLY E 154 15.42 24.95 21.32
C GLY E 154 16.20 23.78 20.76
N ARG E 155 17.07 24.11 19.79
CA ARG E 155 17.86 23.09 19.09
C ARG E 155 19.33 23.45 19.06
N ASP E 156 19.78 24.33 19.95
CA ASP E 156 21.16 24.84 19.93
C ASP E 156 21.90 24.34 21.16
N ASP E 157 22.86 23.44 20.94
CA ASP E 157 23.59 22.85 22.06
C ASP E 157 24.37 23.89 22.85
N THR E 158 24.69 25.03 22.25
CA THR E 158 25.37 26.08 23.01
C THR E 158 24.49 26.62 24.12
N LEU E 159 23.17 26.57 23.94
CA LEU E 159 22.24 26.89 25.02
C LEU E 159 21.53 25.60 25.42
N PRO E 160 22.14 24.78 26.28
CA PRO E 160 21.55 23.48 26.60
C PRO E 160 20.32 23.56 27.50
N MET E 161 20.09 24.68 28.17
CA MET E 161 18.91 24.81 29.01
C MET E 161 17.64 24.89 28.19
N LEU E 162 17.74 25.39 26.94
CA LEU E 162 16.58 25.47 26.07
C LEU E 162 16.30 24.17 25.33
N THR E 163 17.23 23.22 25.36
CA THR E 163 17.09 21.97 24.61
C THR E 163 16.19 20.95 25.30
N GLY E 164 15.71 21.24 26.52
CA GLY E 164 14.96 20.29 27.30
C GLY E 164 13.49 20.68 27.45
N ILE E 165 12.73 19.72 27.96
CA ILE E 165 11.32 19.89 28.28
C ILE E 165 11.16 19.88 29.79
N ARG E 166 10.49 20.91 30.33
CA ARG E 166 10.20 21.01 31.75
C ARG E 166 9.00 20.13 32.07
N VAL E 167 9.22 19.07 32.85
CA VAL E 167 8.16 18.20 33.32
C VAL E 167 7.87 18.54 34.78
N GLU E 168 6.61 18.83 35.08
CA GLU E 168 6.21 19.20 36.43
C GLU E 168 5.08 18.32 36.90
N ILE E 169 5.19 17.84 38.14
CA ILE E 169 4.23 16.95 38.77
C ILE E 169 3.76 17.59 40.05
N SER E 170 2.44 17.62 40.25
CA SER E 170 1.86 18.12 41.50
C SER E 170 0.50 17.43 41.65
N GLY E 171 0.48 16.37 42.45
CA GLY E 171 -0.77 15.64 42.62
C GLY E 171 -1.14 14.90 41.35
N ASP E 172 -2.40 15.05 40.93
CA ASP E 172 -2.94 14.34 39.78
C ASP E 172 -2.75 15.09 38.47
N ARG E 173 -2.01 16.19 38.47
CA ARG E 173 -1.83 17.02 37.30
C ARG E 173 -0.37 17.04 36.87
N MET E 174 -0.14 17.05 35.57
CA MET E 174 1.20 17.16 34.98
C MET E 174 1.23 18.33 34.03
N VAL E 175 2.35 19.05 34.01
CA VAL E 175 2.54 20.23 33.19
C VAL E 175 3.87 20.13 32.46
N LEU E 176 3.82 20.11 31.13
CA LEU E 176 5.00 20.12 30.29
C LEU E 176 5.19 21.52 29.70
N ALA E 177 6.45 21.95 29.61
CA ALA E 177 6.75 23.28 29.08
C ALA E 177 8.03 23.21 28.28
N ALA E 178 8.15 24.11 27.30
CA ALA E 178 9.36 24.21 26.50
C ALA E 178 9.41 25.58 25.85
N THR E 179 10.60 26.17 25.81
CA THR E 179 10.80 27.46 25.16
C THR E 179 12.18 27.51 24.53
N ASP E 180 12.28 28.26 23.43
CA ASP E 180 13.55 28.51 22.76
C ASP E 180 13.93 29.98 22.81
N ARG E 181 13.33 30.75 23.72
CA ARG E 181 13.55 32.18 23.93
C ARG E 181 12.69 33.02 22.99
N PHE E 182 11.95 32.40 22.07
CA PHE E 182 11.03 33.13 21.19
C PHE E 182 9.63 32.52 21.16
N ARG E 183 9.45 31.29 21.66
CA ARG E 183 8.16 30.63 21.75
C ARG E 183 8.13 29.81 23.03
N LEU E 184 6.93 29.64 23.58
CA LEU E 184 6.73 28.91 24.83
C LEU E 184 5.49 28.06 24.69
N ALA E 185 5.66 26.74 24.71
CA ALA E 185 4.55 25.80 24.64
C ALA E 185 4.35 25.18 26.01
N VAL E 186 3.12 25.17 26.50
CA VAL E 186 2.78 24.63 27.80
C VAL E 186 1.55 23.74 27.64
N ARG E 187 1.70 22.46 28.00
CA ARG E 187 0.61 21.50 27.95
C ARG E 187 0.36 20.95 29.34
N GLU E 188 -0.90 20.70 29.66
CA GLU E 188 -1.31 20.15 30.95
C GLU E 188 -2.19 18.93 30.71
N LEU E 189 -2.01 17.92 31.54
CA LEU E 189 -2.78 16.69 31.39
C LEU E 189 -2.92 16.01 32.75
N THR E 190 -4.01 15.25 32.88
CA THR E 190 -4.26 14.48 34.08
C THR E 190 -3.49 13.16 34.05
N TRP E 191 -3.07 12.71 35.23
CA TRP E 191 -2.44 11.40 35.33
C TRP E 191 -2.82 10.77 36.66
N THR E 192 -2.66 9.45 36.74
CA THR E 192 -3.07 8.68 37.91
C THR E 192 -1.86 8.40 38.78
N THR E 193 -2.01 8.64 40.08
CA THR E 193 -0.91 8.44 41.03
C THR E 193 -1.48 7.94 42.34
N LYS E 194 -0.88 6.88 42.88
CA LYS E 194 -1.29 6.35 44.18
C LYS E 194 -0.80 7.20 45.34
N THR E 195 0.10 8.15 45.07
CA THR E 195 0.65 9.04 46.11
C THR E 195 0.50 10.48 45.62
N PRO E 196 -0.70 11.04 45.73
CA PRO E 196 -0.93 12.39 45.18
C PRO E 196 -0.23 13.51 45.94
N ASP E 197 0.57 13.20 46.96
CA ASP E 197 1.29 14.22 47.70
C ASP E 197 2.60 14.61 47.05
N VAL E 198 2.97 13.98 45.94
CA VAL E 198 4.26 14.24 45.31
C VAL E 198 4.19 15.55 44.54
N GLU E 199 5.23 16.37 44.71
CA GLU E 199 5.44 17.61 43.96
C GLU E 199 6.88 17.58 43.47
N ALA E 200 7.08 17.24 42.19
CA ALA E 200 8.41 17.14 41.61
C ALA E 200 8.47 17.95 40.33
N ALA E 201 9.69 18.36 39.97
CA ALA E 201 9.92 19.13 38.75
C ALA E 201 11.27 18.74 38.18
N VAL E 202 11.27 18.18 36.97
CA VAL E 202 12.49 17.72 36.31
C VAL E 202 12.57 18.34 34.93
N LEU E 203 13.74 18.24 34.32
CA LEU E 203 14.00 18.74 32.98
C LEU E 203 14.62 17.59 32.18
N VAL E 204 13.96 17.17 31.12
CA VAL E 204 14.37 16.03 30.31
C VAL E 204 14.70 16.54 28.92
N PRO E 205 15.83 16.15 28.33
CA PRO E 205 16.09 16.54 26.94
C PRO E 205 14.90 16.24 26.05
N ALA E 206 14.52 17.22 25.23
CA ALA E 206 13.28 17.11 24.46
C ALA E 206 13.31 15.88 23.54
N LYS E 207 14.33 15.78 22.70
CA LYS E 207 14.42 14.65 21.78
C LYS E 207 14.44 13.33 22.54
N THR E 208 15.26 13.24 23.58
CA THR E 208 15.32 12.01 24.36
C THR E 208 13.99 11.69 25.04
N LEU E 209 13.21 12.73 25.38
CA LEU E 209 11.92 12.49 26.01
C LEU E 209 10.90 11.98 25.00
N ALA E 210 10.94 12.50 23.77
CA ALA E 210 10.04 11.98 22.74
C ALA E 210 10.38 10.53 22.42
N GLU E 211 11.65 10.26 22.11
CA GLU E 211 12.05 8.89 21.82
C GLU E 211 11.83 7.98 23.04
N ALA E 212 11.90 8.53 24.24
CA ALA E 212 11.59 7.75 25.43
C ALA E 212 10.09 7.50 25.54
N ALA E 213 9.27 8.46 25.11
CA ALA E 213 7.83 8.23 25.06
C ALA E 213 7.49 7.07 24.14
N LYS E 214 8.29 6.86 23.09
CA LYS E 214 8.08 5.72 22.21
CA LYS E 214 8.08 5.72 22.21
C LYS E 214 8.11 4.39 22.96
N THR E 215 8.58 4.37 24.22
CA THR E 215 8.60 3.14 24.99
C THR E 215 7.22 2.52 25.13
N GLY E 216 6.18 3.36 25.14
CA GLY E 216 4.82 2.86 25.25
C GLY E 216 4.04 2.99 23.96
N LEU E 217 3.53 1.87 23.45
CA LEU E 217 2.81 1.89 22.19
C LEU E 217 1.37 2.34 22.40
N ASP E 218 0.78 2.88 21.33
CA ASP E 218 -0.60 3.35 21.40
C ASP E 218 -1.51 2.20 21.81
N GLY E 219 -2.46 2.50 22.70
CA GLY E 219 -3.34 1.51 23.25
C GLY E 219 -2.91 0.93 24.58
N SER E 220 -1.85 1.45 25.18
CA SER E 220 -1.30 0.93 26.43
C SER E 220 -1.11 2.06 27.42
N GLU E 221 -0.54 1.72 28.58
CA GLU E 221 -0.21 2.67 29.62
C GLU E 221 1.30 2.82 29.73
N VAL E 222 1.74 3.93 30.33
CA VAL E 222 3.14 4.15 30.63
C VAL E 222 3.25 4.53 32.10
N GLN E 223 4.20 3.94 32.80
CA GLN E 223 4.46 4.25 34.21
C GLN E 223 5.76 5.04 34.30
N LEU E 224 5.67 6.24 34.87
CA LEU E 224 6.82 7.12 35.02
C LEU E 224 7.37 7.00 36.44
N ALA E 225 8.69 6.85 36.55
CA ALA E 225 9.37 6.71 37.82
C ALA E 225 10.50 7.74 37.88
N LEU E 226 10.33 8.75 38.72
CA LEU E 226 11.30 9.83 38.85
C LEU E 226 12.20 9.57 40.05
N GLY E 227 13.51 9.60 39.82
CA GLY E 227 14.49 9.41 40.87
C GLY E 227 14.99 10.71 41.46
N ALA E 228 16.07 10.61 42.22
CA ALA E 228 16.68 11.78 42.84
C ALA E 228 18.14 11.48 43.21
N ASP E 235 22.55 11.68 41.39
CA ASP E 235 22.14 11.79 40.00
C ASP E 235 20.67 11.39 39.85
N GLY E 236 19.92 12.18 39.10
CA GLY E 236 18.50 11.94 38.88
C GLY E 236 18.24 11.47 37.47
N LEU E 237 17.29 10.55 37.32
CA LEU E 237 16.90 10.02 36.02
C LEU E 237 15.40 9.78 36.00
N LEU E 238 14.86 9.74 34.78
CA LEU E 238 13.45 9.48 34.55
C LEU E 238 13.29 8.10 33.93
N GLY E 239 12.44 7.29 34.54
CA GLY E 239 12.19 5.93 34.07
C GLY E 239 10.80 5.82 33.48
N ILE E 240 10.69 5.06 32.39
CA ILE E 240 9.43 4.81 31.70
C ILE E 240 9.26 3.31 31.54
N ARG E 241 8.07 2.80 31.86
CA ARG E 241 7.78 1.38 31.75
C ARG E 241 6.47 1.18 31.00
N SER E 242 6.42 0.11 30.20
CA SER E 242 5.21 -0.21 29.45
C SER E 242 5.31 -1.56 28.79
N GLU E 243 4.29 -2.40 28.94
CA GLU E 243 4.20 -3.70 28.26
C GLU E 243 5.50 -4.48 28.37
N GLY E 244 6.17 -4.37 29.51
CA GLY E 244 7.41 -5.08 29.73
C GLY E 244 8.64 -4.38 29.22
N LYS E 245 8.51 -3.26 28.53
CA LYS E 245 9.65 -2.47 28.09
C LYS E 245 10.03 -1.48 29.18
N ARG E 246 11.32 -1.37 29.46
CA ARG E 246 11.85 -0.44 30.45
C ARG E 246 12.81 0.53 29.78
N SER E 247 12.75 1.80 30.18
CA SER E 247 13.56 2.85 29.59
C SER E 247 13.97 3.82 30.67
N THR E 248 15.17 4.39 30.52
CA THR E 248 15.64 5.42 31.43
C THR E 248 16.31 6.54 30.65
N THR E 249 16.07 7.77 31.10
CA THR E 249 16.65 8.96 30.49
C THR E 249 17.34 9.76 31.58
N ARG E 250 18.64 10.02 31.40
CA ARG E 250 19.37 10.87 32.34
C ARG E 250 18.80 12.28 32.29
N LEU E 251 18.51 12.84 33.46
CA LEU E 251 17.93 14.17 33.52
C LEU E 251 18.94 15.21 33.05
N LEU E 252 18.42 16.30 32.48
CA LEU E 252 19.24 17.42 32.02
C LEU E 252 19.51 18.36 33.18
N ASP E 253 20.79 18.59 33.46
CA ASP E 253 21.19 19.50 34.53
C ASP E 253 21.18 20.93 33.98
N ALA E 254 20.09 21.65 34.24
CA ALA E 254 19.94 23.01 33.74
C ALA E 254 18.70 23.63 34.36
N GLU E 255 18.80 24.89 34.75
CA GLU E 255 17.68 25.62 35.32
C GLU E 255 16.68 25.99 34.22
N PHE E 256 15.40 25.82 34.50
CA PHE E 256 14.39 26.16 33.52
C PHE E 256 13.80 27.53 33.82
N PRO E 257 13.51 28.34 32.79
CA PRO E 257 12.94 29.67 33.06
C PRO E 257 11.58 29.59 33.72
N LYS E 258 11.34 30.49 34.68
CA LYS E 258 10.01 30.65 35.25
C LYS E 258 9.08 31.14 34.14
N PHE E 259 8.18 30.27 33.68
CA PHE E 259 7.40 30.54 32.47
C PHE E 259 6.00 31.07 32.76
N ARG E 260 5.51 30.95 34.00
CA ARG E 260 4.12 31.26 34.26
C ARG E 260 3.83 32.76 34.18
N GLN E 261 4.78 33.60 34.59
CA GLN E 261 4.56 35.05 34.50
C GLN E 261 4.70 35.56 33.07
N LEU E 262 5.40 34.83 32.20
CA LEU E 262 5.45 35.21 30.79
C LEU E 262 4.08 35.22 30.16
N LEU E 263 3.20 34.32 30.58
CA LEU E 263 1.89 34.20 29.95
C LEU E 263 1.01 35.40 30.31
N PRO E 264 0.32 36.00 29.34
CA PRO E 264 -0.47 37.20 29.65
C PRO E 264 -1.72 36.87 30.44
N THR E 265 -2.19 37.86 31.20
CA THR E 265 -3.38 37.71 32.03
C THR E 265 -4.65 38.12 31.29
N GLU E 266 -4.58 39.16 30.46
CA GLU E 266 -5.72 39.61 29.68
C GLU E 266 -5.27 40.04 28.30
N HIS E 267 -6.17 39.92 27.33
CA HIS E 267 -5.89 40.25 25.94
C HIS E 267 -6.65 41.51 25.55
N THR E 268 -5.96 42.44 24.89
CA THR E 268 -6.61 43.60 24.31
C THR E 268 -7.33 43.28 23.01
N ALA E 269 -6.94 42.20 22.33
CA ALA E 269 -7.58 41.78 21.10
C ALA E 269 -7.74 40.26 21.11
N MET E 270 -8.65 39.77 20.26
CA MET E 270 -8.94 38.35 20.19
C MET E 270 -9.33 37.99 18.76
N ALA E 271 -9.05 36.74 18.39
CA ALA E 271 -9.41 36.25 17.07
C ALA E 271 -9.69 34.75 17.17
N THR E 272 -10.51 34.25 16.24
CA THR E 272 -10.83 32.83 16.16
C THR E 272 -10.87 32.44 14.69
N ILE E 273 -10.01 31.50 14.30
CA ILE E 273 -9.84 31.10 12.91
C ILE E 273 -9.84 29.58 12.84
N GLY E 274 -10.03 29.07 11.62
CA GLY E 274 -9.90 27.64 11.39
C GLY E 274 -8.44 27.27 11.23
N VAL E 275 -8.00 26.27 12.01
CA VAL E 275 -6.57 25.93 12.03
C VAL E 275 -6.11 25.52 10.64
N GLY E 276 -6.87 24.65 9.97
CA GLY E 276 -6.42 24.15 8.67
C GLY E 276 -6.30 25.25 7.63
N GLU E 277 -7.37 26.02 7.45
CA GLU E 277 -7.34 27.09 6.45
C GLU E 277 -6.26 28.12 6.78
N LEU E 278 -6.09 28.43 8.06
CA LEU E 278 -5.05 29.40 8.43
C LEU E 278 -3.66 28.86 8.13
N THR E 279 -3.41 27.58 8.42
CA THR E 279 -2.12 26.99 8.09
C THR E 279 -1.87 27.04 6.59
N GLU E 280 -2.87 26.62 5.80
CA GLU E 280 -2.73 26.64 4.34
C GLU E 280 -2.43 28.05 3.85
N ALA E 281 -3.11 29.06 4.40
CA ALA E 281 -2.89 30.43 3.96
C ALA E 281 -1.51 30.93 4.37
N ILE E 282 -1.10 30.65 5.61
CA ILE E 282 0.23 31.07 6.06
C ILE E 282 1.30 30.46 5.16
N LYS E 283 1.13 29.18 4.79
CA LYS E 283 2.12 28.52 3.94
C LYS E 283 2.11 29.07 2.52
N ARG E 284 0.94 29.49 2.02
CA ARG E 284 0.89 30.14 0.71
C ARG E 284 1.62 31.48 0.74
N VAL E 285 1.21 32.37 1.65
CA VAL E 285 1.75 33.72 1.67
C VAL E 285 3.21 33.72 2.09
N ALA E 286 3.64 32.73 2.88
CA ALA E 286 5.02 32.70 3.35
C ALA E 286 6.01 32.31 2.26
N LEU E 287 5.54 31.87 1.08
CA LEU E 287 6.44 31.47 0.03
C LEU E 287 7.32 32.64 -0.44
N VAL E 288 6.79 33.86 -0.39
CA VAL E 288 7.52 35.01 -0.92
C VAL E 288 8.33 35.75 0.14
N ALA E 289 8.19 35.38 1.42
CA ALA E 289 8.98 36.01 2.46
C ALA E 289 10.45 35.61 2.30
N ASP E 290 11.33 36.54 2.67
CA ASP E 290 12.78 36.33 2.55
C ASP E 290 13.20 35.20 3.49
N ARG E 291 13.42 34.01 2.93
CA ARG E 291 13.85 32.85 3.69
C ARG E 291 12.84 32.49 4.78
N GLY E 292 11.57 32.73 4.53
CA GLY E 292 10.52 32.45 5.50
C GLY E 292 10.79 33.13 6.83
N ALA E 293 11.01 34.45 6.80
CA ALA E 293 11.39 35.20 7.99
C ALA E 293 10.22 35.91 8.66
N GLN E 294 9.29 36.46 7.88
CA GLN E 294 8.25 37.30 8.45
C GLN E 294 6.97 37.21 7.62
N VAL E 295 5.84 37.30 8.32
CA VAL E 295 4.52 37.32 7.70
C VAL E 295 3.66 38.31 8.48
N ARG E 296 2.90 39.12 7.75
CA ARG E 296 2.10 40.18 8.36
C ARG E 296 0.63 39.76 8.43
N MET E 297 0.01 39.98 9.59
CA MET E 297 -1.41 39.75 9.80
C MET E 297 -2.09 41.09 10.09
N GLU E 298 -3.24 41.31 9.46
CA GLU E 298 -4.03 42.51 9.69
C GLU E 298 -5.47 42.11 10.00
N PHE E 299 -5.93 42.44 11.20
CA PHE E 299 -7.26 42.09 11.67
C PHE E 299 -8.13 43.33 11.75
N ALA E 300 -9.33 43.25 11.17
CA ALA E 300 -10.29 44.35 11.20
C ALA E 300 -11.59 43.88 10.58
N ASP E 301 -12.71 44.21 11.23
CA ASP E 301 -14.05 43.93 10.70
C ASP E 301 -14.21 42.46 10.35
N ASP E 302 -13.74 41.59 11.25
CA ASP E 302 -13.91 40.15 11.09
C ASP E 302 -13.33 39.65 9.78
N VAL E 303 -12.17 40.18 9.40
CA VAL E 303 -11.46 39.72 8.21
C VAL E 303 -9.96 39.79 8.49
N LEU E 304 -9.28 38.67 8.32
CA LEU E 304 -7.82 38.60 8.41
C LEU E 304 -7.22 38.84 7.03
N HIS E 305 -6.20 39.70 6.98
CA HIS E 305 -5.49 40.02 5.76
C HIS E 305 -4.02 39.64 5.97
N LEU E 306 -3.64 38.50 5.40
CA LEU E 306 -2.25 38.07 5.40
C LEU E 306 -1.51 38.73 4.24
N SER E 307 -0.28 39.17 4.50
CA SER E 307 0.55 39.76 3.46
C SER E 307 2.01 39.50 3.78
N ALA E 308 2.80 39.24 2.74
CA ALA E 308 4.22 38.99 2.92
C ALA E 308 4.95 39.30 1.62
N GLY E 309 6.25 39.49 1.74
CA GLY E 309 7.10 39.74 0.59
C GLY E 309 7.43 41.20 0.41
N ALA E 310 7.99 41.49 -0.77
CA ALA E 310 8.36 42.85 -1.13
C ALA E 310 8.19 43.01 -2.63
N ASP E 311 8.33 44.25 -3.11
CA ASP E 311 8.22 44.51 -4.54
C ASP E 311 9.43 44.01 -5.31
N ASP E 312 10.54 43.72 -4.62
CA ASP E 312 11.74 43.26 -5.30
C ASP E 312 11.73 41.77 -5.54
N VAL E 313 11.08 41.00 -4.67
CA VAL E 313 11.03 39.55 -4.79
C VAL E 313 9.66 39.04 -5.21
N GLY E 314 8.60 39.80 -4.99
CA GLY E 314 7.23 39.33 -5.25
C GLY E 314 6.48 39.32 -3.94
N ARG E 315 5.26 39.84 -3.98
CA ARG E 315 4.42 39.95 -2.79
CA ARG E 315 4.42 39.95 -2.79
C ARG E 315 3.23 39.01 -2.90
N ALA E 316 2.77 38.53 -1.74
CA ALA E 316 1.62 37.64 -1.66
C ALA E 316 0.67 38.18 -0.60
N GLU E 317 -0.63 37.98 -0.84
CA GLU E 317 -1.66 38.50 0.05
C GLU E 317 -2.91 37.64 -0.07
N GLU E 318 -3.54 37.38 1.08
CA GLU E 318 -4.74 36.55 1.12
C GLU E 318 -5.65 37.07 2.22
N ASP E 319 -6.96 36.96 1.98
CA ASP E 319 -7.98 37.46 2.90
C ASP E 319 -8.87 36.31 3.34
N LEU E 320 -8.87 36.04 4.65
CA LEU E 320 -9.71 35.00 5.23
C LEU E 320 -10.73 35.62 6.19
N PRO E 321 -11.96 35.11 6.23
CA PRO E 321 -12.91 35.58 7.25
C PRO E 321 -12.55 35.03 8.62
N VAL E 322 -12.50 35.91 9.61
CA VAL E 322 -12.11 35.56 10.97
C VAL E 322 -13.15 36.08 11.94
N SER E 323 -13.23 35.45 13.11
CA SER E 323 -14.04 35.96 14.22
C SER E 323 -13.12 36.80 15.09
N PHE E 324 -13.02 38.08 14.75
CA PHE E 324 -12.13 39.01 15.43
C PHE E 324 -12.91 39.91 16.36
N SER E 325 -12.32 40.22 17.51
CA SER E 325 -12.92 41.12 18.49
C SER E 325 -11.84 41.99 19.09
N GLY E 326 -12.17 43.24 19.33
CA GLY E 326 -11.24 44.21 19.88
C GLY E 326 -10.83 45.24 18.84
N GLU E 327 -9.88 46.08 19.24
N GLU E 327 -9.88 46.08 19.24
CA GLU E 327 -9.39 47.12 18.34
CA GLU E 327 -9.39 47.12 18.35
C GLU E 327 -8.61 46.49 17.20
C GLU E 327 -8.60 46.48 17.20
N PRO E 328 -8.77 46.99 15.97
CA PRO E 328 -8.03 46.41 14.83
C PRO E 328 -6.53 46.36 15.11
N LEU E 329 -5.88 45.32 14.59
CA LEU E 329 -4.50 45.05 14.94
C LEU E 329 -3.72 44.58 13.72
N THR E 330 -2.47 45.03 13.63
CA THR E 330 -1.54 44.60 12.60
C THR E 330 -0.27 44.11 13.27
N ILE E 331 0.03 42.82 13.14
CA ILE E 331 1.13 42.19 13.85
C ILE E 331 1.80 41.17 12.94
N ALA E 332 3.12 41.05 13.08
CA ALA E 332 3.93 40.18 12.24
C ALA E 332 4.46 39.01 13.05
N PHE E 333 4.56 37.85 12.40
CA PHE E 333 5.06 36.64 13.04
C PHE E 333 5.97 35.89 12.08
N ASN E 334 6.84 35.08 12.65
CA ASN E 334 7.64 34.14 11.88
C ASN E 334 6.73 33.04 11.36
N PRO E 335 6.51 32.93 10.05
CA PRO E 335 5.54 31.93 9.56
C PRO E 335 5.82 30.52 10.05
N GLY E 336 7.09 30.16 10.19
CA GLY E 336 7.44 28.84 10.69
C GLY E 336 6.94 28.62 12.10
N TYR E 337 7.34 29.49 13.03
CA TYR E 337 6.87 29.38 14.40
C TYR E 337 5.34 29.35 14.45
N LEU E 338 4.69 30.18 13.64
CA LEU E 338 3.24 30.20 13.60
C LEU E 338 2.67 28.83 13.23
N THR E 339 3.09 28.30 12.08
CA THR E 339 2.60 27.00 11.66
C THR E 339 2.97 25.91 12.66
N ASP E 340 4.14 26.02 13.29
CA ASP E 340 4.53 25.03 14.30
C ASP E 340 3.52 25.01 15.44
N GLY E 341 3.18 26.18 15.98
CA GLY E 341 2.18 26.22 17.02
C GLY E 341 0.84 25.68 16.56
N LEU E 342 0.38 26.13 15.39
CA LEU E 342 -0.90 25.68 14.88
C LEU E 342 -0.95 24.16 14.77
N GLY E 343 0.15 23.54 14.35
CA GLY E 343 0.18 22.11 14.20
C GLY E 343 -0.01 21.35 15.49
N ALA E 344 0.21 21.99 16.63
CA ALA E 344 0.10 21.33 17.92
C ALA E 344 -1.25 21.55 18.60
N LEU E 345 -2.04 22.52 18.17
CA LEU E 345 -3.33 22.77 18.80
C LEU E 345 -4.24 21.56 18.68
N HIS E 346 -4.10 20.78 17.61
CA HIS E 346 -4.87 19.55 17.41
C HIS E 346 -6.37 19.78 17.56
N SER E 347 -6.82 21.01 17.34
CA SER E 347 -8.23 21.36 17.41
C SER E 347 -8.69 21.89 16.06
N GLU E 348 -10.00 21.94 15.89
CA GLU E 348 -10.58 22.46 14.65
C GLU E 348 -10.22 23.93 14.46
N ARG E 349 -10.50 24.75 15.47
CA ARG E 349 -10.31 26.18 15.40
C ARG E 349 -9.29 26.63 16.44
N VAL E 350 -8.52 27.65 16.08
CA VAL E 350 -7.59 28.30 16.98
C VAL E 350 -8.19 29.61 17.44
N THR E 351 -7.86 30.00 18.67
CA THR E 351 -8.20 31.32 19.20
C THR E 351 -6.90 32.03 19.55
N PHE E 352 -6.63 33.14 18.86
CA PHE E 352 -5.51 34.00 19.17
C PHE E 352 -5.89 34.99 20.27
N GLY E 353 -4.86 35.53 20.92
CA GLY E 353 -5.06 36.51 21.97
C GLY E 353 -3.90 37.49 22.02
N PHE E 354 -4.08 38.64 21.37
CA PHE E 354 -3.03 39.63 21.22
C PHE E 354 -3.18 40.74 22.25
N THR E 355 -2.06 41.41 22.53
CA THR E 355 -2.06 42.69 23.24
C THR E 355 -1.57 43.74 22.24
N THR E 356 -0.26 43.96 22.19
CA THR E 356 0.34 44.90 21.25
C THR E 356 1.10 44.16 20.16
N PRO E 357 1.43 44.84 19.05
CA PRO E 357 2.22 44.18 17.99
C PRO E 357 3.64 43.81 18.43
N SER E 358 4.04 44.19 19.64
CA SER E 358 5.41 43.97 20.12
C SER E 358 5.46 43.01 21.30
N LYS E 359 4.35 42.41 21.69
CA LYS E 359 4.25 41.56 22.86
C LYS E 359 3.69 40.20 22.50
N PRO E 360 3.81 39.22 23.38
CA PRO E 360 3.43 37.84 23.03
C PRO E 360 1.98 37.71 22.60
N ALA E 361 1.70 36.64 21.86
CA ALA E 361 0.36 36.27 21.43
C ALA E 361 0.09 34.85 21.88
N VAL E 362 -1.16 34.59 22.27
CA VAL E 362 -1.54 33.31 22.87
C VAL E 362 -2.33 32.53 21.83
N LEU E 363 -1.71 31.51 21.25
CA LEU E 363 -2.42 30.56 20.40
C LEU E 363 -2.95 29.44 21.28
N ARG E 364 -4.26 29.18 21.20
CA ARG E 364 -4.84 28.10 21.98
C ARG E 364 -6.06 27.57 21.26
N PRO E 365 -6.55 26.38 21.63
CA PRO E 365 -7.75 25.84 20.98
C PRO E 365 -8.97 26.72 21.27
N ALA E 366 -9.85 26.82 20.28
CA ALA E 366 -11.03 27.65 20.42
C ALA E 366 -12.02 27.00 21.39
N THR E 367 -12.54 27.79 22.32
CA THR E 367 -13.50 27.31 23.30
C THR E 367 -14.91 27.78 22.93
N GLU E 368 -15.88 27.40 23.76
CA GLU E 368 -17.26 27.77 23.50
C GLU E 368 -17.48 29.27 23.67
N ALA E 369 -16.76 29.89 24.61
CA ALA E 369 -17.02 31.29 24.95
C ALA E 369 -16.40 32.26 23.97
N ASP E 370 -15.45 31.83 23.14
CA ASP E 370 -14.84 32.73 22.17
C ASP E 370 -15.78 33.00 20.99
N ALA E 371 -16.56 31.99 20.59
CA ALA E 371 -17.48 32.16 19.47
C ALA E 371 -18.35 33.39 19.64
N ALA E 372 -18.83 33.64 20.86
CA ALA E 372 -19.68 34.79 21.18
C ALA E 372 -18.91 35.69 22.13
N LEU E 373 -17.93 36.43 21.59
CA LEU E 373 -17.13 37.35 22.40
C LEU E 373 -17.31 38.78 21.89
N ASN E 374 -18.53 39.29 21.97
CA ASN E 374 -18.82 40.64 21.53
C ASN E 374 -18.35 41.66 22.56
N GLY E 375 -17.86 42.79 22.09
CA GLY E 375 -17.36 43.84 22.93
C GLY E 375 -16.06 44.39 22.38
N ASN E 376 -15.31 45.07 23.24
CA ASN E 376 -14.01 45.63 22.87
C ASN E 376 -12.93 45.34 23.90
N GLY E 377 -13.21 44.52 24.91
CA GLY E 377 -12.23 44.17 25.90
C GLY E 377 -12.01 45.27 26.91
N PRO E 378 -10.91 45.17 27.70
CA PRO E 378 -9.94 44.07 27.66
C PRO E 378 -10.53 42.72 28.09
N PHE E 379 -10.35 41.69 27.25
CA PHE E 379 -10.89 40.38 27.55
C PHE E 379 -9.97 39.62 28.49
N PRO E 380 -10.51 38.76 29.34
CA PRO E 380 -9.66 37.98 30.25
C PRO E 380 -9.10 36.73 29.59
N ALA E 381 -7.89 36.37 30.00
CA ALA E 381 -7.24 35.18 29.45
C ALA E 381 -7.96 33.93 29.94
N ALA E 382 -8.49 33.16 28.99
CA ALA E 382 -9.24 31.95 29.33
C ALA E 382 -8.29 30.89 29.90
N GLU E 383 -8.86 29.73 30.20
CA GLU E 383 -8.10 28.58 30.68
C GLU E 383 -8.17 27.47 29.65
N THR E 384 -7.03 26.79 29.44
CA THR E 384 -6.95 25.77 28.41
C THR E 384 -5.85 24.78 28.76
N ASP E 385 -5.97 23.59 28.20
CA ASP E 385 -4.98 22.55 28.46
C ASP E 385 -3.65 22.84 27.78
N TYR E 386 -3.67 23.59 26.67
CA TYR E 386 -2.46 23.86 25.92
C TYR E 386 -2.42 25.30 25.45
N VAL E 387 -1.27 25.95 25.64
CA VAL E 387 -1.05 27.31 25.12
C VAL E 387 0.28 27.32 24.37
N TYR E 388 0.29 28.02 23.24
CA TYR E 388 1.49 28.27 22.45
C TYR E 388 1.71 29.78 22.40
N LEU E 389 2.71 30.26 23.13
CA LEU E 389 2.97 31.69 23.28
C LEU E 389 4.13 32.07 22.36
N LEU E 390 3.79 32.69 21.24
CA LEU E 390 4.76 33.04 20.21
C LEU E 390 5.06 34.53 20.26
N MET E 391 6.35 34.87 20.24
CA MET E 391 6.75 36.27 20.26
C MET E 391 6.73 36.84 18.84
N PRO E 392 6.14 38.01 18.63
CA PRO E 392 6.00 38.55 17.27
C PRO E 392 7.30 39.18 16.77
N VAL E 393 7.26 39.64 15.53
CA VAL E 393 8.40 40.26 14.86
C VAL E 393 8.09 41.74 14.67
N ARG E 394 9.14 42.55 14.74
CA ARG E 394 8.98 43.98 14.58
C ARG E 394 8.57 44.32 13.15
N LEU E 395 7.59 45.21 13.01
CA LEU E 395 7.09 45.61 11.70
C LEU E 395 7.82 46.85 11.20
N PRO E 396 8.17 46.92 9.90
CA PRO E 396 8.79 48.14 9.36
C PRO E 396 7.93 49.38 9.55
N ALA F 2 18.41 33.75 -31.57
CA ALA F 2 16.97 33.90 -31.62
C ALA F 2 16.40 34.09 -30.22
N THR F 3 15.51 35.08 -30.07
CA THR F 3 14.86 35.36 -28.80
C THR F 3 13.35 35.37 -28.99
N THR F 4 12.64 35.33 -27.87
CA THR F 4 11.18 35.38 -27.90
C THR F 4 10.70 36.73 -28.40
N THR F 5 9.73 36.71 -29.31
CA THR F 5 9.18 37.93 -29.90
C THR F 5 8.04 38.45 -29.03
N VAL F 6 8.09 39.73 -28.70
CA VAL F 6 7.06 40.38 -27.90
C VAL F 6 6.07 41.05 -28.84
N GLY F 7 4.80 41.02 -28.46
CA GLY F 7 3.73 41.61 -29.22
C GLY F 7 3.30 42.95 -28.69
N LEU F 8 2.02 43.26 -28.88
CA LEU F 8 1.44 44.51 -28.40
C LEU F 8 0.46 44.31 -27.26
N THR F 9 0.26 43.07 -26.81
CA THR F 9 -0.74 42.75 -25.80
C THR F 9 -0.10 42.05 -24.62
N ASP F 10 -0.54 42.43 -23.42
CA ASP F 10 -0.11 41.77 -22.20
C ASP F 10 -0.96 40.53 -21.97
N LEU F 11 -0.31 39.47 -21.50
CA LEU F 11 -1.00 38.19 -21.33
C LEU F 11 -2.04 38.28 -20.23
N LYS F 12 -3.28 37.89 -20.56
CA LYS F 12 -4.34 37.70 -19.58
C LYS F 12 -5.07 36.43 -19.94
N VAL F 13 -5.20 35.51 -18.98
CA VAL F 13 -5.68 34.17 -19.26
C VAL F 13 -6.20 33.54 -17.98
N ARG F 14 -7.24 32.72 -18.11
CA ARG F 14 -7.77 31.91 -17.03
C ARG F 14 -7.45 30.45 -17.29
N LEU F 15 -7.00 29.75 -16.25
CA LEU F 15 -6.49 28.40 -16.37
C LEU F 15 -7.14 27.49 -15.34
N VAL F 16 -7.05 26.19 -15.60
CA VAL F 16 -7.47 25.16 -14.65
C VAL F 16 -6.31 24.85 -13.73
N ARG F 17 -6.55 24.92 -12.42
CA ARG F 17 -5.47 24.75 -11.45
C ARG F 17 -4.67 23.48 -11.74
N ASP F 18 -5.36 22.36 -11.90
CA ASP F 18 -4.65 21.09 -12.08
C ASP F 18 -3.79 21.11 -13.33
N ASP F 19 -4.35 21.57 -14.45
CA ASP F 19 -3.58 21.61 -15.69
C ASP F 19 -2.38 22.53 -15.58
N PHE F 20 -2.61 23.78 -15.18
CA PHE F 20 -1.51 24.74 -15.10
C PHE F 20 -0.48 24.32 -14.05
N ALA F 21 -0.94 23.85 -12.89
CA ALA F 21 -0.01 23.46 -11.83
C ALA F 21 0.81 22.25 -12.24
N ASP F 22 0.17 21.24 -12.84
CA ASP F 22 0.91 20.07 -13.29
C ASP F 22 1.91 20.44 -14.38
N ALA F 23 1.48 21.27 -15.34
CA ALA F 23 2.37 21.70 -16.41
C ALA F 23 3.56 22.47 -15.85
N VAL F 24 3.31 23.43 -14.97
CA VAL F 24 4.40 24.17 -14.34
C VAL F 24 5.30 23.23 -13.57
N ALA F 25 4.71 22.22 -12.92
CA ALA F 25 5.50 21.27 -12.14
C ALA F 25 6.48 20.51 -13.05
N TRP F 26 5.95 19.86 -14.08
CA TRP F 26 6.82 19.09 -14.97
C TRP F 26 7.84 19.99 -15.66
N VAL F 27 7.42 21.17 -16.12
CA VAL F 27 8.35 22.09 -16.76
C VAL F 27 9.39 22.58 -15.77
N ALA F 28 9.07 22.58 -14.48
CA ALA F 28 10.03 23.04 -13.48
C ALA F 28 11.15 22.03 -13.27
N ARG F 29 10.85 20.74 -13.40
CA ARG F 29 11.86 19.71 -13.16
C ARG F 29 13.09 19.92 -14.03
N SER F 30 12.91 20.47 -15.23
CA SER F 30 14.01 20.68 -16.16
C SER F 30 14.67 22.04 -16.03
N LEU F 31 14.42 22.76 -14.93
CA LEU F 31 15.09 24.03 -14.71
C LEU F 31 16.53 23.80 -14.24
N PRO F 32 17.45 24.70 -14.60
CA PRO F 32 18.84 24.53 -14.16
C PRO F 32 19.05 25.01 -12.73
N SER F 33 19.85 24.25 -11.98
CA SER F 33 20.19 24.65 -10.62
C SER F 33 21.04 25.91 -10.62
N ARG F 34 22.18 25.86 -11.31
CA ARG F 34 23.05 27.03 -11.49
C ARG F 34 22.89 27.53 -12.92
N PRO F 35 22.06 28.53 -13.19
CA PRO F 35 21.80 28.93 -14.57
C PRO F 35 23.05 29.46 -15.26
N THR F 36 23.29 28.98 -16.48
CA THR F 36 24.37 29.54 -17.30
C THR F 36 24.16 31.04 -17.52
N VAL F 37 22.91 31.47 -17.64
CA VAL F 37 22.54 32.89 -17.72
C VAL F 37 21.35 33.07 -16.80
N PRO F 38 21.32 34.10 -15.94
CA PRO F 38 20.22 34.21 -14.97
C PRO F 38 18.84 34.18 -15.63
N VAL F 39 18.72 34.68 -16.85
CA VAL F 39 17.43 34.65 -17.55
C VAL F 39 16.89 33.22 -17.60
N LEU F 40 17.78 32.25 -17.85
CA LEU F 40 17.35 30.86 -17.96
C LEU F 40 16.59 30.38 -16.74
N ALA F 41 16.80 31.01 -15.58
CA ALA F 41 16.12 30.58 -14.36
C ALA F 41 14.62 30.75 -14.44
N GLY F 42 14.10 31.49 -15.42
CA GLY F 42 12.69 31.76 -15.50
C GLY F 42 11.93 30.76 -16.36
N VAL F 43 10.62 30.74 -16.15
CA VAL F 43 9.69 29.95 -16.97
C VAL F 43 8.97 30.90 -17.91
N LEU F 44 8.81 30.46 -19.16
CA LEU F 44 8.20 31.25 -20.21
C LEU F 44 6.74 30.85 -20.36
N LEU F 45 5.85 31.83 -20.34
CA LEU F 45 4.41 31.63 -20.49
C LEU F 45 3.97 32.43 -21.71
N THR F 46 3.52 31.73 -22.75
CA THR F 46 3.06 32.35 -23.99
C THR F 46 1.66 31.85 -24.30
N GLY F 47 0.68 32.74 -24.26
CA GLY F 47 -0.70 32.41 -24.51
C GLY F 47 -1.14 32.89 -25.89
N SER F 48 -1.76 31.99 -26.64
CA SER F 48 -2.17 32.28 -28.02
C SER F 48 -3.49 31.60 -28.32
N ASP F 49 -4.44 32.36 -28.87
CA ASP F 49 -5.69 31.82 -29.36
C ASP F 49 -6.44 31.06 -28.28
N ASP F 50 -6.37 29.74 -28.30
CA ASP F 50 -7.08 28.89 -27.35
C ASP F 50 -6.13 27.89 -26.70
N GLY F 51 -5.01 28.41 -26.19
CA GLY F 51 -4.03 27.57 -25.53
C GLY F 51 -2.89 28.36 -24.91
N LEU F 52 -2.32 27.81 -23.83
CA LEU F 52 -1.21 28.44 -23.13
C LEU F 52 -0.02 27.49 -23.14
N THR F 53 1.16 28.01 -23.44
CA THR F 53 2.39 27.24 -23.49
C THR F 53 3.29 27.63 -22.34
N ILE F 54 3.83 26.63 -21.64
CA ILE F 54 4.80 26.80 -20.57
C ILE F 54 6.10 26.15 -21.03
N SER F 55 7.19 26.91 -20.96
CA SER F 55 8.45 26.47 -21.53
C SER F 55 9.61 26.79 -20.59
N SER F 56 10.61 25.92 -20.62
CA SER F 56 11.87 26.14 -19.91
C SER F 56 13.01 25.56 -20.76
N PHE F 57 14.18 26.17 -20.66
CA PHE F 57 15.30 25.85 -21.54
C PHE F 57 16.57 26.36 -20.91
N ASP F 58 17.62 25.53 -20.91
CA ASP F 58 18.88 25.89 -20.26
C ASP F 58 20.08 25.56 -21.15
N TYR F 59 19.93 25.74 -22.46
CA TYR F 59 20.95 25.50 -23.47
C TYR F 59 21.34 24.02 -23.58
N GLU F 60 20.79 23.14 -22.76
CA GLU F 60 21.10 21.71 -22.81
C GLU F 60 19.81 20.91 -22.91
N VAL F 61 18.88 21.18 -21.99
CA VAL F 61 17.58 20.52 -21.97
C VAL F 61 16.51 21.58 -22.19
N SER F 62 15.42 21.16 -22.84
CA SER F 62 14.28 22.03 -23.11
C SER F 62 13.00 21.25 -22.84
N ALA F 63 12.03 21.91 -22.22
CA ALA F 63 10.74 21.31 -21.92
C ALA F 63 9.65 22.33 -22.22
N GLU F 64 8.70 21.94 -23.07
CA GLU F 64 7.60 22.81 -23.46
C GLU F 64 6.31 22.00 -23.46
N VAL F 65 5.27 22.52 -22.81
CA VAL F 65 3.98 21.86 -22.74
C VAL F 65 2.88 22.90 -22.93
N GLN F 66 1.84 22.52 -23.67
CA GLN F 66 0.70 23.39 -23.94
C GLN F 66 -0.54 22.80 -23.27
N ILE F 67 -1.37 23.68 -22.71
CA ILE F 67 -2.58 23.25 -22.01
C ILE F 67 -3.74 24.12 -22.45
N PRO F 68 -4.97 23.62 -22.33
CA PRO F 68 -6.15 24.46 -22.60
C PRO F 68 -6.15 25.68 -21.69
N ALA F 69 -6.64 26.79 -22.24
CA ALA F 69 -6.60 28.06 -21.51
C ALA F 69 -7.61 29.02 -22.11
N GLU F 70 -8.40 29.65 -21.24
CA GLU F 70 -9.33 30.69 -21.67
C GLU F 70 -8.55 31.99 -21.80
N ILE F 71 -8.19 32.34 -23.04
CA ILE F 71 -7.34 33.49 -23.29
C ILE F 71 -8.21 34.75 -23.34
N ALA F 72 -7.95 35.68 -22.42
CA ALA F 72 -8.57 37.00 -22.48
C ALA F 72 -7.75 37.96 -23.33
N ALA F 73 -6.43 37.81 -23.34
CA ALA F 73 -5.54 38.63 -24.15
C ALA F 73 -4.22 37.88 -24.35
N PRO F 74 -3.77 37.71 -25.60
CA PRO F 74 -2.52 36.97 -25.82
C PRO F 74 -1.32 37.74 -25.27
N GLY F 75 -0.19 37.06 -25.22
CA GLY F 75 1.03 37.68 -24.75
C GLY F 75 2.04 36.66 -24.31
N THR F 76 3.21 37.17 -23.91
CA THR F 76 4.33 36.37 -23.47
C THR F 76 4.95 37.02 -22.25
N VAL F 77 5.38 36.20 -21.30
CA VAL F 77 5.98 36.69 -20.06
C VAL F 77 6.94 35.64 -19.52
N LEU F 78 7.95 36.11 -18.79
CA LEU F 78 8.96 35.25 -18.17
C LEU F 78 9.01 35.59 -16.69
N VAL F 79 8.89 34.57 -15.84
CA VAL F 79 8.90 34.77 -14.40
C VAL F 79 9.70 33.66 -13.73
N SER F 80 10.11 33.92 -12.49
CA SER F 80 10.94 32.98 -11.75
C SER F 80 10.30 31.61 -11.70
N GLY F 81 11.04 30.59 -12.15
CA GLY F 81 10.49 29.24 -12.22
C GLY F 81 10.25 28.64 -10.85
N ARG F 82 11.18 28.86 -9.92
CA ARG F 82 11.02 28.28 -8.59
C ARG F 82 9.83 28.90 -7.86
N LEU F 83 9.66 30.22 -7.97
CA LEU F 83 8.48 30.85 -7.38
C LEU F 83 7.20 30.39 -8.06
N LEU F 84 7.25 30.22 -9.38
CA LEU F 84 6.05 29.77 -10.10
C LEU F 84 5.66 28.36 -9.67
N SER F 85 6.62 27.46 -9.53
CA SER F 85 6.30 26.09 -9.13
C SER F 85 5.89 26.04 -7.66
N GLU F 86 6.66 26.68 -6.78
CA GLU F 86 6.33 26.66 -5.36
C GLU F 86 5.00 27.36 -5.08
N ILE F 87 4.60 28.30 -5.94
CA ILE F 87 3.31 28.94 -5.78
C ILE F 87 2.20 28.06 -6.34
N THR F 88 2.35 27.63 -7.60
CA THR F 88 1.31 26.81 -8.22
C THR F 88 1.03 25.55 -7.42
N ARG F 89 2.02 25.06 -6.68
CA ARG F 89 1.80 23.86 -5.87
C ARG F 89 0.81 24.12 -4.74
N ALA F 90 0.87 25.31 -4.14
CA ALA F 90 0.05 25.64 -2.99
C ALA F 90 -1.25 26.34 -3.36
N LEU F 91 -1.52 26.56 -4.64
CA LEU F 91 -2.72 27.28 -5.03
C LEU F 91 -3.96 26.46 -4.68
N PRO F 92 -5.03 27.12 -4.22
CA PRO F 92 -6.28 26.38 -3.98
C PRO F 92 -6.82 25.78 -5.27
N ASN F 93 -7.66 24.76 -5.12
CA ASN F 93 -8.26 24.07 -6.26
C ASN F 93 -9.40 24.91 -6.82
N LYS F 94 -9.02 26.00 -7.49
CA LYS F 94 -9.97 26.94 -8.07
C LYS F 94 -9.37 27.50 -9.35
N PRO F 95 -10.18 28.16 -10.17
CA PRO F 95 -9.65 28.74 -11.41
C PRO F 95 -8.49 29.69 -11.15
N VAL F 96 -7.51 29.66 -12.03
CA VAL F 96 -6.27 30.42 -11.89
C VAL F 96 -6.31 31.58 -12.88
N ASP F 97 -6.50 32.79 -12.38
CA ASP F 97 -6.45 34.00 -13.18
C ASP F 97 -5.01 34.49 -13.24
N LEU F 98 -4.46 34.61 -14.46
CA LEU F 98 -3.12 35.11 -14.69
C LEU F 98 -3.22 36.35 -15.55
N SER F 99 -2.68 37.47 -15.07
CA SER F 99 -2.82 38.76 -15.74
C SER F 99 -1.53 39.56 -15.57
N VAL F 100 -0.81 39.76 -16.67
CA VAL F 100 0.42 40.54 -16.68
C VAL F 100 0.08 42.01 -16.85
N GLU F 101 0.82 42.87 -16.14
CA GLU F 101 0.56 44.31 -16.13
C GLU F 101 1.90 45.03 -16.00
N GLY F 102 2.63 45.10 -17.10
CA GLY F 102 3.90 45.81 -17.11
C GLY F 102 5.03 45.04 -16.46
N THR F 103 5.61 45.61 -15.40
CA THR F 103 6.72 44.98 -14.70
C THR F 103 6.28 43.94 -13.68
N ARG F 104 4.97 43.71 -13.55
CA ARG F 104 4.44 42.80 -12.54
C ARG F 104 3.41 41.86 -13.18
N VAL F 105 3.43 40.61 -12.76
CA VAL F 105 2.47 39.60 -13.20
C VAL F 105 1.61 39.21 -12.00
N SER F 106 0.30 39.26 -12.17
CA SER F 106 -0.66 39.01 -11.10
C SER F 106 -1.27 37.64 -11.28
N LEU F 107 -1.01 36.74 -10.33
CA LEU F 107 -1.57 35.40 -10.32
C LEU F 107 -2.55 35.33 -9.17
N THR F 108 -3.85 35.28 -9.49
CA THR F 108 -4.92 35.29 -8.50
C THR F 108 -5.68 33.96 -8.62
N CYS F 109 -5.72 33.21 -7.52
CA CYS F 109 -6.45 31.95 -7.47
C CYS F 109 -7.33 31.94 -6.23
N GLY F 110 -8.64 31.82 -6.43
CA GLY F 110 -9.55 31.85 -5.31
C GLY F 110 -9.36 33.12 -4.51
N SER F 111 -9.04 32.96 -3.23
CA SER F 111 -8.82 34.09 -2.33
C SER F 111 -7.37 34.52 -2.25
N ALA F 112 -6.45 33.77 -2.85
CA ALA F 112 -5.04 34.10 -2.82
C ALA F 112 -4.66 34.98 -4.00
N ARG F 113 -3.80 35.96 -3.75
CA ARG F 113 -3.35 36.90 -4.78
C ARG F 113 -1.84 37.03 -4.68
N PHE F 114 -1.15 36.77 -5.80
CA PHE F 114 0.29 36.88 -5.89
C PHE F 114 0.68 37.91 -6.94
N SER F 115 1.74 38.66 -6.66
CA SER F 115 2.31 39.61 -7.61
C SER F 115 3.80 39.31 -7.72
N LEU F 116 4.24 38.96 -8.93
CA LEU F 116 5.62 38.57 -9.15
C LEU F 116 6.29 39.49 -10.16
N PRO F 117 7.55 39.87 -9.94
CA PRO F 117 8.23 40.72 -10.94
C PRO F 117 8.48 39.98 -12.23
N THR F 118 8.36 40.69 -13.34
CA THR F 118 8.61 40.11 -14.66
C THR F 118 10.09 40.18 -14.99
N MET F 119 10.59 39.13 -15.62
CA MET F 119 12.00 39.03 -15.96
C MET F 119 12.26 39.65 -17.33
N ALA F 120 13.51 39.58 -17.78
CA ALA F 120 13.92 40.13 -19.07
C ALA F 120 13.52 39.17 -20.19
N VAL F 121 12.22 39.16 -20.47
CA VAL F 121 11.70 38.28 -21.52
C VAL F 121 12.35 38.61 -22.86
N GLU F 122 12.81 39.84 -23.04
CA GLU F 122 13.41 40.24 -24.30
C GLU F 122 14.67 39.46 -24.61
N ASP F 123 15.29 38.83 -23.60
CA ASP F 123 16.57 38.14 -23.77
C ASP F 123 16.46 36.66 -23.45
N TYR F 124 15.30 36.05 -23.70
CA TYR F 124 15.11 34.63 -23.45
C TYR F 124 15.29 33.85 -24.74
N PRO F 125 16.25 32.92 -24.81
CA PRO F 125 16.49 32.23 -26.09
C PRO F 125 15.33 31.33 -26.47
N ALA F 126 14.90 31.43 -27.73
CA ALA F 126 13.87 30.53 -28.23
C ALA F 126 14.36 29.09 -28.15
N LEU F 127 13.52 28.23 -27.57
CA LEU F 127 13.89 26.84 -27.40
C LEU F 127 14.00 26.15 -28.75
N PRO F 128 14.78 25.06 -28.83
CA PRO F 128 14.95 24.38 -30.12
C PRO F 128 13.68 23.65 -30.54
N GLU F 129 13.54 23.44 -31.84
CA GLU F 129 12.43 22.70 -32.41
C GLU F 129 12.86 21.25 -32.67
N LEU F 130 11.85 20.38 -32.80
CA LEU F 130 12.12 18.95 -32.89
C LEU F 130 12.26 18.52 -34.35
N PRO F 131 13.27 17.69 -34.68
CA PRO F 131 13.51 17.36 -36.09
C PRO F 131 12.66 16.21 -36.62
N ALA F 132 11.52 16.53 -37.21
CA ALA F 132 10.69 15.53 -37.87
C ALA F 132 10.26 14.49 -36.83
N GLU F 133 9.97 13.27 -37.29
CA GLU F 133 9.61 12.17 -36.40
C GLU F 133 10.26 10.90 -36.95
N THR F 134 11.32 10.44 -36.28
CA THR F 134 11.96 9.20 -36.69
C THR F 134 11.08 7.99 -36.39
N GLY F 135 10.12 8.13 -35.49
CA GLY F 135 9.21 7.04 -35.19
C GLY F 135 8.48 7.29 -33.88
N SER F 136 7.61 6.34 -33.56
CA SER F 136 6.75 6.41 -32.38
C SER F 136 6.89 5.12 -31.57
N VAL F 137 7.03 5.29 -30.26
CA VAL F 137 7.17 4.16 -29.32
C VAL F 137 6.08 4.27 -28.27
N PRO F 138 5.51 3.16 -27.78
CA PRO F 138 4.57 3.26 -26.66
C PRO F 138 5.26 3.74 -25.40
N ALA F 139 4.59 4.65 -24.69
CA ALA F 139 5.20 5.31 -23.54
C ALA F 139 5.65 4.30 -22.50
N ASP F 140 4.74 3.43 -22.05
CA ASP F 140 5.07 2.49 -20.99
C ASP F 140 6.32 1.69 -21.32
N LEU F 141 6.32 1.01 -22.46
CA LEU F 141 7.47 0.19 -22.83
C LEU F 141 8.73 1.03 -22.94
N PHE F 142 8.61 2.24 -23.51
CA PHE F 142 9.77 3.11 -23.62
C PHE F 142 10.37 3.41 -22.24
N ALA F 143 9.51 3.77 -21.28
CA ALA F 143 9.99 4.07 -19.94
C ALA F 143 10.58 2.83 -19.28
N GLU F 144 9.94 1.67 -19.46
CA GLU F 144 10.47 0.43 -18.89
C GLU F 144 11.87 0.14 -19.43
N ALA F 145 12.03 0.20 -20.75
CA ALA F 145 13.34 -0.05 -21.36
C ALA F 145 14.38 0.90 -20.80
N ILE F 146 14.06 2.20 -20.76
CA ILE F 146 15.01 3.17 -20.21
C ILE F 146 15.35 2.82 -18.78
N GLY F 147 14.38 2.31 -18.02
CA GLY F 147 14.66 1.91 -16.66
C GLY F 147 15.61 0.72 -16.60
N GLN F 148 15.34 -0.31 -17.40
CA GLN F 148 16.16 -1.52 -17.38
C GLN F 148 17.59 -1.25 -17.83
N VAL F 149 17.82 -0.22 -18.63
CA VAL F 149 19.17 0.08 -19.10
C VAL F 149 19.85 1.11 -18.21
N ALA F 150 19.11 2.11 -17.73
CA ALA F 150 19.73 3.20 -16.97
C ALA F 150 20.52 2.68 -15.78
N VAL F 151 20.09 1.57 -15.19
CA VAL F 151 20.76 1.05 -14.00
C VAL F 151 22.23 0.79 -14.27
N ALA F 152 22.59 0.50 -15.53
CA ALA F 152 23.97 0.23 -15.87
C ALA F 152 24.77 1.48 -16.16
N ALA F 153 24.11 2.60 -16.47
CA ALA F 153 24.82 3.82 -16.82
C ALA F 153 25.69 4.29 -15.66
N GLY F 154 26.86 4.82 -15.99
CA GLY F 154 27.71 5.40 -14.97
C GLY F 154 27.13 6.69 -14.42
N ARG F 155 27.45 6.95 -13.14
CA ARG F 155 26.92 8.11 -12.44
C ARG F 155 28.04 9.02 -11.94
N ASP F 156 29.22 8.95 -12.56
CA ASP F 156 30.36 9.78 -12.20
C ASP F 156 30.51 10.86 -13.27
N ASP F 157 30.27 12.11 -12.88
CA ASP F 157 30.41 13.22 -13.83
C ASP F 157 31.83 13.31 -14.37
N THR F 158 32.82 12.90 -13.58
CA THR F 158 34.20 12.88 -14.07
C THR F 158 34.38 11.90 -15.22
N LEU F 159 33.47 10.94 -15.37
CA LEU F 159 33.53 9.92 -16.41
C LEU F 159 32.33 10.12 -17.33
N PRO F 160 32.35 11.15 -18.18
CA PRO F 160 31.17 11.42 -19.02
C PRO F 160 30.93 10.38 -20.10
N MET F 161 31.96 9.65 -20.54
CA MET F 161 31.77 8.64 -21.56
C MET F 161 30.92 7.48 -21.07
N LEU F 162 30.75 7.34 -19.76
CA LEU F 162 29.95 6.26 -19.19
C LEU F 162 28.56 6.71 -18.76
N THR F 163 28.32 8.02 -18.65
CA THR F 163 27.05 8.53 -18.16
C THR F 163 25.93 8.45 -19.20
N GLY F 164 26.23 8.12 -20.45
CA GLY F 164 25.27 8.15 -21.52
C GLY F 164 24.60 6.80 -21.78
N ILE F 165 23.39 6.87 -22.30
CA ILE F 165 22.66 5.71 -22.81
C ILE F 165 22.70 5.80 -24.33
N ARG F 166 23.21 4.74 -24.97
CA ARG F 166 23.29 4.68 -26.42
C ARG F 166 21.98 4.16 -26.99
N VAL F 167 21.36 4.96 -27.85
CA VAL F 167 20.13 4.59 -28.54
C VAL F 167 20.49 4.22 -29.98
N GLU F 168 20.19 2.99 -30.37
CA GLU F 168 20.45 2.51 -31.72
C GLU F 168 19.12 2.23 -32.42
N ILE F 169 18.96 2.78 -33.62
CA ILE F 169 17.76 2.61 -34.42
C ILE F 169 18.12 1.84 -35.68
N SER F 170 17.36 0.78 -35.95
CA SER F 170 17.56 -0.02 -37.17
C SER F 170 16.20 -0.60 -37.55
N GLY F 171 15.47 0.12 -38.39
CA GLY F 171 14.16 -0.35 -38.80
C GLY F 171 13.14 -0.20 -37.68
N ASP F 172 12.28 -1.22 -37.54
CA ASP F 172 11.23 -1.22 -36.53
C ASP F 172 11.72 -1.70 -35.17
N ARG F 173 13.03 -1.76 -34.95
CA ARG F 173 13.61 -2.24 -33.70
C ARG F 173 14.58 -1.21 -33.16
N MET F 174 14.53 -1.02 -31.84
CA MET F 174 15.38 -0.08 -31.13
C MET F 174 16.18 -0.82 -30.07
N VAL F 175 17.45 -0.45 -29.92
CA VAL F 175 18.36 -1.09 -28.97
C VAL F 175 18.95 -0.01 -28.09
N LEU F 176 18.61 -0.03 -26.81
CA LEU F 176 19.21 0.84 -25.81
C LEU F 176 20.32 0.10 -25.09
N ALA F 177 21.36 0.83 -24.70
CA ALA F 177 22.48 0.21 -24.00
C ALA F 177 23.13 1.23 -23.06
N ALA F 178 23.83 0.70 -22.06
CA ALA F 178 24.53 1.54 -21.11
C ALA F 178 25.54 0.70 -20.35
N THR F 179 26.52 1.37 -19.76
CA THR F 179 27.56 0.68 -18.99
C THR F 179 28.26 1.69 -18.09
N ASP F 180 28.75 1.19 -16.95
CA ASP F 180 29.62 1.95 -16.07
C ASP F 180 31.03 1.37 -16.03
N ARG F 181 31.39 0.58 -17.04
CA ARG F 181 32.71 -0.02 -17.20
C ARG F 181 32.82 -1.33 -16.42
N PHE F 182 31.92 -1.56 -15.46
CA PHE F 182 31.89 -2.79 -14.68
C PHE F 182 30.62 -3.60 -14.86
N ARG F 183 29.55 -3.00 -15.41
CA ARG F 183 28.33 -3.70 -15.72
C ARG F 183 27.78 -3.14 -17.02
N LEU F 184 27.07 -3.98 -17.77
CA LEU F 184 26.54 -3.62 -19.08
C LEU F 184 25.08 -4.04 -19.15
N ALA F 185 24.22 -3.12 -19.58
CA ALA F 185 22.80 -3.38 -19.76
C ALA F 185 22.43 -3.08 -21.21
N VAL F 186 21.69 -3.99 -21.83
CA VAL F 186 21.27 -3.84 -23.22
C VAL F 186 19.82 -4.29 -23.32
N ARG F 187 18.95 -3.37 -23.76
CA ARG F 187 17.54 -3.65 -23.97
C ARG F 187 17.21 -3.49 -25.46
N GLU F 188 16.20 -4.23 -25.91
CA GLU F 188 15.73 -4.15 -27.29
C GLU F 188 14.21 -4.17 -27.28
N LEU F 189 13.60 -3.26 -28.03
CA LEU F 189 12.15 -3.17 -28.10
C LEU F 189 11.74 -2.81 -29.52
N THR F 190 10.50 -3.14 -29.86
CA THR F 190 9.93 -2.87 -31.17
C THR F 190 9.11 -1.60 -31.14
N TRP F 191 9.30 -0.76 -32.15
CA TRP F 191 8.57 0.51 -32.27
C TRP F 191 8.03 0.66 -33.68
N THR F 192 7.44 1.81 -33.95
CA THR F 192 6.82 2.11 -35.25
C THR F 192 7.62 3.24 -35.91
N THR F 193 8.60 2.86 -36.72
CA THR F 193 9.40 3.82 -37.44
C THR F 193 8.64 4.36 -38.64
N LYS F 194 8.91 5.62 -38.98
CA LYS F 194 8.22 6.30 -40.08
C LYS F 194 8.94 6.14 -41.41
N THR F 195 10.04 5.39 -41.45
CA THR F 195 10.80 5.13 -42.65
C THR F 195 11.36 3.72 -42.49
N PRO F 196 11.23 2.85 -43.51
CA PRO F 196 11.56 1.43 -43.27
C PRO F 196 13.00 1.18 -42.88
N ASP F 197 13.95 1.65 -43.68
CA ASP F 197 15.36 1.34 -43.48
C ASP F 197 16.09 2.55 -42.92
N VAL F 198 15.82 2.84 -41.64
CA VAL F 198 16.50 3.89 -40.91
C VAL F 198 17.60 3.26 -40.06
N GLU F 199 18.79 3.86 -40.10
CA GLU F 199 19.95 3.41 -39.35
C GLU F 199 20.53 4.61 -38.61
N ALA F 200 20.35 4.64 -37.30
CA ALA F 200 20.85 5.76 -36.48
C ALA F 200 21.45 5.22 -35.20
N ALA F 201 22.27 6.06 -34.57
CA ALA F 201 22.94 5.68 -33.32
C ALA F 201 23.36 6.98 -32.61
N VAL F 202 22.61 7.35 -31.58
CA VAL F 202 22.88 8.55 -30.80
C VAL F 202 23.19 8.15 -29.36
N LEU F 203 23.72 9.12 -28.60
CA LEU F 203 24.09 8.91 -27.20
C LEU F 203 23.46 10.03 -26.38
N VAL F 204 22.57 9.66 -25.46
CA VAL F 204 21.80 10.64 -24.70
C VAL F 204 22.20 10.55 -23.23
N PRO F 205 22.26 11.66 -22.50
CA PRO F 205 22.53 11.56 -21.06
C PRO F 205 21.50 10.70 -20.36
N ALA F 206 22.00 9.72 -19.60
CA ALA F 206 21.12 8.73 -18.97
C ALA F 206 20.03 9.39 -18.15
N LYS F 207 20.41 10.32 -17.28
CA LYS F 207 19.42 10.96 -16.40
C LYS F 207 18.38 11.72 -17.21
N THR F 208 18.81 12.49 -18.21
CA THR F 208 17.86 13.27 -19.00
C THR F 208 16.89 12.34 -19.74
N LEU F 209 17.40 11.24 -20.31
CA LEU F 209 16.53 10.30 -20.97
C LEU F 209 15.61 9.61 -19.98
N ALA F 210 16.03 9.48 -18.71
CA ALA F 210 15.19 8.87 -17.70
C ALA F 210 14.03 9.80 -17.32
N GLU F 211 14.33 11.06 -17.02
CA GLU F 211 13.27 12.03 -16.78
C GLU F 211 12.31 12.07 -17.96
N ALA F 212 12.84 12.20 -19.18
CA ALA F 212 12.00 12.11 -20.37
C ALA F 212 11.26 10.78 -20.43
N ALA F 213 11.77 9.74 -19.77
CA ALA F 213 11.07 8.47 -19.72
C ALA F 213 9.81 8.59 -18.87
N LYS F 214 9.95 9.07 -17.63
CA LYS F 214 8.78 9.32 -16.80
C LYS F 214 7.83 10.29 -17.49
N THR F 215 8.36 11.20 -18.30
CA THR F 215 7.50 12.04 -19.14
C THR F 215 6.69 11.14 -20.07
N GLY F 216 5.39 11.42 -20.17
CA GLY F 216 4.50 10.57 -20.92
C GLY F 216 3.58 9.80 -20.00
N LEU F 217 2.34 10.27 -19.86
CA LEU F 217 1.38 9.64 -18.97
C LEU F 217 1.03 8.24 -19.45
N ASP F 218 0.48 7.44 -18.55
CA ASP F 218 0.21 6.04 -18.84
C ASP F 218 -0.77 5.90 -20.00
N GLY F 219 -0.55 4.88 -20.83
CA GLY F 219 -1.43 4.59 -21.94
C GLY F 219 -1.25 5.47 -23.15
N SER F 220 -0.21 6.31 -23.18
CA SER F 220 0.03 7.22 -24.28
C SER F 220 1.15 6.66 -25.17
N GLU F 221 1.64 7.51 -26.08
CA GLU F 221 2.77 7.17 -26.93
C GLU F 221 3.77 8.33 -26.90
N VAL F 222 5.00 8.03 -27.34
CA VAL F 222 6.09 8.99 -27.34
C VAL F 222 6.74 8.96 -28.72
N GLN F 223 6.79 10.13 -29.37
CA GLN F 223 7.41 10.26 -30.67
C GLN F 223 8.84 10.78 -30.49
N LEU F 224 9.79 10.11 -31.16
CA LEU F 224 11.20 10.46 -31.07
C LEU F 224 11.63 11.18 -32.34
N ALA F 225 12.45 12.21 -32.18
CA ALA F 225 12.88 13.04 -33.31
C ALA F 225 14.37 13.32 -33.18
N LEU F 226 15.19 12.52 -33.87
CA LEU F 226 16.63 12.66 -33.79
C LEU F 226 17.14 13.58 -34.87
N GLY F 227 18.21 14.31 -34.55
CA GLY F 227 18.79 15.24 -35.50
C GLY F 227 20.29 15.33 -35.33
N ALA F 228 20.99 15.55 -36.44
CA ALA F 228 22.44 15.67 -36.42
C ALA F 228 22.85 17.13 -36.68
N GLY F 236 24.00 18.07 -32.46
CA GLY F 236 22.70 17.45 -32.67
C GLY F 236 21.85 17.44 -31.42
N LEU F 237 20.62 16.93 -31.54
CA LEU F 237 19.72 16.87 -30.39
C LEU F 237 18.67 15.79 -30.65
N LEU F 238 17.95 15.45 -29.58
CA LEU F 238 16.88 14.47 -29.61
C LEU F 238 15.57 15.14 -29.19
N GLY F 239 14.47 14.63 -29.72
CA GLY F 239 13.17 15.19 -29.46
C GLY F 239 12.17 14.19 -28.92
N ILE F 240 11.93 14.24 -27.61
CA ILE F 240 10.89 13.45 -26.97
C ILE F 240 9.59 14.21 -27.06
N ARG F 241 8.51 13.53 -27.45
CA ARG F 241 7.24 14.20 -27.72
C ARG F 241 6.11 13.30 -27.26
N SER F 242 5.53 13.61 -26.10
CA SER F 242 4.43 12.84 -25.52
C SER F 242 3.18 13.71 -25.52
N GLU F 243 2.45 13.67 -26.63
CA GLU F 243 1.17 14.38 -26.78
C GLU F 243 1.45 15.87 -26.57
N GLY F 244 0.75 16.55 -25.66
CA GLY F 244 0.96 17.98 -25.47
C GLY F 244 2.37 18.34 -25.01
N LYS F 245 3.07 17.40 -24.38
CA LYS F 245 4.44 17.65 -23.94
C LYS F 245 5.41 17.48 -25.08
N ARG F 246 6.38 18.41 -25.15
CA ARG F 246 7.35 18.50 -26.25
C ARG F 246 8.67 18.93 -25.64
N SER F 247 9.57 17.98 -25.43
CA SER F 247 10.86 18.22 -24.80
C SER F 247 11.99 17.78 -25.72
N THR F 248 13.15 18.40 -25.54
CA THR F 248 14.33 18.11 -26.36
C THR F 248 15.56 18.04 -25.47
N THR F 249 16.54 17.25 -25.92
CA THR F 249 17.77 17.03 -25.17
C THR F 249 18.96 17.09 -26.11
N ARG F 250 19.97 17.87 -25.74
CA ARG F 250 21.21 17.90 -26.52
C ARG F 250 21.95 16.58 -26.37
N LEU F 251 22.55 16.12 -27.46
CA LEU F 251 23.21 14.82 -27.46
C LEU F 251 24.54 14.89 -26.70
N LEU F 252 25.09 13.72 -26.41
CA LEU F 252 26.32 13.58 -25.66
C LEU F 252 27.50 13.41 -26.62
N ASP F 253 28.62 14.05 -26.27
CA ASP F 253 29.74 14.15 -27.19
C ASP F 253 30.61 12.89 -27.17
N ALA F 254 30.78 12.27 -26.01
CA ALA F 254 31.68 11.14 -25.89
C ALA F 254 31.23 9.99 -26.81
N GLU F 255 32.10 8.98 -26.90
CA GLU F 255 31.84 7.79 -27.68
C GLU F 255 31.44 6.63 -26.78
N PHE F 256 30.63 5.72 -27.32
CA PHE F 256 30.17 4.56 -26.58
C PHE F 256 30.84 3.30 -27.10
N PRO F 257 31.38 2.44 -26.24
CA PRO F 257 32.04 1.23 -26.73
C PRO F 257 31.07 0.34 -27.48
N LYS F 258 31.62 -0.44 -28.42
CA LYS F 258 30.83 -1.39 -29.19
C LYS F 258 30.46 -2.59 -28.33
N PHE F 259 29.30 -2.50 -27.66
CA PHE F 259 28.89 -3.54 -26.71
C PHE F 259 28.55 -4.85 -27.39
N ARG F 260 28.31 -4.84 -28.71
CA ARG F 260 27.90 -6.06 -29.39
C ARG F 260 28.88 -7.20 -29.15
N GLN F 261 30.18 -6.90 -29.30
CA GLN F 261 31.19 -7.96 -29.19
C GLN F 261 31.28 -8.52 -27.78
N LEU F 262 31.01 -7.69 -26.76
CA LEU F 262 31.21 -8.12 -25.38
C LEU F 262 30.19 -9.16 -24.94
N LEU F 263 29.05 -9.25 -25.59
CA LEU F 263 28.03 -10.21 -25.20
C LEU F 263 28.52 -11.62 -25.45
N PRO F 264 28.62 -12.48 -24.43
CA PRO F 264 29.12 -13.84 -24.66
C PRO F 264 28.28 -14.59 -25.68
N THR F 265 28.90 -15.56 -26.33
CA THR F 265 28.22 -16.39 -27.32
C THR F 265 27.58 -17.62 -26.68
N GLU F 266 28.36 -18.37 -25.89
CA GLU F 266 27.89 -19.54 -25.17
C GLU F 266 28.27 -19.42 -23.71
N HIS F 267 27.90 -20.43 -22.92
CA HIS F 267 28.18 -20.45 -21.49
C HIS F 267 28.61 -21.86 -21.08
N THR F 268 29.69 -21.94 -20.32
CA THR F 268 30.10 -23.21 -19.74
C THR F 268 29.10 -23.70 -18.70
N ALA F 269 28.48 -22.77 -17.96
CA ALA F 269 27.49 -23.12 -16.95
C ALA F 269 26.27 -22.22 -17.10
N MET F 270 25.15 -22.70 -16.57
CA MET F 270 23.90 -21.93 -16.56
C MET F 270 23.15 -22.22 -15.27
N ALA F 271 22.41 -21.22 -14.79
CA ALA F 271 21.69 -21.35 -13.53
C ALA F 271 20.41 -20.55 -13.59
N THR F 272 19.28 -21.21 -13.35
CA THR F 272 17.97 -20.56 -13.32
C THR F 272 17.39 -20.63 -11.92
N ILE F 273 16.98 -19.48 -11.39
CA ILE F 273 16.48 -19.38 -10.02
C ILE F 273 15.48 -18.25 -9.93
N GLY F 274 14.70 -18.24 -8.85
CA GLY F 274 13.69 -17.21 -8.67
C GLY F 274 14.32 -15.87 -8.33
N VAL F 275 13.80 -14.81 -8.97
CA VAL F 275 14.37 -13.49 -8.82
C VAL F 275 14.22 -13.00 -7.38
N GLY F 276 12.99 -12.98 -6.88
CA GLY F 276 12.77 -12.51 -5.52
C GLY F 276 13.56 -13.28 -4.49
N GLU F 277 13.53 -14.61 -4.60
CA GLU F 277 14.28 -15.46 -3.68
C GLU F 277 15.76 -15.06 -3.66
N LEU F 278 16.39 -15.08 -4.83
CA LEU F 278 17.81 -14.77 -4.90
C LEU F 278 18.10 -13.35 -4.41
N THR F 279 17.22 -12.41 -4.73
CA THR F 279 17.43 -11.03 -4.31
C THR F 279 17.42 -10.92 -2.78
N GLU F 280 16.39 -11.45 -2.14
CA GLU F 280 16.32 -11.39 -0.69
C GLU F 280 17.53 -12.07 -0.05
N ALA F 281 17.91 -13.24 -0.56
CA ALA F 281 19.07 -13.94 -0.01
C ALA F 281 20.33 -13.09 -0.14
N ILE F 282 20.54 -12.47 -1.31
CA ILE F 282 21.70 -11.60 -1.50
C ILE F 282 21.68 -10.49 -0.47
N LYS F 283 20.54 -9.80 -0.34
CA LYS F 283 20.45 -8.69 0.61
C LYS F 283 20.76 -9.14 2.03
N ARG F 284 20.32 -10.34 2.40
CA ARG F 284 20.63 -10.86 3.73
C ARG F 284 22.13 -11.08 3.90
N VAL F 285 22.75 -11.78 2.94
CA VAL F 285 24.16 -12.14 3.07
C VAL F 285 25.02 -10.89 3.02
N ALA F 286 24.71 -9.96 2.11
CA ALA F 286 25.53 -8.77 1.94
C ALA F 286 25.52 -7.85 3.16
N LEU F 287 24.66 -8.11 4.15
CA LEU F 287 24.65 -7.27 5.34
C LEU F 287 26.01 -7.25 6.02
N VAL F 288 26.68 -8.40 6.06
CA VAL F 288 27.96 -8.51 6.75
C VAL F 288 29.15 -8.22 5.85
N ALA F 289 28.91 -7.85 4.60
CA ALA F 289 30.00 -7.54 3.68
C ALA F 289 30.60 -6.18 4.00
N ASP F 290 31.88 -6.03 3.65
CA ASP F 290 32.61 -4.79 3.92
C ASP F 290 32.23 -3.75 2.88
N ARG F 291 31.42 -2.77 3.27
CA ARG F 291 31.01 -1.68 2.38
C ARG F 291 30.39 -2.22 1.10
N GLY F 292 29.67 -3.33 1.21
CA GLY F 292 29.04 -3.94 0.06
C GLY F 292 30.00 -4.14 -1.10
N ALA F 293 31.02 -4.97 -0.88
CA ALA F 293 32.08 -5.16 -1.87
C ALA F 293 32.00 -6.48 -2.61
N GLN F 294 31.58 -7.56 -1.96
CA GLN F 294 31.67 -8.87 -2.60
C GLN F 294 30.69 -9.84 -1.96
N VAL F 295 30.16 -10.74 -2.79
CA VAL F 295 29.35 -11.87 -2.38
C VAL F 295 29.87 -13.10 -3.10
N ARG F 296 30.17 -14.16 -2.35
CA ARG F 296 30.71 -15.39 -2.91
C ARG F 296 29.55 -16.32 -3.23
N MET F 297 29.31 -16.52 -4.53
CA MET F 297 28.31 -17.46 -5.03
C MET F 297 29.00 -18.76 -5.39
N GLU F 298 28.42 -19.87 -4.96
CA GLU F 298 28.99 -21.20 -5.19
C GLU F 298 27.90 -22.10 -5.77
N PHE F 299 27.92 -22.28 -7.08
CA PHE F 299 26.95 -23.14 -7.77
C PHE F 299 27.50 -24.56 -7.86
N ALA F 300 26.69 -25.53 -7.44
CA ALA F 300 27.08 -26.93 -7.49
C ALA F 300 25.93 -27.84 -7.10
N ASP F 301 25.60 -28.81 -7.96
CA ASP F 301 24.59 -29.82 -7.66
C ASP F 301 23.22 -29.18 -7.39
N ASP F 302 22.77 -28.35 -8.33
CA ASP F 302 21.44 -27.74 -8.25
C ASP F 302 21.24 -26.98 -6.95
N VAL F 303 22.31 -26.44 -6.37
CA VAL F 303 22.19 -25.70 -5.12
C VAL F 303 23.21 -24.55 -5.11
N LEU F 304 22.72 -23.34 -4.93
CA LEU F 304 23.58 -22.16 -4.82
C LEU F 304 23.89 -21.91 -3.35
N HIS F 305 25.18 -21.84 -3.03
CA HIS F 305 25.66 -21.56 -1.68
C HIS F 305 26.21 -20.14 -1.66
N LEU F 306 25.48 -19.23 -1.03
CA LEU F 306 25.91 -17.85 -0.90
C LEU F 306 26.66 -17.66 0.41
N SER F 307 27.70 -16.83 0.38
CA SER F 307 28.47 -16.52 1.57
C SER F 307 29.10 -15.15 1.41
N ALA F 308 29.47 -14.55 2.54
CA ALA F 308 30.11 -13.24 2.52
C ALA F 308 30.62 -12.93 3.92
N GLY F 309 31.61 -12.04 3.98
CA GLY F 309 32.17 -11.60 5.24
C GLY F 309 33.39 -12.40 5.64
N ALA F 310 33.75 -12.24 6.91
CA ALA F 310 34.88 -12.94 7.50
C ALA F 310 34.70 -12.93 9.02
N ASP F 311 35.70 -13.45 9.73
CA ASP F 311 35.67 -13.37 11.19
C ASP F 311 35.83 -11.95 11.69
N ASP F 312 36.44 -11.06 10.89
CA ASP F 312 36.58 -9.66 11.26
C ASP F 312 35.22 -9.05 11.56
N VAL F 313 34.40 -8.89 10.53
CA VAL F 313 33.07 -8.29 10.69
C VAL F 313 32.04 -9.33 11.09
N GLY F 314 31.96 -10.42 10.35
CA GLY F 314 30.99 -11.46 10.59
C GLY F 314 30.67 -12.19 9.31
N ARG F 315 30.56 -13.51 9.34
CA ARG F 315 30.37 -14.32 8.15
C ARG F 315 28.93 -14.80 8.07
N ALA F 316 28.30 -14.57 6.91
CA ALA F 316 26.92 -14.98 6.66
C ALA F 316 26.91 -15.94 5.48
N GLU F 317 26.02 -16.93 5.55
CA GLU F 317 25.86 -17.91 4.48
C GLU F 317 24.40 -18.30 4.37
N GLU F 318 23.97 -18.58 3.14
CA GLU F 318 22.58 -18.94 2.86
C GLU F 318 22.54 -19.81 1.61
N ASP F 319 21.89 -20.96 1.72
CA ASP F 319 21.77 -21.89 0.61
C ASP F 319 20.39 -21.80 -0.03
N LEU F 320 20.35 -21.99 -1.35
CA LEU F 320 19.11 -21.96 -2.09
C LEU F 320 19.11 -23.07 -3.13
N PRO F 321 17.97 -23.74 -3.35
CA PRO F 321 17.88 -24.64 -4.51
C PRO F 321 17.83 -23.84 -5.81
N VAL F 322 18.38 -24.44 -6.86
CA VAL F 322 18.54 -23.74 -8.13
C VAL F 322 18.67 -24.78 -9.23
N SER F 323 18.09 -24.46 -10.39
CA SER F 323 18.24 -25.31 -11.58
C SER F 323 19.58 -24.97 -12.23
N PHE F 324 20.61 -25.73 -11.86
CA PHE F 324 21.97 -25.49 -12.31
C PHE F 324 22.40 -26.58 -13.29
N SER F 325 23.11 -26.15 -14.33
CA SER F 325 23.62 -27.07 -15.36
C SER F 325 25.04 -26.66 -15.70
N GLY F 326 25.95 -27.61 -15.61
CA GLY F 326 27.35 -27.39 -15.90
C GLY F 326 28.25 -27.84 -14.77
N GLU F 327 29.54 -27.60 -14.95
CA GLU F 327 30.51 -27.98 -13.93
C GLU F 327 30.42 -27.02 -12.75
N PRO F 328 30.59 -27.51 -11.52
CA PRO F 328 30.50 -26.63 -10.35
C PRO F 328 31.36 -25.37 -10.53
N LEU F 329 30.82 -24.23 -10.10
CA LEU F 329 31.44 -22.94 -10.28
C LEU F 329 31.46 -22.18 -8.97
N THR F 330 32.53 -21.41 -8.75
CA THR F 330 32.67 -20.54 -7.58
C THR F 330 33.03 -19.15 -8.12
N ILE F 331 32.05 -18.24 -8.09
CA ILE F 331 32.21 -16.90 -8.63
C ILE F 331 31.78 -15.90 -7.57
N ALA F 332 32.34 -14.70 -7.64
CA ALA F 332 32.06 -13.64 -6.69
C ALA F 332 31.61 -12.38 -7.43
N PHE F 333 30.62 -11.69 -6.87
CA PHE F 333 30.06 -10.50 -7.50
C PHE F 333 29.89 -9.39 -6.48
N ASN F 334 29.66 -8.19 -6.98
CA ASN F 334 29.31 -7.06 -6.13
C ASN F 334 27.84 -7.14 -5.76
N PRO F 335 27.50 -7.04 -4.47
CA PRO F 335 26.07 -7.18 -4.10
C PRO F 335 25.19 -6.13 -4.75
N GLY F 336 25.59 -4.86 -4.65
CA GLY F 336 24.80 -3.80 -5.26
C GLY F 336 24.62 -3.99 -6.74
N TYR F 337 25.69 -4.36 -7.45
CA TYR F 337 25.58 -4.60 -8.88
C TYR F 337 24.60 -5.75 -9.16
N LEU F 338 24.70 -6.83 -8.38
CA LEU F 338 23.87 -8.00 -8.63
C LEU F 338 22.40 -7.68 -8.42
N THR F 339 22.06 -7.07 -7.28
CA THR F 339 20.68 -6.69 -7.02
C THR F 339 20.21 -5.65 -8.03
N ASP F 340 21.09 -4.71 -8.40
CA ASP F 340 20.76 -3.73 -9.42
C ASP F 340 20.29 -4.41 -10.70
N GLY F 341 21.01 -5.44 -11.13
CA GLY F 341 20.59 -6.16 -12.32
C GLY F 341 19.30 -6.94 -12.11
N LEU F 342 19.23 -7.69 -11.02
CA LEU F 342 18.04 -8.51 -10.76
C LEU F 342 16.77 -7.67 -10.75
N GLY F 343 16.88 -6.40 -10.35
CA GLY F 343 15.70 -5.54 -10.31
C GLY F 343 15.20 -5.12 -11.66
N ALA F 344 16.04 -5.17 -12.70
CA ALA F 344 15.66 -4.74 -14.03
C ALA F 344 15.03 -5.84 -14.87
N LEU F 345 15.20 -7.11 -14.47
CA LEU F 345 14.68 -8.20 -15.28
C LEU F 345 13.16 -8.13 -15.43
N HIS F 346 12.47 -7.75 -14.36
CA HIS F 346 11.01 -7.66 -14.36
C HIS F 346 10.37 -9.00 -14.71
N SER F 347 11.03 -10.10 -14.33
CA SER F 347 10.54 -11.43 -14.61
C SER F 347 10.58 -12.27 -13.33
N GLU F 348 9.77 -13.33 -13.33
CA GLU F 348 9.63 -14.18 -12.14
C GLU F 348 10.92 -14.91 -11.81
N ARG F 349 11.59 -15.47 -12.82
CA ARG F 349 12.83 -16.21 -12.65
CA ARG F 349 12.83 -16.20 -12.64
C ARG F 349 13.93 -15.57 -13.50
N VAL F 350 15.17 -15.77 -13.07
CA VAL F 350 16.35 -15.25 -13.76
C VAL F 350 17.15 -16.44 -14.29
N THR F 351 17.84 -16.21 -15.40
CA THR F 351 18.73 -17.19 -16.00
C THR F 351 20.13 -16.58 -16.10
N PHE F 352 21.12 -17.33 -15.62
CA PHE F 352 22.51 -16.91 -15.58
C PHE F 352 23.32 -17.67 -16.62
N GLY F 353 24.35 -17.00 -17.15
CA GLY F 353 25.29 -17.61 -18.06
C GLY F 353 26.72 -17.31 -17.68
N PHE F 354 27.43 -18.32 -17.17
CA PHE F 354 28.78 -18.16 -16.66
C PHE F 354 29.78 -18.81 -17.60
N THR F 355 30.79 -18.05 -18.01
CA THR F 355 31.95 -18.61 -18.71
C THR F 355 32.98 -19.07 -17.68
N THR F 356 33.69 -18.16 -17.06
CA THR F 356 34.66 -18.46 -16.01
C THR F 356 34.50 -17.50 -14.86
N PRO F 357 35.13 -17.79 -13.73
CA PRO F 357 35.01 -16.87 -12.57
C PRO F 357 35.52 -15.47 -12.86
N SER F 358 36.55 -15.33 -13.68
CA SER F 358 37.18 -14.04 -13.94
C SER F 358 36.63 -13.34 -15.18
N LYS F 359 35.64 -13.90 -15.84
CA LYS F 359 35.03 -13.33 -17.03
C LYS F 359 33.57 -13.01 -16.78
N PRO F 360 32.98 -12.10 -17.56
CA PRO F 360 31.62 -11.65 -17.27
C PRO F 360 30.62 -12.78 -17.22
N ALA F 361 29.45 -12.49 -16.64
CA ALA F 361 28.36 -13.44 -16.51
C ALA F 361 27.07 -12.77 -16.94
N VAL F 362 26.24 -13.52 -17.65
CA VAL F 362 25.00 -13.00 -18.21
C VAL F 362 23.89 -13.10 -17.18
N LEU F 363 22.98 -12.14 -17.21
CA LEU F 363 21.76 -12.19 -16.40
C LEU F 363 20.61 -11.77 -17.30
N ARG F 364 19.77 -12.73 -17.69
CA ARG F 364 18.66 -12.45 -18.58
C ARG F 364 17.37 -13.02 -18.01
N PRO F 365 16.22 -12.43 -18.36
CA PRO F 365 14.95 -13.00 -17.90
C PRO F 365 14.81 -14.46 -18.32
N ALA F 366 14.25 -15.26 -17.43
CA ALA F 366 14.06 -16.69 -17.68
C ALA F 366 12.72 -16.93 -18.36
N THR F 367 12.74 -17.79 -19.37
CA THR F 367 11.57 -18.09 -20.19
C THR F 367 11.15 -19.54 -19.98
N GLU F 368 10.02 -19.89 -20.59
CA GLU F 368 9.54 -21.27 -20.55
C GLU F 368 10.56 -22.23 -21.16
N ALA F 369 11.38 -21.74 -22.10
CA ALA F 369 12.40 -22.55 -22.73
C ALA F 369 13.53 -22.93 -21.77
N ASP F 370 13.48 -22.48 -20.52
CA ASP F 370 14.45 -22.85 -19.50
C ASP F 370 13.88 -23.79 -18.46
N ALA F 371 12.69 -24.35 -18.72
CA ALA F 371 12.09 -25.32 -17.79
C ALA F 371 12.92 -26.59 -17.66
N ALA F 372 13.91 -26.78 -18.53
CA ALA F 372 14.79 -27.94 -18.48
C ALA F 372 15.93 -27.72 -19.46
N LEU F 373 17.15 -28.03 -19.02
CA LEU F 373 18.35 -27.87 -19.84
C LEU F 373 19.15 -29.16 -19.76
N ASN F 374 19.11 -29.95 -20.83
CA ASN F 374 19.76 -31.25 -20.86
C ASN F 374 21.16 -31.13 -21.46
N GLY F 375 22.09 -31.90 -20.88
CA GLY F 375 23.47 -31.91 -21.33
C GLY F 375 24.37 -31.12 -20.39
N ASN F 376 25.68 -31.29 -20.60
CA ASN F 376 26.69 -30.61 -19.81
C ASN F 376 27.23 -29.37 -20.50
N GLY F 377 26.71 -29.03 -21.68
CA GLY F 377 27.16 -27.85 -22.38
C GLY F 377 28.48 -28.08 -23.10
N PRO F 378 29.15 -26.99 -23.51
CA PRO F 378 28.72 -25.59 -23.39
C PRO F 378 27.37 -25.30 -24.03
N PHE F 379 26.62 -24.36 -23.45
CA PHE F 379 25.25 -24.09 -23.86
C PHE F 379 25.18 -22.82 -24.69
N PRO F 380 24.31 -22.77 -25.71
CA PRO F 380 24.26 -21.59 -26.58
C PRO F 380 23.45 -20.47 -25.94
N ALA F 381 24.00 -19.26 -25.97
CA ALA F 381 23.28 -18.10 -25.45
C ALA F 381 22.02 -17.85 -26.28
N ALA F 382 20.89 -17.79 -25.59
CA ALA F 382 19.61 -17.59 -26.26
C ALA F 382 19.32 -16.11 -26.46
N GLU F 383 18.51 -15.81 -27.48
CA GLU F 383 18.15 -14.43 -27.76
C GLU F 383 17.14 -13.92 -26.74
N THR F 384 17.42 -12.75 -26.18
CA THR F 384 16.60 -12.16 -25.14
C THR F 384 16.30 -10.71 -25.48
N ASP F 385 15.17 -10.22 -24.96
CA ASP F 385 14.81 -8.82 -25.16
C ASP F 385 15.62 -7.89 -24.27
N TYR F 386 16.11 -8.39 -23.13
CA TYR F 386 16.94 -7.61 -22.22
C TYR F 386 18.03 -8.49 -21.66
N VAL F 387 19.26 -7.97 -21.64
CA VAL F 387 20.40 -8.67 -21.07
C VAL F 387 21.15 -7.72 -20.15
N TYR F 388 21.74 -8.28 -19.10
CA TYR F 388 22.46 -7.51 -18.08
C TYR F 388 23.76 -8.25 -17.78
N LEU F 389 24.81 -7.93 -18.54
CA LEU F 389 26.12 -8.48 -18.28
C LEU F 389 26.76 -7.76 -17.09
N LEU F 390 27.51 -8.52 -16.29
CA LEU F 390 28.11 -7.99 -15.07
C LEU F 390 29.50 -8.59 -14.90
N MET F 391 30.48 -7.74 -14.63
CA MET F 391 31.85 -8.23 -14.50
C MET F 391 32.08 -8.75 -13.10
N PRO F 392 32.66 -9.94 -12.94
CA PRO F 392 32.86 -10.50 -11.59
C PRO F 392 33.90 -9.76 -10.77
N VAL F 393 34.18 -10.28 -9.58
CA VAL F 393 35.19 -9.72 -8.69
C VAL F 393 36.16 -10.85 -8.32
N ARG F 394 37.44 -10.50 -8.24
CA ARG F 394 38.47 -11.50 -7.98
C ARG F 394 38.32 -12.07 -6.56
N LEU F 395 38.45 -13.39 -6.45
CA LEU F 395 38.41 -14.09 -5.18
C LEU F 395 39.81 -14.24 -4.60
N PRO F 396 39.91 -14.50 -3.29
CA PRO F 396 41.22 -14.71 -2.65
C PRO F 396 42.04 -15.80 -3.33
N GLN G 1 13.12 39.81 15.45
CA GLN G 1 12.44 38.86 16.32
C GLN G 1 12.59 39.26 17.78
N PHE G 2 11.46 39.48 18.46
CA PHE G 2 11.49 39.81 19.87
C PHE G 2 11.74 38.56 20.70
N ASP G 3 12.25 38.77 21.91
CA ASP G 3 12.54 37.71 22.85
C ASP G 3 11.43 37.60 23.89
N LEU G 4 10.99 36.37 24.16
CA LEU G 4 10.00 36.17 25.21
C LEU G 4 10.52 36.71 26.54
N PHE G 5 11.76 36.35 26.90
CA PHE G 5 12.33 36.77 28.17
C PHE G 5 12.72 38.24 28.04
N GLY G 6 11.82 39.13 28.43
CA GLY G 6 12.14 40.56 28.40
C GLY G 6 12.15 41.18 27.00
N GLN H 1 37.77 -5.94 -8.38
CA GLN H 1 36.77 -5.73 -9.43
C GLN H 1 37.43 -5.70 -10.80
N PHE H 2 36.95 -6.55 -11.70
CA PHE H 2 37.46 -6.58 -13.07
C PHE H 2 36.69 -5.57 -13.92
N ASP H 3 37.13 -5.41 -15.16
CA ASP H 3 36.54 -4.47 -16.10
C ASP H 3 35.98 -5.21 -17.31
N LEU H 4 34.98 -4.61 -17.94
CA LEU H 4 34.50 -5.11 -19.23
C LEU H 4 35.41 -4.66 -20.36
N PHE H 5 35.91 -3.42 -20.27
CA PHE H 5 36.79 -2.85 -21.29
C PHE H 5 37.71 -1.84 -20.63
N GLY H 6 38.84 -1.59 -21.27
CA GLY H 6 39.82 -0.66 -20.75
C GLY H 6 40.47 -1.17 -19.49
C ACE I . -38.14 6.24 8.98
O ACE I . -38.02 7.45 9.19
CH3 ACE I . -38.93 5.35 9.91
N NH2 J . -43.28 9.54 -1.87
HN1 NH2 J . -44.10 9.52 -1.28
HN2 NH2 J . -42.41 9.15 -1.54
C ACE K . -12.09 -40.40 -16.30
O ACE K . -11.09 -41.12 -16.30
CH3 ACE K . -13.06 -40.38 -17.44
N NH2 L . -13.77 -48.65 -3.43
HN1 NH2 L . -14.25 -48.58 -2.54
HN2 NH2 L . -13.36 -49.54 -3.72
C ACE M . 12.63 41.02 15.19
O ACE M . 11.57 41.42 15.67
CH3 ACE M . 13.47 41.86 14.27
N NH2 N . 13.35 41.44 26.33
HN1 NH2 N . 13.28 41.86 25.38
HN2 NH2 N . 14.29 41.25 26.65
C ACE O . 38.45 -7.08 -8.27
O ACE O . 38.27 -8.03 -9.03
CH3 ACE O . 39.44 -7.12 -7.15
N NH2 P . 41.09 -2.43 -19.48
HN1 NH2 P . 41.53 -2.78 -18.65
HN2 NH2 P . 41.10 -2.98 -20.34
#